data_1BVD
# 
_entry.id   1BVD 
# 
_audit_conform.dict_name       mmcif_pdbx.dic 
_audit_conform.dict_version    5.385 
_audit_conform.dict_location   http://mmcif.pdb.org/dictionaries/ascii/mmcif_pdbx.dic 
# 
loop_
_database_2.database_id 
_database_2.database_code 
_database_2.pdbx_database_accession 
_database_2.pdbx_DOI 
PDB   1BVD         pdb_00001bvd 10.2210/pdb1bvd/pdb 
WWPDB D_1000172108 ?            ?                   
# 
loop_
_pdbx_audit_revision_history.ordinal 
_pdbx_audit_revision_history.data_content_type 
_pdbx_audit_revision_history.major_revision 
_pdbx_audit_revision_history.minor_revision 
_pdbx_audit_revision_history.revision_date 
1 'Structure model' 1 0 1995-07-31 
2 'Structure model' 1 1 2008-03-03 
3 'Structure model' 1 2 2011-07-13 
4 'Structure model' 1 3 2024-02-07 
# 
_pdbx_audit_revision_details.ordinal             1 
_pdbx_audit_revision_details.revision_ordinal    1 
_pdbx_audit_revision_details.data_content_type   'Structure model' 
_pdbx_audit_revision_details.provider            repository 
_pdbx_audit_revision_details.type                'Initial release' 
_pdbx_audit_revision_details.description         ? 
_pdbx_audit_revision_details.details             ? 
# 
loop_
_pdbx_audit_revision_group.ordinal 
_pdbx_audit_revision_group.revision_ordinal 
_pdbx_audit_revision_group.data_content_type 
_pdbx_audit_revision_group.group 
1 2 'Structure model' 'Version format compliance' 
2 3 'Structure model' 'Version format compliance' 
3 4 'Structure model' 'Data collection'           
4 4 'Structure model' 'Database references'       
5 4 'Structure model' 'Derived calculations'      
6 4 'Structure model' Other                       
# 
loop_
_pdbx_audit_revision_category.ordinal 
_pdbx_audit_revision_category.revision_ordinal 
_pdbx_audit_revision_category.data_content_type 
_pdbx_audit_revision_category.category 
1 4 'Structure model' chem_comp_atom       
2 4 'Structure model' chem_comp_bond       
3 4 'Structure model' database_2           
4 4 'Structure model' pdbx_database_status 
5 4 'Structure model' struct_site          
# 
loop_
_pdbx_audit_revision_item.ordinal 
_pdbx_audit_revision_item.revision_ordinal 
_pdbx_audit_revision_item.data_content_type 
_pdbx_audit_revision_item.item 
1 4 'Structure model' '_database_2.pdbx_DOI'                
2 4 'Structure model' '_database_2.pdbx_database_accession' 
3 4 'Structure model' '_pdbx_database_status.process_site'  
4 4 'Structure model' '_struct_site.pdbx_auth_asym_id'      
5 4 'Structure model' '_struct_site.pdbx_auth_comp_id'      
6 4 'Structure model' '_struct_site.pdbx_auth_seq_id'       
# 
_pdbx_database_status.status_code                     REL 
_pdbx_database_status.entry_id                        1BVD 
_pdbx_database_status.recvd_initial_deposition_date   1994-12-16 
_pdbx_database_status.deposit_site                    ? 
_pdbx_database_status.process_site                    BNL 
_pdbx_database_status.SG_entry                        . 
_pdbx_database_status.pdb_format_compatible           Y 
_pdbx_database_status.status_code_mr                  ? 
_pdbx_database_status.status_code_sf                  ? 
_pdbx_database_status.status_code_cs                  ? 
_pdbx_database_status.status_code_nmr_data            ? 
_pdbx_database_status.methods_development_category    ? 
# 
loop_
_audit_author.name 
_audit_author.pdbx_ordinal 
'Wagner, U.G.'      1 
'Mueller, N.'       2 
'Schmitzberger, W.' 3 
'Falk, H.'          4 
'Kratky, C.'        5 
# 
loop_
_citation.id 
_citation.title 
_citation.journal_abbrev 
_citation.journal_volume 
_citation.page_first 
_citation.page_last 
_citation.year 
_citation.journal_id_ASTM 
_citation.country 
_citation.journal_id_ISSN 
_citation.journal_id_CSD 
_citation.book_publisher 
_citation.pdbx_database_id_PubMed 
_citation.pdbx_database_id_DOI 
primary 
;Structure determination of the biliverdin apomyoglobin complex: crystal structure analysis of two crystal forms at 1.4 and 1.5 A resolution.
;
J.Mol.Biol.    247 326 337 1995 JMOBAK UK 0022-2836 0070 ? 7707378 10.1006/jmbi.1994.0142 
1       'Nuclear-Magnetic-Resonance Investigations of the Biliverdin Apomyoglobin Complex' Eur.J.Biochem. 193 573 ?   1990 EJBCAI 
IX 0014-2956 0262 ? ?       ?                      
# 
loop_
_citation_author.citation_id 
_citation_author.name 
_citation_author.ordinal 
_citation_author.identifier_ORCID 
primary 'Wagner, U.G.'      1 ? 
primary 'Muller, N.'        2 ? 
primary 'Schmitzberger, W.' 3 ? 
primary 'Falk, H.'          4 ? 
primary 'Kratky, C.'        5 ? 
1       'Marko, H.'         6 ? 
1       'Mueller, N.'       7 ? 
1       'Falk, H.'          8 ? 
# 
loop_
_entity.id 
_entity.type 
_entity.src_method 
_entity.pdbx_description 
_entity.formula_weight 
_entity.pdbx_number_of_molecules 
_entity.pdbx_ec 
_entity.pdbx_mutation 
_entity.pdbx_fragment 
_entity.details 
1 polymer     nat APOMYOGLOBIN           17234.951 1   ? ? ? 'CRYSTAL FORM B' 
2 non-polymer syn 'BILIVERDINE IX ALPHA' 582.646   1   ? ? ? ?                
3 water       nat water                  18.015    259 ? ? ? ?                
# 
_entity_poly.entity_id                      1 
_entity_poly.type                           'polypeptide(L)' 
_entity_poly.nstd_linkage                   no 
_entity_poly.nstd_monomer                   no 
_entity_poly.pdbx_seq_one_letter_code       
;VLSEGEWQLVLHVWAKVEADVAGHGQDILIRLFKSHPETLEKFDRFKHLKTEAEMKASEDLKKHGVTVLTALGAILKKKG
HHEAELKPLAQSHATKHKIPIKYLEFISEAIIHVLHSRHPGDFGADAQGAMNKALELFRKDIAAKYKELGYQG
;
_entity_poly.pdbx_seq_one_letter_code_can   
;VLSEGEWQLVLHVWAKVEADVAGHGQDILIRLFKSHPETLEKFDRFKHLKTEAEMKASEDLKKHGVTVLTALGAILKKKG
HHEAELKPLAQSHATKHKIPIKYLEFISEAIIHVLHSRHPGDFGADAQGAMNKALELFRKDIAAKYKELGYQG
;
_entity_poly.pdbx_strand_id                 A 
_entity_poly.pdbx_target_identifier         ? 
# 
loop_
_pdbx_entity_nonpoly.entity_id 
_pdbx_entity_nonpoly.name 
_pdbx_entity_nonpoly.comp_id 
2 'BILIVERDINE IX ALPHA' BLA 
3 water                  HOH 
# 
loop_
_entity_poly_seq.entity_id 
_entity_poly_seq.num 
_entity_poly_seq.mon_id 
_entity_poly_seq.hetero 
1 1   VAL n 
1 2   LEU n 
1 3   SER n 
1 4   GLU n 
1 5   GLY n 
1 6   GLU n 
1 7   TRP n 
1 8   GLN n 
1 9   LEU n 
1 10  VAL n 
1 11  LEU n 
1 12  HIS n 
1 13  VAL n 
1 14  TRP n 
1 15  ALA n 
1 16  LYS n 
1 17  VAL n 
1 18  GLU n 
1 19  ALA n 
1 20  ASP n 
1 21  VAL n 
1 22  ALA n 
1 23  GLY n 
1 24  HIS n 
1 25  GLY n 
1 26  GLN n 
1 27  ASP n 
1 28  ILE n 
1 29  LEU n 
1 30  ILE n 
1 31  ARG n 
1 32  LEU n 
1 33  PHE n 
1 34  LYS n 
1 35  SER n 
1 36  HIS n 
1 37  PRO n 
1 38  GLU n 
1 39  THR n 
1 40  LEU n 
1 41  GLU n 
1 42  LYS n 
1 43  PHE n 
1 44  ASP n 
1 45  ARG n 
1 46  PHE n 
1 47  LYS n 
1 48  HIS n 
1 49  LEU n 
1 50  LYS n 
1 51  THR n 
1 52  GLU n 
1 53  ALA n 
1 54  GLU n 
1 55  MET n 
1 56  LYS n 
1 57  ALA n 
1 58  SER n 
1 59  GLU n 
1 60  ASP n 
1 61  LEU n 
1 62  LYS n 
1 63  LYS n 
1 64  HIS n 
1 65  GLY n 
1 66  VAL n 
1 67  THR n 
1 68  VAL n 
1 69  LEU n 
1 70  THR n 
1 71  ALA n 
1 72  LEU n 
1 73  GLY n 
1 74  ALA n 
1 75  ILE n 
1 76  LEU n 
1 77  LYS n 
1 78  LYS n 
1 79  LYS n 
1 80  GLY n 
1 81  HIS n 
1 82  HIS n 
1 83  GLU n 
1 84  ALA n 
1 85  GLU n 
1 86  LEU n 
1 87  LYS n 
1 88  PRO n 
1 89  LEU n 
1 90  ALA n 
1 91  GLN n 
1 92  SER n 
1 93  HIS n 
1 94  ALA n 
1 95  THR n 
1 96  LYS n 
1 97  HIS n 
1 98  LYS n 
1 99  ILE n 
1 100 PRO n 
1 101 ILE n 
1 102 LYS n 
1 103 TYR n 
1 104 LEU n 
1 105 GLU n 
1 106 PHE n 
1 107 ILE n 
1 108 SER n 
1 109 GLU n 
1 110 ALA n 
1 111 ILE n 
1 112 ILE n 
1 113 HIS n 
1 114 VAL n 
1 115 LEU n 
1 116 HIS n 
1 117 SER n 
1 118 ARG n 
1 119 HIS n 
1 120 PRO n 
1 121 GLY n 
1 122 ASP n 
1 123 PHE n 
1 124 GLY n 
1 125 ALA n 
1 126 ASP n 
1 127 ALA n 
1 128 GLN n 
1 129 GLY n 
1 130 ALA n 
1 131 MET n 
1 132 ASN n 
1 133 LYS n 
1 134 ALA n 
1 135 LEU n 
1 136 GLU n 
1 137 LEU n 
1 138 PHE n 
1 139 ARG n 
1 140 LYS n 
1 141 ASP n 
1 142 ILE n 
1 143 ALA n 
1 144 ALA n 
1 145 LYS n 
1 146 TYR n 
1 147 LYS n 
1 148 GLU n 
1 149 LEU n 
1 150 GLY n 
1 151 TYR n 
1 152 GLN n 
1 153 GLY n 
# 
_entity_src_nat.entity_id                  1 
_entity_src_nat.pdbx_src_id                1 
_entity_src_nat.pdbx_alt_source_flag       sample 
_entity_src_nat.pdbx_beg_seq_num           ? 
_entity_src_nat.pdbx_end_seq_num           ? 
_entity_src_nat.common_name                'sperm whale' 
_entity_src_nat.pdbx_organism_scientific   'Physeter catodon' 
_entity_src_nat.pdbx_ncbi_taxonomy_id      9755 
_entity_src_nat.genus                      Physeter 
_entity_src_nat.species                    ? 
_entity_src_nat.strain                     ? 
_entity_src_nat.tissue                     ? 
_entity_src_nat.tissue_fraction            ? 
_entity_src_nat.pdbx_secretion             ? 
_entity_src_nat.pdbx_fragment              ? 
_entity_src_nat.pdbx_variant               ? 
_entity_src_nat.pdbx_cell_line             ? 
_entity_src_nat.pdbx_atcc                  ? 
_entity_src_nat.pdbx_cellular_location     ? 
_entity_src_nat.pdbx_organ                 ? 
_entity_src_nat.pdbx_organelle             ? 
_entity_src_nat.pdbx_cell                  ? 
_entity_src_nat.pdbx_plasmid_name          ? 
_entity_src_nat.pdbx_plasmid_details       ? 
_entity_src_nat.details                    ? 
# 
loop_
_chem_comp.id 
_chem_comp.type 
_chem_comp.mon_nstd_flag 
_chem_comp.name 
_chem_comp.pdbx_synonyms 
_chem_comp.formula 
_chem_comp.formula_weight 
ALA 'L-peptide linking' y ALANINE                ? 'C3 H7 N O2'     89.093  
ARG 'L-peptide linking' y ARGININE               ? 'C6 H15 N4 O2 1' 175.209 
ASN 'L-peptide linking' y ASPARAGINE             ? 'C4 H8 N2 O3'    132.118 
ASP 'L-peptide linking' y 'ASPARTIC ACID'        ? 'C4 H7 N O4'     133.103 
BLA non-polymer         . 'BILIVERDINE IX ALPHA' ? 'C33 H34 N4 O6'  582.646 
GLN 'L-peptide linking' y GLUTAMINE              ? 'C5 H10 N2 O3'   146.144 
GLU 'L-peptide linking' y 'GLUTAMIC ACID'        ? 'C5 H9 N O4'     147.129 
GLY 'peptide linking'   y GLYCINE                ? 'C2 H5 N O2'     75.067  
HIS 'L-peptide linking' y HISTIDINE              ? 'C6 H10 N3 O2 1' 156.162 
HOH non-polymer         . WATER                  ? 'H2 O'           18.015  
ILE 'L-peptide linking' y ISOLEUCINE             ? 'C6 H13 N O2'    131.173 
LEU 'L-peptide linking' y LEUCINE                ? 'C6 H13 N O2'    131.173 
LYS 'L-peptide linking' y LYSINE                 ? 'C6 H15 N2 O2 1' 147.195 
MET 'L-peptide linking' y METHIONINE             ? 'C5 H11 N O2 S'  149.211 
PHE 'L-peptide linking' y PHENYLALANINE          ? 'C9 H11 N O2'    165.189 
PRO 'L-peptide linking' y PROLINE                ? 'C5 H9 N O2'     115.130 
SER 'L-peptide linking' y SERINE                 ? 'C3 H7 N O3'     105.093 
THR 'L-peptide linking' y THREONINE              ? 'C4 H9 N O3'     119.119 
TRP 'L-peptide linking' y TRYPTOPHAN             ? 'C11 H12 N2 O2'  204.225 
TYR 'L-peptide linking' y TYROSINE               ? 'C9 H11 N O3'    181.189 
VAL 'L-peptide linking' y VALINE                 ? 'C5 H11 N O2'    117.146 
# 
loop_
_pdbx_poly_seq_scheme.asym_id 
_pdbx_poly_seq_scheme.entity_id 
_pdbx_poly_seq_scheme.seq_id 
_pdbx_poly_seq_scheme.mon_id 
_pdbx_poly_seq_scheme.ndb_seq_num 
_pdbx_poly_seq_scheme.pdb_seq_num 
_pdbx_poly_seq_scheme.auth_seq_num 
_pdbx_poly_seq_scheme.pdb_mon_id 
_pdbx_poly_seq_scheme.auth_mon_id 
_pdbx_poly_seq_scheme.pdb_strand_id 
_pdbx_poly_seq_scheme.pdb_ins_code 
_pdbx_poly_seq_scheme.hetero 
A 1 1   VAL 1   1   1   VAL VAL A . n 
A 1 2   LEU 2   2   2   LEU LEU A . n 
A 1 3   SER 3   3   3   SER SER A . n 
A 1 4   GLU 4   4   4   GLU GLU A . n 
A 1 5   GLY 5   5   5   GLY GLY A . n 
A 1 6   GLU 6   6   6   GLU GLU A . n 
A 1 7   TRP 7   7   7   TRP TRP A . n 
A 1 8   GLN 8   8   8   GLN GLN A . n 
A 1 9   LEU 9   9   9   LEU LEU A . n 
A 1 10  VAL 10  10  10  VAL VAL A . n 
A 1 11  LEU 11  11  11  LEU LEU A . n 
A 1 12  HIS 12  12  12  HIS HIS A . n 
A 1 13  VAL 13  13  13  VAL VAL A . n 
A 1 14  TRP 14  14  14  TRP TRP A . n 
A 1 15  ALA 15  15  15  ALA ALA A . n 
A 1 16  LYS 16  16  16  LYS LYS A . n 
A 1 17  VAL 17  17  17  VAL VAL A . n 
A 1 18  GLU 18  18  18  GLU GLU A . n 
A 1 19  ALA 19  19  19  ALA ALA A . n 
A 1 20  ASP 20  20  20  ASP ASP A . n 
A 1 21  VAL 21  21  21  VAL VAL A . n 
A 1 22  ALA 22  22  22  ALA ALA A . n 
A 1 23  GLY 23  23  23  GLY GLY A . n 
A 1 24  HIS 24  24  24  HIS HIS A . n 
A 1 25  GLY 25  25  25  GLY GLY A . n 
A 1 26  GLN 26  26  26  GLN GLN A . n 
A 1 27  ASP 27  27  27  ASP ASP A . n 
A 1 28  ILE 28  28  28  ILE ILE A . n 
A 1 29  LEU 29  29  29  LEU LEU A . n 
A 1 30  ILE 30  30  30  ILE ILE A . n 
A 1 31  ARG 31  31  31  ARG ARG A . n 
A 1 32  LEU 32  32  32  LEU LEU A . n 
A 1 33  PHE 33  33  33  PHE PHE A . n 
A 1 34  LYS 34  34  34  LYS LYS A . n 
A 1 35  SER 35  35  35  SER SER A . n 
A 1 36  HIS 36  36  36  HIS HIS A . n 
A 1 37  PRO 37  37  37  PRO PRO A . n 
A 1 38  GLU 38  38  38  GLU GLU A . n 
A 1 39  THR 39  39  39  THR THR A . n 
A 1 40  LEU 40  40  40  LEU LEU A . n 
A 1 41  GLU 41  41  41  GLU GLU A . n 
A 1 42  LYS 42  42  42  LYS LYS A . n 
A 1 43  PHE 43  43  43  PHE PHE A . n 
A 1 44  ASP 44  44  44  ASP ASP A . n 
A 1 45  ARG 45  45  45  ARG ARG A . n 
A 1 46  PHE 46  46  46  PHE PHE A . n 
A 1 47  LYS 47  47  47  LYS LYS A . n 
A 1 48  HIS 48  48  48  HIS HIS A . n 
A 1 49  LEU 49  49  49  LEU LEU A . n 
A 1 50  LYS 50  50  50  LYS LYS A . n 
A 1 51  THR 51  51  51  THR THR A . n 
A 1 52  GLU 52  52  52  GLU GLU A . n 
A 1 53  ALA 53  53  53  ALA ALA A . n 
A 1 54  GLU 54  54  54  GLU GLU A . n 
A 1 55  MET 55  55  55  MET MET A . n 
A 1 56  LYS 56  56  56  LYS LYS A . n 
A 1 57  ALA 57  57  57  ALA ALA A . n 
A 1 58  SER 58  58  58  SER SER A . n 
A 1 59  GLU 59  59  59  GLU GLU A . n 
A 1 60  ASP 60  60  60  ASP ASP A . n 
A 1 61  LEU 61  61  61  LEU LEU A . n 
A 1 62  LYS 62  62  62  LYS LYS A . n 
A 1 63  LYS 63  63  63  LYS LYS A . n 
A 1 64  HIS 64  64  64  HIS HIS A . n 
A 1 65  GLY 65  65  65  GLY GLY A . n 
A 1 66  VAL 66  66  66  VAL VAL A . n 
A 1 67  THR 67  67  67  THR THR A . n 
A 1 68  VAL 68  68  68  VAL VAL A . n 
A 1 69  LEU 69  69  69  LEU LEU A . n 
A 1 70  THR 70  70  70  THR THR A . n 
A 1 71  ALA 71  71  71  ALA ALA A . n 
A 1 72  LEU 72  72  72  LEU LEU A . n 
A 1 73  GLY 73  73  73  GLY GLY A . n 
A 1 74  ALA 74  74  74  ALA ALA A . n 
A 1 75  ILE 75  75  75  ILE ILE A . n 
A 1 76  LEU 76  76  76  LEU LEU A . n 
A 1 77  LYS 77  77  77  LYS LYS A . n 
A 1 78  LYS 78  78  78  LYS LYS A . n 
A 1 79  LYS 79  79  79  LYS LYS A . n 
A 1 80  GLY 80  80  80  GLY GLY A . n 
A 1 81  HIS 81  81  81  HIS HIS A . n 
A 1 82  HIS 82  82  82  HIS HIS A . n 
A 1 83  GLU 83  83  83  GLU GLU A . n 
A 1 84  ALA 84  84  84  ALA ALA A . n 
A 1 85  GLU 85  85  85  GLU GLU A . n 
A 1 86  LEU 86  86  86  LEU LEU A . n 
A 1 87  LYS 87  87  87  LYS LYS A . n 
A 1 88  PRO 88  88  88  PRO PRO A . n 
A 1 89  LEU 89  89  89  LEU LEU A . n 
A 1 90  ALA 90  90  90  ALA ALA A . n 
A 1 91  GLN 91  91  91  GLN GLN A . n 
A 1 92  SER 92  92  92  SER SER A . n 
A 1 93  HIS 93  93  93  HIS HIS A . n 
A 1 94  ALA 94  94  94  ALA ALA A . n 
A 1 95  THR 95  95  95  THR THR A . n 
A 1 96  LYS 96  96  96  LYS LYS A . n 
A 1 97  HIS 97  97  97  HIS HIS A . n 
A 1 98  LYS 98  98  98  LYS LYS A . n 
A 1 99  ILE 99  99  99  ILE ILE A . n 
A 1 100 PRO 100 100 100 PRO PRO A . n 
A 1 101 ILE 101 101 101 ILE ILE A . n 
A 1 102 LYS 102 102 102 LYS LYS A . n 
A 1 103 TYR 103 103 103 TYR TYR A . n 
A 1 104 LEU 104 104 104 LEU LEU A . n 
A 1 105 GLU 105 105 105 GLU GLU A . n 
A 1 106 PHE 106 106 106 PHE PHE A . n 
A 1 107 ILE 107 107 107 ILE ILE A . n 
A 1 108 SER 108 108 108 SER SER A . n 
A 1 109 GLU 109 109 109 GLU GLU A . n 
A 1 110 ALA 110 110 110 ALA ALA A . n 
A 1 111 ILE 111 111 111 ILE ILE A . n 
A 1 112 ILE 112 112 112 ILE ILE A . n 
A 1 113 HIS 113 113 113 HIS HIS A . n 
A 1 114 VAL 114 114 114 VAL VAL A . n 
A 1 115 LEU 115 115 115 LEU LEU A . n 
A 1 116 HIS 116 116 116 HIS HIS A . n 
A 1 117 SER 117 117 117 SER SER A . n 
A 1 118 ARG 118 118 118 ARG ARG A . n 
A 1 119 HIS 119 119 119 HIS HIS A . n 
A 1 120 PRO 120 120 120 PRO PRO A . n 
A 1 121 GLY 121 121 121 GLY GLY A . n 
A 1 122 ASP 122 122 122 ASP ASP A . n 
A 1 123 PHE 123 123 123 PHE PHE A . n 
A 1 124 GLY 124 124 124 GLY GLY A . n 
A 1 125 ALA 125 125 125 ALA ALA A . n 
A 1 126 ASP 126 126 126 ASP ASP A . n 
A 1 127 ALA 127 127 127 ALA ALA A . n 
A 1 128 GLN 128 128 128 GLN GLN A . n 
A 1 129 GLY 129 129 129 GLY GLY A . n 
A 1 130 ALA 130 130 130 ALA ALA A . n 
A 1 131 MET 131 131 131 MET MET A . n 
A 1 132 ASN 132 132 132 ASN ASN A . n 
A 1 133 LYS 133 133 133 LYS LYS A . n 
A 1 134 ALA 134 134 134 ALA ALA A . n 
A 1 135 LEU 135 135 135 LEU LEU A . n 
A 1 136 GLU 136 136 136 GLU GLU A . n 
A 1 137 LEU 137 137 137 LEU LEU A . n 
A 1 138 PHE 138 138 138 PHE PHE A . n 
A 1 139 ARG 139 139 139 ARG ARG A . n 
A 1 140 LYS 140 140 140 LYS LYS A . n 
A 1 141 ASP 141 141 141 ASP ASP A . n 
A 1 142 ILE 142 142 142 ILE ILE A . n 
A 1 143 ALA 143 143 143 ALA ALA A . n 
A 1 144 ALA 144 144 144 ALA ALA A . n 
A 1 145 LYS 145 145 145 LYS LYS A . n 
A 1 146 TYR 146 146 146 TYR TYR A . n 
A 1 147 LYS 147 147 147 LYS LYS A . n 
A 1 148 GLU 148 148 148 GLU GLU A . n 
A 1 149 LEU 149 149 149 LEU LEU A . n 
A 1 150 GLY 150 150 150 GLY GLY A . n 
A 1 151 TYR 151 151 151 TYR TYR A . n 
A 1 152 GLN 152 152 152 GLN GLN A . n 
A 1 153 GLY 153 153 153 GLY GLY A . n 
# 
loop_
_pdbx_nonpoly_scheme.asym_id 
_pdbx_nonpoly_scheme.entity_id 
_pdbx_nonpoly_scheme.mon_id 
_pdbx_nonpoly_scheme.ndb_seq_num 
_pdbx_nonpoly_scheme.pdb_seq_num 
_pdbx_nonpoly_scheme.auth_seq_num 
_pdbx_nonpoly_scheme.pdb_mon_id 
_pdbx_nonpoly_scheme.auth_mon_id 
_pdbx_nonpoly_scheme.pdb_strand_id 
_pdbx_nonpoly_scheme.pdb_ins_code 
B 2 BLA 1   154 154 BLA BLA A . 
C 3 HOH 1   155 1   HOH HOH A . 
C 3 HOH 2   156 2   HOH HOH A . 
C 3 HOH 3   157 3   HOH HOH A . 
C 3 HOH 4   158 4   HOH HOH A . 
C 3 HOH 5   159 5   HOH HOH A . 
C 3 HOH 6   160 6   HOH HOH A . 
C 3 HOH 7   161 7   HOH HOH A . 
C 3 HOH 8   162 8   HOH HOH A . 
C 3 HOH 9   163 9   HOH HOH A . 
C 3 HOH 10  164 10  HOH HOH A . 
C 3 HOH 11  165 11  HOH HOH A . 
C 3 HOH 12  166 12  HOH HOH A . 
C 3 HOH 13  167 13  HOH HOH A . 
C 3 HOH 14  168 14  HOH HOH A . 
C 3 HOH 15  169 15  HOH HOH A . 
C 3 HOH 16  170 16  HOH HOH A . 
C 3 HOH 17  171 17  HOH HOH A . 
C 3 HOH 18  172 18  HOH HOH A . 
C 3 HOH 19  173 19  HOH HOH A . 
C 3 HOH 20  174 20  HOH HOH A . 
C 3 HOH 21  175 21  HOH HOH A . 
C 3 HOH 22  176 22  HOH HOH A . 
C 3 HOH 23  177 23  HOH HOH A . 
C 3 HOH 24  178 24  HOH HOH A . 
C 3 HOH 25  179 25  HOH HOH A . 
C 3 HOH 26  180 26  HOH HOH A . 
C 3 HOH 27  181 27  HOH HOH A . 
C 3 HOH 28  182 28  HOH HOH A . 
C 3 HOH 29  183 29  HOH HOH A . 
C 3 HOH 30  184 30  HOH HOH A . 
C 3 HOH 31  185 31  HOH HOH A . 
C 3 HOH 32  186 32  HOH HOH A . 
C 3 HOH 33  187 33  HOH HOH A . 
C 3 HOH 34  188 34  HOH HOH A . 
C 3 HOH 35  189 35  HOH HOH A . 
C 3 HOH 36  190 36  HOH HOH A . 
C 3 HOH 37  191 37  HOH HOH A . 
C 3 HOH 38  192 38  HOH HOH A . 
C 3 HOH 39  193 39  HOH HOH A . 
C 3 HOH 40  194 40  HOH HOH A . 
C 3 HOH 41  195 41  HOH HOH A . 
C 3 HOH 42  196 42  HOH HOH A . 
C 3 HOH 43  197 43  HOH HOH A . 
C 3 HOH 44  198 44  HOH HOH A . 
C 3 HOH 45  199 45  HOH HOH A . 
C 3 HOH 46  200 46  HOH HOH A . 
C 3 HOH 47  201 47  HOH HOH A . 
C 3 HOH 48  202 48  HOH HOH A . 
C 3 HOH 49  203 49  HOH HOH A . 
C 3 HOH 50  204 50  HOH HOH A . 
C 3 HOH 51  205 51  HOH HOH A . 
C 3 HOH 52  206 52  HOH HOH A . 
C 3 HOH 53  207 53  HOH HOH A . 
C 3 HOH 54  208 54  HOH HOH A . 
C 3 HOH 55  209 55  HOH HOH A . 
C 3 HOH 56  210 56  HOH HOH A . 
C 3 HOH 57  211 57  HOH HOH A . 
C 3 HOH 58  212 58  HOH HOH A . 
C 3 HOH 59  213 59  HOH HOH A . 
C 3 HOH 60  214 60  HOH HOH A . 
C 3 HOH 61  215 61  HOH HOH A . 
C 3 HOH 62  216 62  HOH HOH A . 
C 3 HOH 63  217 63  HOH HOH A . 
C 3 HOH 64  218 64  HOH HOH A . 
C 3 HOH 65  219 65  HOH HOH A . 
C 3 HOH 66  220 66  HOH HOH A . 
C 3 HOH 67  221 67  HOH HOH A . 
C 3 HOH 68  222 68  HOH HOH A . 
C 3 HOH 69  223 69  HOH HOH A . 
C 3 HOH 70  224 70  HOH HOH A . 
C 3 HOH 71  225 71  HOH HOH A . 
C 3 HOH 72  226 72  HOH HOH A . 
C 3 HOH 73  227 73  HOH HOH A . 
C 3 HOH 74  228 74  HOH HOH A . 
C 3 HOH 75  229 75  HOH HOH A . 
C 3 HOH 76  230 76  HOH HOH A . 
C 3 HOH 77  231 77  HOH HOH A . 
C 3 HOH 78  232 78  HOH HOH A . 
C 3 HOH 79  233 79  HOH HOH A . 
C 3 HOH 80  234 80  HOH HOH A . 
C 3 HOH 81  235 81  HOH HOH A . 
C 3 HOH 82  236 82  HOH HOH A . 
C 3 HOH 83  237 83  HOH HOH A . 
C 3 HOH 84  238 84  HOH HOH A . 
C 3 HOH 85  239 85  HOH HOH A . 
C 3 HOH 86  240 86  HOH HOH A . 
C 3 HOH 87  241 87  HOH HOH A . 
C 3 HOH 88  242 88  HOH HOH A . 
C 3 HOH 89  243 89  HOH HOH A . 
C 3 HOH 90  244 90  HOH HOH A . 
C 3 HOH 91  245 91  HOH HOH A . 
C 3 HOH 92  246 92  HOH HOH A . 
C 3 HOH 93  247 93  HOH HOH A . 
C 3 HOH 94  248 94  HOH HOH A . 
C 3 HOH 95  249 95  HOH HOH A . 
C 3 HOH 96  250 96  HOH HOH A . 
C 3 HOH 97  251 97  HOH HOH A . 
C 3 HOH 98  252 98  HOH HOH A . 
C 3 HOH 99  253 99  HOH HOH A . 
C 3 HOH 100 254 100 HOH HOH A . 
C 3 HOH 101 255 101 HOH HOH A . 
C 3 HOH 102 256 102 HOH HOH A . 
C 3 HOH 103 257 103 HOH HOH A . 
C 3 HOH 104 258 104 HOH HOH A . 
C 3 HOH 105 259 105 HOH HOH A . 
C 3 HOH 106 260 106 HOH HOH A . 
C 3 HOH 107 261 107 HOH HOH A . 
C 3 HOH 108 262 108 HOH HOH A . 
C 3 HOH 109 263 109 HOH HOH A . 
C 3 HOH 110 264 110 HOH HOH A . 
C 3 HOH 111 265 111 HOH HOH A . 
C 3 HOH 112 266 112 HOH HOH A . 
C 3 HOH 113 267 113 HOH HOH A . 
C 3 HOH 114 268 114 HOH HOH A . 
C 3 HOH 115 269 115 HOH HOH A . 
C 3 HOH 116 270 116 HOH HOH A . 
C 3 HOH 117 271 117 HOH HOH A . 
C 3 HOH 118 272 118 HOH HOH A . 
C 3 HOH 119 273 119 HOH HOH A . 
C 3 HOH 120 274 120 HOH HOH A . 
C 3 HOH 121 275 121 HOH HOH A . 
C 3 HOH 122 276 122 HOH HOH A . 
C 3 HOH 123 277 123 HOH HOH A . 
C 3 HOH 124 278 124 HOH HOH A . 
C 3 HOH 125 279 125 HOH HOH A . 
C 3 HOH 126 280 126 HOH HOH A . 
C 3 HOH 127 281 127 HOH HOH A . 
C 3 HOH 128 282 128 HOH HOH A . 
C 3 HOH 129 283 129 HOH HOH A . 
C 3 HOH 130 284 130 HOH HOH A . 
C 3 HOH 131 285 131 HOH HOH A . 
C 3 HOH 132 286 132 HOH HOH A . 
C 3 HOH 133 287 133 HOH HOH A . 
C 3 HOH 134 288 134 HOH HOH A . 
C 3 HOH 135 289 135 HOH HOH A . 
C 3 HOH 136 290 136 HOH HOH A . 
C 3 HOH 137 291 137 HOH HOH A . 
C 3 HOH 138 292 138 HOH HOH A . 
C 3 HOH 139 293 139 HOH HOH A . 
C 3 HOH 140 294 140 HOH HOH A . 
C 3 HOH 141 295 141 HOH HOH A . 
C 3 HOH 142 296 142 HOH HOH A . 
C 3 HOH 143 297 143 HOH HOH A . 
C 3 HOH 144 298 144 HOH HOH A . 
C 3 HOH 145 299 145 HOH HOH A . 
C 3 HOH 146 300 146 HOH HOH A . 
C 3 HOH 147 301 147 HOH HOH A . 
C 3 HOH 148 302 148 HOH HOH A . 
C 3 HOH 149 303 149 HOH HOH A . 
C 3 HOH 150 304 150 HOH HOH A . 
C 3 HOH 151 305 151 HOH HOH A . 
C 3 HOH 152 306 152 HOH HOH A . 
C 3 HOH 153 307 153 HOH HOH A . 
C 3 HOH 154 308 154 HOH HOH A . 
C 3 HOH 155 309 155 HOH HOH A . 
C 3 HOH 156 310 156 HOH HOH A . 
C 3 HOH 157 311 157 HOH HOH A . 
C 3 HOH 158 312 158 HOH HOH A . 
C 3 HOH 159 313 159 HOH HOH A . 
C 3 HOH 160 314 160 HOH HOH A . 
C 3 HOH 161 315 161 HOH HOH A . 
C 3 HOH 162 316 162 HOH HOH A . 
C 3 HOH 163 317 163 HOH HOH A . 
C 3 HOH 164 318 164 HOH HOH A . 
C 3 HOH 165 319 165 HOH HOH A . 
C 3 HOH 166 320 166 HOH HOH A . 
C 3 HOH 167 321 167 HOH HOH A . 
C 3 HOH 168 322 168 HOH HOH A . 
C 3 HOH 169 323 169 HOH HOH A . 
C 3 HOH 170 324 170 HOH HOH A . 
C 3 HOH 171 325 171 HOH HOH A . 
C 3 HOH 172 326 172 HOH HOH A . 
C 3 HOH 173 327 173 HOH HOH A . 
C 3 HOH 174 328 174 HOH HOH A . 
C 3 HOH 175 329 175 HOH HOH A . 
C 3 HOH 176 330 176 HOH HOH A . 
C 3 HOH 177 331 177 HOH HOH A . 
C 3 HOH 178 332 178 HOH HOH A . 
C 3 HOH 179 333 179 HOH HOH A . 
C 3 HOH 180 334 180 HOH HOH A . 
C 3 HOH 181 335 181 HOH HOH A . 
C 3 HOH 182 336 182 HOH HOH A . 
C 3 HOH 183 337 183 HOH HOH A . 
C 3 HOH 184 338 184 HOH HOH A . 
C 3 HOH 185 339 185 HOH HOH A . 
C 3 HOH 186 340 186 HOH HOH A . 
C 3 HOH 187 341 187 HOH HOH A . 
C 3 HOH 188 342 188 HOH HOH A . 
C 3 HOH 189 343 189 HOH HOH A . 
C 3 HOH 190 344 190 HOH HOH A . 
C 3 HOH 191 345 191 HOH HOH A . 
C 3 HOH 192 346 192 HOH HOH A . 
C 3 HOH 193 347 193 HOH HOH A . 
C 3 HOH 194 348 194 HOH HOH A . 
C 3 HOH 195 349 195 HOH HOH A . 
C 3 HOH 196 350 196 HOH HOH A . 
C 3 HOH 197 351 197 HOH HOH A . 
C 3 HOH 198 352 198 HOH HOH A . 
C 3 HOH 199 353 199 HOH HOH A . 
C 3 HOH 200 354 200 HOH HOH A . 
C 3 HOH 201 355 201 HOH HOH A . 
C 3 HOH 202 356 202 HOH HOH A . 
C 3 HOH 203 357 203 HOH HOH A . 
C 3 HOH 204 358 204 HOH HOH A . 
C 3 HOH 205 359 205 HOH HOH A . 
C 3 HOH 206 360 206 HOH HOH A . 
C 3 HOH 207 361 207 HOH HOH A . 
C 3 HOH 208 362 208 HOH HOH A . 
C 3 HOH 209 363 209 HOH HOH A . 
C 3 HOH 210 364 210 HOH HOH A . 
C 3 HOH 211 365 211 HOH HOH A . 
C 3 HOH 212 366 212 HOH HOH A . 
C 3 HOH 213 367 213 HOH HOH A . 
C 3 HOH 214 368 214 HOH HOH A . 
C 3 HOH 215 369 215 HOH HOH A . 
C 3 HOH 216 370 216 HOH HOH A . 
C 3 HOH 217 371 217 HOH HOH A . 
C 3 HOH 218 372 218 HOH HOH A . 
C 3 HOH 219 373 219 HOH HOH A . 
C 3 HOH 220 374 220 HOH HOH A . 
C 3 HOH 221 375 221 HOH HOH A . 
C 3 HOH 222 376 222 HOH HOH A . 
C 3 HOH 223 377 223 HOH HOH A . 
C 3 HOH 224 378 224 HOH HOH A . 
C 3 HOH 225 379 225 HOH HOH A . 
C 3 HOH 226 380 226 HOH HOH A . 
C 3 HOH 227 381 227 HOH HOH A . 
C 3 HOH 228 382 228 HOH HOH A . 
C 3 HOH 229 383 229 HOH HOH A . 
C 3 HOH 230 384 230 HOH HOH A . 
C 3 HOH 231 385 231 HOH HOH A . 
C 3 HOH 232 386 232 HOH HOH A . 
C 3 HOH 233 387 233 HOH HOH A . 
C 3 HOH 234 388 234 HOH HOH A . 
C 3 HOH 235 389 235 HOH HOH A . 
C 3 HOH 236 390 236 HOH HOH A . 
C 3 HOH 237 391 237 HOH HOH A . 
C 3 HOH 238 392 238 HOH HOH A . 
C 3 HOH 239 393 239 HOH HOH A . 
C 3 HOH 240 394 240 HOH HOH A . 
C 3 HOH 241 395 241 HOH HOH A . 
C 3 HOH 242 396 242 HOH HOH A . 
C 3 HOH 243 397 243 HOH HOH A . 
C 3 HOH 244 398 244 HOH HOH A . 
C 3 HOH 245 399 245 HOH HOH A . 
C 3 HOH 246 400 246 HOH HOH A . 
C 3 HOH 247 401 247 HOH HOH A . 
C 3 HOH 248 402 248 HOH HOH A . 
C 3 HOH 249 403 249 HOH HOH A . 
C 3 HOH 250 404 250 HOH HOH A . 
C 3 HOH 251 405 251 HOH HOH A . 
C 3 HOH 252 406 252 HOH HOH A . 
C 3 HOH 253 407 253 HOH HOH A . 
C 3 HOH 254 408 254 HOH HOH A . 
C 3 HOH 255 409 255 HOH HOH A . 
C 3 HOH 256 410 256 HOH HOH A . 
C 3 HOH 257 411 257 HOH HOH A . 
C 3 HOH 258 412 258 HOH HOH A . 
C 3 HOH 259 413 259 HOH HOH A . 
# 
loop_
_pdbx_unobs_or_zero_occ_atoms.id 
_pdbx_unobs_or_zero_occ_atoms.PDB_model_num 
_pdbx_unobs_or_zero_occ_atoms.polymer_flag 
_pdbx_unobs_or_zero_occ_atoms.occupancy_flag 
_pdbx_unobs_or_zero_occ_atoms.auth_asym_id 
_pdbx_unobs_or_zero_occ_atoms.auth_comp_id 
_pdbx_unobs_or_zero_occ_atoms.auth_seq_id 
_pdbx_unobs_or_zero_occ_atoms.PDB_ins_code 
_pdbx_unobs_or_zero_occ_atoms.auth_atom_id 
_pdbx_unobs_or_zero_occ_atoms.label_alt_id 
_pdbx_unobs_or_zero_occ_atoms.label_asym_id 
_pdbx_unobs_or_zero_occ_atoms.label_comp_id 
_pdbx_unobs_or_zero_occ_atoms.label_seq_id 
_pdbx_unobs_or_zero_occ_atoms.label_atom_id 
1 1 Y 1 A LYS 34 ? CG ? A LYS 34 CG 
2 1 Y 1 A LYS 34 ? CD ? A LYS 34 CD 
3 1 Y 1 A LYS 34 ? CE ? A LYS 34 CE 
4 1 Y 1 A LYS 34 ? NZ ? A LYS 34 NZ 
# 
loop_
_software.name 
_software.classification 
_software.version 
_software.citation_id 
_software.pdbx_ordinal 
X-PLOR 'model building' . ? 1 
X-PLOR refinement       . ? 2 
XDS    'data reduction' . ? 3 
X-PLOR phasing          . ? 4 
# 
_cell.entry_id           1BVD 
_cell.length_a           39.799 
_cell.length_b           50.604 
_cell.length_c           74.651 
_cell.angle_alpha        90.00 
_cell.angle_beta         90.00 
_cell.angle_gamma        90.00 
_cell.Z_PDB              4 
_cell.pdbx_unique_axis   ? 
# 
_symmetry.entry_id                         1BVD 
_symmetry.space_group_name_H-M             'P 21 21 21' 
_symmetry.pdbx_full_space_group_name_H-M   ? 
_symmetry.cell_setting                     ? 
_symmetry.Int_Tables_number                19 
# 
_exptl.entry_id          1BVD 
_exptl.method            'X-RAY DIFFRACTION' 
_exptl.crystals_number   ? 
# 
_exptl_crystal.id                    1 
_exptl_crystal.density_meas          ? 
_exptl_crystal.density_Matthews      2.18 
_exptl_crystal.density_percent_sol   43.59 
_exptl_crystal.description           ? 
# 
_diffrn.id                     1 
_diffrn.ambient_temp           ? 
_diffrn.ambient_temp_details   ? 
_diffrn.crystal_id             1 
# 
_diffrn_detector.diffrn_id              1 
_diffrn_detector.detector               'AREA DETECTOR' 
_diffrn_detector.type                   'SIEMENS-NICOLET X100' 
_diffrn_detector.pdbx_collection_date   1993-07-06 
_diffrn_detector.details                ? 
# 
_diffrn_radiation.diffrn_id                        1 
_diffrn_radiation.wavelength_id                    1 
_diffrn_radiation.pdbx_monochromatic_or_laue_m_l   M 
_diffrn_radiation.monochromator                    ? 
_diffrn_radiation.pdbx_diffrn_protocol             ? 
_diffrn_radiation.pdbx_scattering_type             x-ray 
# 
_diffrn_radiation_wavelength.id           1 
_diffrn_radiation_wavelength.wavelength   1.54 
_diffrn_radiation_wavelength.wt           1.0 
# 
_diffrn_source.diffrn_id                   1 
_diffrn_source.source                      ? 
_diffrn_source.type                        ? 
_diffrn_source.pdbx_synchrotron_site       ? 
_diffrn_source.pdbx_synchrotron_beamline   ? 
_diffrn_source.pdbx_wavelength             1.54 
_diffrn_source.pdbx_wavelength_list        ? 
# 
_reflns.entry_id                     1BVD 
_reflns.observed_criterion_sigma_I   2. 
_reflns.observed_criterion_sigma_F   ? 
_reflns.d_resolution_low             ? 
_reflns.d_resolution_high            ? 
_reflns.number_obs                   28520 
_reflns.number_all                   ? 
_reflns.percent_possible_obs         91. 
_reflns.pdbx_Rmerge_I_obs            0.04 
_reflns.pdbx_Rsym_value              ? 
_reflns.pdbx_netI_over_sigmaI        ? 
_reflns.B_iso_Wilson_estimate        ? 
_reflns.pdbx_redundancy              ? 
_reflns.pdbx_diffrn_id               1 
_reflns.pdbx_ordinal                 1 
# 
_refine.entry_id                                 1BVD 
_refine.ls_number_reflns_obs                     27992 
_refine.ls_number_reflns_all                     ? 
_refine.pdbx_ls_sigma_I                          ? 
_refine.pdbx_ls_sigma_F                          0. 
_refine.pdbx_data_cutoff_high_absF               ? 
_refine.pdbx_data_cutoff_low_absF                ? 
_refine.pdbx_data_cutoff_high_rms_absF           ? 
_refine.ls_d_res_low                             8. 
_refine.ls_d_res_high                            1.4 
_refine.ls_percent_reflns_obs                    90.5 
_refine.ls_R_factor_obs                          0.212 
_refine.ls_R_factor_all                          ? 
_refine.ls_R_factor_R_work                       0.212 
_refine.ls_R_factor_R_free                       0.259 
_refine.ls_R_factor_R_free_error                 ? 
_refine.ls_R_factor_R_free_error_details         ? 
_refine.ls_percent_reflns_R_free                 ? 
_refine.ls_number_reflns_R_free                  ? 
_refine.ls_number_parameters                     ? 
_refine.ls_number_restraints                     ? 
_refine.occupancy_min                            ? 
_refine.occupancy_max                            ? 
_refine.B_iso_mean                               5.32 
_refine.aniso_B[1][1]                            ? 
_refine.aniso_B[2][2]                            ? 
_refine.aniso_B[3][3]                            ? 
_refine.aniso_B[1][2]                            ? 
_refine.aniso_B[1][3]                            ? 
_refine.aniso_B[2][3]                            ? 
_refine.solvent_model_details                    ? 
_refine.solvent_model_param_ksol                 ? 
_refine.solvent_model_param_bsol                 ? 
_refine.pdbx_ls_cross_valid_method               ? 
_refine.details                                  ? 
_refine.pdbx_starting_model                      ? 
_refine.pdbx_method_to_determine_struct          ? 
_refine.pdbx_isotropic_thermal_model             ? 
_refine.pdbx_stereochemistry_target_values       ? 
_refine.pdbx_stereochem_target_val_spec_case     ? 
_refine.pdbx_R_Free_selection_details            ? 
_refine.pdbx_overall_ESU_R                       ? 
_refine.pdbx_overall_ESU_R_Free                  ? 
_refine.overall_SU_ML                            ? 
_refine.overall_SU_B                             ? 
_refine.pdbx_refine_id                           'X-RAY DIFFRACTION' 
_refine.pdbx_diffrn_id                           1 
_refine.pdbx_TLS_residual_ADP_flag               ? 
_refine.correlation_coeff_Fo_to_Fc               ? 
_refine.correlation_coeff_Fo_to_Fc_free          ? 
_refine.pdbx_solvent_vdw_probe_radii             ? 
_refine.pdbx_solvent_ion_probe_radii             ? 
_refine.pdbx_solvent_shrinkage_radii             ? 
_refine.pdbx_overall_phase_error                 ? 
_refine.overall_SU_R_Cruickshank_DPI             ? 
_refine.pdbx_overall_SU_R_free_Cruickshank_DPI   ? 
_refine.pdbx_overall_SU_R_Blow_DPI               ? 
_refine.pdbx_overall_SU_R_free_Blow_DPI          ? 
# 
_refine_hist.pdbx_refine_id                   'X-RAY DIFFRACTION' 
_refine_hist.cycle_id                         LAST 
_refine_hist.pdbx_number_atoms_protein        1226 
_refine_hist.pdbx_number_atoms_nucleic_acid   0 
_refine_hist.pdbx_number_atoms_ligand         43 
_refine_hist.number_atoms_solvent             259 
_refine_hist.number_atoms_total               1528 
_refine_hist.d_res_high                       1.4 
_refine_hist.d_res_low                        8. 
# 
loop_
_refine_ls_restr.type 
_refine_ls_restr.dev_ideal 
_refine_ls_restr.dev_ideal_target 
_refine_ls_restr.weight 
_refine_ls_restr.number 
_refine_ls_restr.pdbx_refine_id 
_refine_ls_restr.pdbx_restraint_function 
x_bond_d                0.012 ? ? ? 'X-RAY DIFFRACTION' ? 
x_bond_d_na             ?     ? ? ? 'X-RAY DIFFRACTION' ? 
x_bond_d_prot           ?     ? ? ? 'X-RAY DIFFRACTION' ? 
x_angle_d               ?     ? ? ? 'X-RAY DIFFRACTION' ? 
x_angle_d_na            ?     ? ? ? 'X-RAY DIFFRACTION' ? 
x_angle_d_prot          ?     ? ? ? 'X-RAY DIFFRACTION' ? 
x_angle_deg             1.73  ? ? ? 'X-RAY DIFFRACTION' ? 
x_angle_deg_na          ?     ? ? ? 'X-RAY DIFFRACTION' ? 
x_angle_deg_prot        ?     ? ? ? 'X-RAY DIFFRACTION' ? 
x_dihedral_angle_d      ?     ? ? ? 'X-RAY DIFFRACTION' ? 
x_dihedral_angle_d_na   ?     ? ? ? 'X-RAY DIFFRACTION' ? 
x_dihedral_angle_d_prot ?     ? ? ? 'X-RAY DIFFRACTION' ? 
x_improper_angle_d      ?     ? ? ? 'X-RAY DIFFRACTION' ? 
x_improper_angle_d_na   ?     ? ? ? 'X-RAY DIFFRACTION' ? 
x_improper_angle_d_prot ?     ? ? ? 'X-RAY DIFFRACTION' ? 
x_mcbond_it             ?     ? ? ? 'X-RAY DIFFRACTION' ? 
x_mcangle_it            ?     ? ? ? 'X-RAY DIFFRACTION' ? 
x_scbond_it             ?     ? ? ? 'X-RAY DIFFRACTION' ? 
x_scangle_it            ?     ? ? ? 'X-RAY DIFFRACTION' ? 
# 
_struct.entry_id                  1BVD 
_struct.title                     'STRUCTURE OF A BILIVERDIN APOMYOGLOBIN COMPLEX (FORM B) AT 98 K' 
_struct.pdbx_model_details        ? 
_struct.pdbx_CASP_flag            ? 
_struct.pdbx_model_type_details   ? 
# 
_struct_keywords.entry_id        1BVD 
_struct_keywords.pdbx_keywords   'OXYGEN STORAGE' 
_struct_keywords.text            'OXYGEN STORAGE' 
# 
loop_
_struct_asym.id 
_struct_asym.pdbx_blank_PDB_chainid_flag 
_struct_asym.pdbx_modified 
_struct_asym.entity_id 
_struct_asym.details 
A N N 1 ? 
B N N 2 ? 
C N N 3 ? 
# 
_struct_ref.id                         1 
_struct_ref.db_name                    UNP 
_struct_ref.db_code                    MYG_PHYCA 
_struct_ref.entity_id                  1 
_struct_ref.pdbx_db_accession          P02185 
_struct_ref.pdbx_align_begin           1 
_struct_ref.pdbx_seq_one_letter_code   
;VLSEGEWQLVLHVWAKVEADVAGHGQDILIRLFKSHPETLEKFDRFKHLKTEAEMKASEDLKKHGVTVLTALGAILKKKG
HHEAELKPLAQSHATKHKIPIKYLEFISEAIIHVLHSRHPGDFGADAQGAMNKALELFRKDIAAKYKELGYQG
;
_struct_ref.pdbx_db_isoform            ? 
# 
_struct_ref_seq.align_id                      1 
_struct_ref_seq.ref_id                        1 
_struct_ref_seq.pdbx_PDB_id_code              1BVD 
_struct_ref_seq.pdbx_strand_id                A 
_struct_ref_seq.seq_align_beg                 1 
_struct_ref_seq.pdbx_seq_align_beg_ins_code   ? 
_struct_ref_seq.seq_align_end                 153 
_struct_ref_seq.pdbx_seq_align_end_ins_code   ? 
_struct_ref_seq.pdbx_db_accession             P02185 
_struct_ref_seq.db_align_beg                  1 
_struct_ref_seq.pdbx_db_align_beg_ins_code    ? 
_struct_ref_seq.db_align_end                  153 
_struct_ref_seq.pdbx_db_align_end_ins_code    ? 
_struct_ref_seq.pdbx_auth_seq_align_beg       1 
_struct_ref_seq.pdbx_auth_seq_align_end       153 
# 
_pdbx_struct_assembly.id                   1 
_pdbx_struct_assembly.details              author_defined_assembly 
_pdbx_struct_assembly.method_details       ? 
_pdbx_struct_assembly.oligomeric_details   monomeric 
_pdbx_struct_assembly.oligomeric_count     1 
# 
_pdbx_struct_assembly_gen.assembly_id       1 
_pdbx_struct_assembly_gen.oper_expression   1 
_pdbx_struct_assembly_gen.asym_id_list      A,B,C 
# 
_pdbx_struct_oper_list.id                   1 
_pdbx_struct_oper_list.type                 'identity operation' 
_pdbx_struct_oper_list.name                 1_555 
_pdbx_struct_oper_list.symmetry_operation   x,y,z 
_pdbx_struct_oper_list.matrix[1][1]         1.0000000000 
_pdbx_struct_oper_list.matrix[1][2]         0.0000000000 
_pdbx_struct_oper_list.matrix[1][3]         0.0000000000 
_pdbx_struct_oper_list.vector[1]            0.0000000000 
_pdbx_struct_oper_list.matrix[2][1]         0.0000000000 
_pdbx_struct_oper_list.matrix[2][2]         1.0000000000 
_pdbx_struct_oper_list.matrix[2][3]         0.0000000000 
_pdbx_struct_oper_list.vector[2]            0.0000000000 
_pdbx_struct_oper_list.matrix[3][1]         0.0000000000 
_pdbx_struct_oper_list.matrix[3][2]         0.0000000000 
_pdbx_struct_oper_list.matrix[3][3]         1.0000000000 
_pdbx_struct_oper_list.vector[3]            0.0000000000 
# 
_struct_biol.id   1 
# 
loop_
_struct_conf.conf_type_id 
_struct_conf.id 
_struct_conf.pdbx_PDB_helix_id 
_struct_conf.beg_label_comp_id 
_struct_conf.beg_label_asym_id 
_struct_conf.beg_label_seq_id 
_struct_conf.pdbx_beg_PDB_ins_code 
_struct_conf.end_label_comp_id 
_struct_conf.end_label_asym_id 
_struct_conf.end_label_seq_id 
_struct_conf.pdbx_end_PDB_ins_code 
_struct_conf.beg_auth_comp_id 
_struct_conf.beg_auth_asym_id 
_struct_conf.beg_auth_seq_id 
_struct_conf.end_auth_comp_id 
_struct_conf.end_auth_asym_id 
_struct_conf.end_auth_seq_id 
_struct_conf.pdbx_PDB_helix_class 
_struct_conf.details 
_struct_conf.pdbx_PDB_helix_length 
HELX_P HELX_P1 A SER A 3   ? GLU A 18  ? SER A 3   GLU A 18  1 ? 16 
HELX_P HELX_P2 B ASP A 20  ? SER A 35  ? ASP A 20  SER A 35  1 ? 16 
HELX_P HELX_P3 C HIS A 36  ? LYS A 42  ? HIS A 36  LYS A 42  1 ? 7  
HELX_P HELX_P4 D THR A 51  ? ALA A 57  ? THR A 51  ALA A 57  1 ? 7  
HELX_P HELX_P5 E SER A 58  ? LYS A 77  ? SER A 58  LYS A 77  1 ? 20 
HELX_P HELX_P6 F LEU A 86  ? THR A 95  ? LEU A 86  THR A 95  1 ? 10 
HELX_P HELX_P7 G PRO A 100 ? ARG A 118 ? PRO A 100 ARG A 118 1 ? 19 
HELX_P HELX_P8 H GLY A 124 ? LEU A 149 ? GLY A 124 LEU A 149 1 ? 26 
# 
_struct_conf_type.id          HELX_P 
_struct_conf_type.criteria    ? 
_struct_conf_type.reference   ? 
# 
_struct_site.id                   AC1 
_struct_site.pdbx_evidence_code   Software 
_struct_site.pdbx_auth_asym_id    A 
_struct_site.pdbx_auth_comp_id    BLA 
_struct_site.pdbx_auth_seq_id     154 
_struct_site.pdbx_auth_ins_code   ? 
_struct_site.pdbx_num_residues    24 
_struct_site.details              'BINDING SITE FOR RESIDUE BLA A 154' 
# 
loop_
_struct_site_gen.id 
_struct_site_gen.site_id 
_struct_site_gen.pdbx_num_res 
_struct_site_gen.label_comp_id 
_struct_site_gen.label_asym_id 
_struct_site_gen.label_seq_id 
_struct_site_gen.pdbx_auth_ins_code 
_struct_site_gen.auth_comp_id 
_struct_site_gen.auth_asym_id 
_struct_site_gen.auth_seq_id 
_struct_site_gen.label_atom_id 
_struct_site_gen.label_alt_id 
_struct_site_gen.symmetry 
_struct_site_gen.details 
1  AC1 24 GLU A 18  ? GLU A 18  . ? 4_556 ? 
2  AC1 24 THR A 39  ? THR A 39  . ? 1_555 ? 
3  AC1 24 LYS A 42  ? LYS A 42  . ? 1_555 ? 
4  AC1 24 PHE A 43  ? PHE A 43  . ? 1_555 ? 
5  AC1 24 ARG A 45  ? ARG A 45  . ? 1_555 ? 
6  AC1 24 HIS A 64  ? HIS A 64  . ? 1_555 ? 
7  AC1 24 THR A 67  ? THR A 67  . ? 1_555 ? 
8  AC1 24 VAL A 68  ? VAL A 68  . ? 1_555 ? 
9  AC1 24 LEU A 89  ? LEU A 89  . ? 1_555 ? 
10 AC1 24 SER A 92  ? SER A 92  . ? 1_555 ? 
11 AC1 24 HIS A 93  ? HIS A 93  . ? 1_555 ? 
12 AC1 24 HIS A 97  ? HIS A 97  . ? 1_555 ? 
13 AC1 24 ILE A 99  ? ILE A 99  . ? 1_555 ? 
14 AC1 24 TYR A 103 ? TYR A 103 . ? 1_555 ? 
15 AC1 24 LEU A 104 ? LEU A 104 . ? 1_555 ? 
16 AC1 24 ILE A 107 ? ILE A 107 . ? 1_555 ? 
17 AC1 24 PHE A 138 ? PHE A 138 . ? 1_555 ? 
18 AC1 24 HOH C .   ? HOH A 155 . ? 1_555 ? 
19 AC1 24 HOH C .   ? HOH A 156 . ? 1_555 ? 
20 AC1 24 HOH C .   ? HOH A 164 . ? 4_556 ? 
21 AC1 24 HOH C .   ? HOH A 168 . ? 4_556 ? 
22 AC1 24 HOH C .   ? HOH A 185 . ? 1_555 ? 
23 AC1 24 HOH C .   ? HOH A 343 . ? 1_555 ? 
24 AC1 24 HOH C .   ? HOH A 404 . ? 1_555 ? 
# 
loop_
_pdbx_validate_close_contact.id 
_pdbx_validate_close_contact.PDB_model_num 
_pdbx_validate_close_contact.auth_atom_id_1 
_pdbx_validate_close_contact.auth_asym_id_1 
_pdbx_validate_close_contact.auth_comp_id_1 
_pdbx_validate_close_contact.auth_seq_id_1 
_pdbx_validate_close_contact.PDB_ins_code_1 
_pdbx_validate_close_contact.label_alt_id_1 
_pdbx_validate_close_contact.auth_atom_id_2 
_pdbx_validate_close_contact.auth_asym_id_2 
_pdbx_validate_close_contact.auth_comp_id_2 
_pdbx_validate_close_contact.auth_seq_id_2 
_pdbx_validate_close_contact.PDB_ins_code_2 
_pdbx_validate_close_contact.label_alt_id_2 
_pdbx_validate_close_contact.dist 
1 1 O   A HOH 244 ? ? O A HOH 406 ? ? 1.87 
2 1 NH1 A ARG 45  ? ? O A HOH 404 ? ? 1.89 
3 1 O   A HOH 160 ? ? O A HOH 372 ? ? 1.94 
4 1 OE1 A GLU 18  ? ? O A HOH 338 ? ? 2.12 
# 
_pdbx_validate_symm_contact.id                1 
_pdbx_validate_symm_contact.PDB_model_num     1 
_pdbx_validate_symm_contact.auth_atom_id_1    O 
_pdbx_validate_symm_contact.auth_asym_id_1    A 
_pdbx_validate_symm_contact.auth_comp_id_1    HOH 
_pdbx_validate_symm_contact.auth_seq_id_1     284 
_pdbx_validate_symm_contact.PDB_ins_code_1    ? 
_pdbx_validate_symm_contact.label_alt_id_1    ? 
_pdbx_validate_symm_contact.site_symmetry_1   1_555 
_pdbx_validate_symm_contact.auth_atom_id_2    O 
_pdbx_validate_symm_contact.auth_asym_id_2    A 
_pdbx_validate_symm_contact.auth_comp_id_2    HOH 
_pdbx_validate_symm_contact.auth_seq_id_2     373 
_pdbx_validate_symm_contact.PDB_ins_code_2    ? 
_pdbx_validate_symm_contact.label_alt_id_2    ? 
_pdbx_validate_symm_contact.site_symmetry_2   1_655 
_pdbx_validate_symm_contact.dist              1.75 
# 
loop_
_pdbx_validate_rmsd_bond.id 
_pdbx_validate_rmsd_bond.PDB_model_num 
_pdbx_validate_rmsd_bond.auth_atom_id_1 
_pdbx_validate_rmsd_bond.auth_asym_id_1 
_pdbx_validate_rmsd_bond.auth_comp_id_1 
_pdbx_validate_rmsd_bond.auth_seq_id_1 
_pdbx_validate_rmsd_bond.PDB_ins_code_1 
_pdbx_validate_rmsd_bond.label_alt_id_1 
_pdbx_validate_rmsd_bond.auth_atom_id_2 
_pdbx_validate_rmsd_bond.auth_asym_id_2 
_pdbx_validate_rmsd_bond.auth_comp_id_2 
_pdbx_validate_rmsd_bond.auth_seq_id_2 
_pdbx_validate_rmsd_bond.PDB_ins_code_2 
_pdbx_validate_rmsd_bond.label_alt_id_2 
_pdbx_validate_rmsd_bond.bond_value 
_pdbx_validate_rmsd_bond.bond_target_value 
_pdbx_validate_rmsd_bond.bond_deviation 
_pdbx_validate_rmsd_bond.bond_standard_deviation 
_pdbx_validate_rmsd_bond.linker_flag 
1 1 NE2 A HIS 12  ? ? CD2 A HIS 12  ? ? 1.300 1.373 -0.073 0.011 N 
2 1 NE  A ARG 45  ? ? CZ  A ARG 45  ? ? 1.419 1.326 0.093  0.013 N 
3 1 CZ  A ARG 45  ? ? NH1 A ARG 45  ? ? 1.405 1.326 0.079  0.013 N 
4 1 CG  A HIS 82  ? ? CD2 A HIS 82  ? ? 1.409 1.354 0.055  0.009 N 
5 1 C   A LEU 89  ? ? N   A ALA 90  ? ? 1.496 1.336 0.160  0.023 Y 
6 1 NE2 A HIS 116 ? ? CD2 A HIS 116 ? ? 1.304 1.373 -0.069 0.011 N 
7 1 C   A TYR 151 ? ? N   A GLN 152 ? ? 1.110 1.336 -0.226 0.023 Y 
# 
loop_
_pdbx_validate_rmsd_angle.id 
_pdbx_validate_rmsd_angle.PDB_model_num 
_pdbx_validate_rmsd_angle.auth_atom_id_1 
_pdbx_validate_rmsd_angle.auth_asym_id_1 
_pdbx_validate_rmsd_angle.auth_comp_id_1 
_pdbx_validate_rmsd_angle.auth_seq_id_1 
_pdbx_validate_rmsd_angle.PDB_ins_code_1 
_pdbx_validate_rmsd_angle.label_alt_id_1 
_pdbx_validate_rmsd_angle.auth_atom_id_2 
_pdbx_validate_rmsd_angle.auth_asym_id_2 
_pdbx_validate_rmsd_angle.auth_comp_id_2 
_pdbx_validate_rmsd_angle.auth_seq_id_2 
_pdbx_validate_rmsd_angle.PDB_ins_code_2 
_pdbx_validate_rmsd_angle.label_alt_id_2 
_pdbx_validate_rmsd_angle.auth_atom_id_3 
_pdbx_validate_rmsd_angle.auth_asym_id_3 
_pdbx_validate_rmsd_angle.auth_comp_id_3 
_pdbx_validate_rmsd_angle.auth_seq_id_3 
_pdbx_validate_rmsd_angle.PDB_ins_code_3 
_pdbx_validate_rmsd_angle.label_alt_id_3 
_pdbx_validate_rmsd_angle.angle_value 
_pdbx_validate_rmsd_angle.angle_target_value 
_pdbx_validate_rmsd_angle.angle_deviation 
_pdbx_validate_rmsd_angle.angle_standard_deviation 
_pdbx_validate_rmsd_angle.linker_flag 
1  1 CD1 A TRP 7   ? ? CG  A TRP 7   ? ? CD2 A TRP 7   ? ? 113.84 106.30 7.54   0.80 N 
2  1 CG  A TRP 7   ? ? CD1 A TRP 7   ? ? NE1 A TRP 7   ? ? 103.00 110.10 -7.10  1.00 N 
3  1 CE2 A TRP 7   ? ? CD2 A TRP 7   ? ? CG  A TRP 7   ? ? 101.63 107.30 -5.67  0.80 N 
4  1 CD1 A TRP 14  ? ? CG  A TRP 14  ? ? CD2 A TRP 14  ? ? 113.65 106.30 7.35   0.80 N 
5  1 CG  A TRP 14  ? ? CD1 A TRP 14  ? ? NE1 A TRP 14  ? ? 102.48 110.10 -7.62  1.00 N 
6  1 CB  A ASP 27  ? ? CG  A ASP 27  ? ? OD2 A ASP 27  ? ? 112.57 118.30 -5.73  0.90 N 
7  1 NE  A ARG 31  ? ? CZ  A ARG 31  ? ? NH2 A ARG 31  ? ? 115.68 120.30 -4.62  0.50 N 
8  1 CB  A ASP 44  ? ? CG  A ASP 44  ? ? OD1 A ASP 44  ? ? 126.83 118.30 8.53   0.90 N 
9  1 CB  A ASP 44  ? ? CG  A ASP 44  ? ? OD2 A ASP 44  ? ? 107.78 118.30 -10.52 0.90 N 
10 1 NE  A ARG 45  ? ? CZ  A ARG 45  ? ? NH1 A ARG 45  ? ? 127.33 120.30 7.03   0.50 N 
11 1 CB  A TYR 103 ? ? CG  A TYR 103 ? ? CD2 A TYR 103 ? ? 115.04 121.00 -5.96  0.60 N 
12 1 CE1 A HIS 113 ? ? NE2 A HIS 113 ? ? CD2 A HIS 113 ? ? 114.41 109.00 5.41   0.70 N 
13 1 CE1 A HIS 116 ? ? NE2 A HIS 116 ? ? CD2 A HIS 116 ? ? 113.67 109.00 4.67   0.70 N 
14 1 NE  A ARG 118 ? ? CZ  A ARG 118 ? ? NH1 A ARG 118 ? ? 123.92 120.30 3.62   0.50 N 
15 1 CB  A TYR 146 ? ? CG  A TYR 146 ? ? CD2 A TYR 146 ? ? 114.60 121.00 -6.40  0.60 N 
16 1 CB  A TYR 146 ? ? CG  A TYR 146 ? ? CD1 A TYR 146 ? ? 125.07 121.00 4.07   0.60 N 
17 1 CB  A GLU 148 ? ? CA  A GLU 148 ? ? C   A GLU 148 ? ? 98.26  110.40 -12.14 2.00 N 
18 1 CB  A GLN 152 ? ? CA  A GLN 152 ? ? C   A GLN 152 ? ? 124.06 110.40 13.66  2.00 N 
# 
loop_
_pdbx_validate_torsion.id 
_pdbx_validate_torsion.PDB_model_num 
_pdbx_validate_torsion.auth_comp_id 
_pdbx_validate_torsion.auth_asym_id 
_pdbx_validate_torsion.auth_seq_id 
_pdbx_validate_torsion.PDB_ins_code 
_pdbx_validate_torsion.label_alt_id 
_pdbx_validate_torsion.phi 
_pdbx_validate_torsion.psi 
1 1 ASP A 20  ? ? -155.93 86.91 
2 1 PHE A 46  ? ? -155.08 18.66 
3 1 HIS A 81  ? ? -97.01  58.41 
4 1 PHE A 123 ? ? -147.60 55.55 
# 
_pdbx_validate_planes.id              1 
_pdbx_validate_planes.PDB_model_num   1 
_pdbx_validate_planes.auth_comp_id    ARG 
_pdbx_validate_planes.auth_asym_id    A 
_pdbx_validate_planes.auth_seq_id     45 
_pdbx_validate_planes.PDB_ins_code    ? 
_pdbx_validate_planes.label_alt_id    ? 
_pdbx_validate_planes.rmsd            0.272 
_pdbx_validate_planes.type            'SIDE CHAIN' 
# 
_pdbx_validate_polymer_linkage.id               1 
_pdbx_validate_polymer_linkage.PDB_model_num    1 
_pdbx_validate_polymer_linkage.auth_atom_id_1   C 
_pdbx_validate_polymer_linkage.auth_asym_id_1   A 
_pdbx_validate_polymer_linkage.auth_comp_id_1   TYR 
_pdbx_validate_polymer_linkage.auth_seq_id_1    151 
_pdbx_validate_polymer_linkage.PDB_ins_code_1   ? 
_pdbx_validate_polymer_linkage.label_alt_id_1   ? 
_pdbx_validate_polymer_linkage.auth_atom_id_2   N 
_pdbx_validate_polymer_linkage.auth_asym_id_2   A 
_pdbx_validate_polymer_linkage.auth_comp_id_2   GLN 
_pdbx_validate_polymer_linkage.auth_seq_id_2    152 
_pdbx_validate_polymer_linkage.PDB_ins_code_2   ? 
_pdbx_validate_polymer_linkage.label_alt_id_2   ? 
_pdbx_validate_polymer_linkage.dist             1.11 
# 
loop_
_chem_comp_atom.comp_id 
_chem_comp_atom.atom_id 
_chem_comp_atom.type_symbol 
_chem_comp_atom.pdbx_aromatic_flag 
_chem_comp_atom.pdbx_stereo_config 
_chem_comp_atom.pdbx_ordinal 
ALA N    N N N 1   
ALA CA   C N S 2   
ALA C    C N N 3   
ALA O    O N N 4   
ALA CB   C N N 5   
ALA OXT  O N N 6   
ALA H    H N N 7   
ALA H2   H N N 8   
ALA HA   H N N 9   
ALA HB1  H N N 10  
ALA HB2  H N N 11  
ALA HB3  H N N 12  
ALA HXT  H N N 13  
ARG N    N N N 14  
ARG CA   C N S 15  
ARG C    C N N 16  
ARG O    O N N 17  
ARG CB   C N N 18  
ARG CG   C N N 19  
ARG CD   C N N 20  
ARG NE   N N N 21  
ARG CZ   C N N 22  
ARG NH1  N N N 23  
ARG NH2  N N N 24  
ARG OXT  O N N 25  
ARG H    H N N 26  
ARG H2   H N N 27  
ARG HA   H N N 28  
ARG HB2  H N N 29  
ARG HB3  H N N 30  
ARG HG2  H N N 31  
ARG HG3  H N N 32  
ARG HD2  H N N 33  
ARG HD3  H N N 34  
ARG HE   H N N 35  
ARG HH11 H N N 36  
ARG HH12 H N N 37  
ARG HH21 H N N 38  
ARG HH22 H N N 39  
ARG HXT  H N N 40  
ASN N    N N N 41  
ASN CA   C N S 42  
ASN C    C N N 43  
ASN O    O N N 44  
ASN CB   C N N 45  
ASN CG   C N N 46  
ASN OD1  O N N 47  
ASN ND2  N N N 48  
ASN OXT  O N N 49  
ASN H    H N N 50  
ASN H2   H N N 51  
ASN HA   H N N 52  
ASN HB2  H N N 53  
ASN HB3  H N N 54  
ASN HD21 H N N 55  
ASN HD22 H N N 56  
ASN HXT  H N N 57  
ASP N    N N N 58  
ASP CA   C N S 59  
ASP C    C N N 60  
ASP O    O N N 61  
ASP CB   C N N 62  
ASP CG   C N N 63  
ASP OD1  O N N 64  
ASP OD2  O N N 65  
ASP OXT  O N N 66  
ASP H    H N N 67  
ASP H2   H N N 68  
ASP HA   H N N 69  
ASP HB2  H N N 70  
ASP HB3  H N N 71  
ASP HD2  H N N 72  
ASP HXT  H N N 73  
BLA CHA  C N N 74  
BLA NA   N Y N 75  
BLA C1A  C Y N 76  
BLA C2A  C Y N 77  
BLA C3A  C Y N 78  
BLA C4A  C Y N 79  
BLA CMA  C N N 80  
BLA CAA  C N N 81  
BLA CBA  C N N 82  
BLA CGA  C N N 83  
BLA O1A  O N N 84  
BLA O2A  O N N 85  
BLA CHB  C N N 86  
BLA NB   N N N 87  
BLA C1B  C N N 88  
BLA C2B  C N N 89  
BLA C3B  C N N 90  
BLA C4B  C N N 91  
BLA CMB  C N N 92  
BLA OB   O N N 93  
BLA CAB  C N N 94  
BLA CBB  C N N 95  
BLA NC   N N N 96  
BLA C1C  C N N 97  
BLA C2C  C N N 98  
BLA C3C  C N N 99  
BLA C4C  C N N 100 
BLA CMC  C N N 101 
BLA OC   O N N 102 
BLA CAC  C N N 103 
BLA CBC  C N N 104 
BLA CHD  C N N 105 
BLA ND   N N N 106 
BLA C1D  C N N 107 
BLA C2D  C N N 108 
BLA C3D  C N N 109 
BLA C4D  C N N 110 
BLA CMD  C N N 111 
BLA CAD  C N N 112 
BLA CBD  C N N 113 
BLA CGD  C N N 114 
BLA O1D  O N N 115 
BLA O2D  O N N 116 
BLA HHA  H N N 117 
BLA HA   H N N 118 
BLA HMA1 H N N 119 
BLA HMA2 H N N 120 
BLA HMA3 H N N 121 
BLA HAA1 H N N 122 
BLA HAA2 H N N 123 
BLA HBA1 H N N 124 
BLA HBA2 H N N 125 
BLA H2A  H N N 126 
BLA HHB  H N N 127 
BLA HB   H N N 128 
BLA HMB1 H N N 129 
BLA HMB2 H N N 130 
BLA HMB3 H N N 131 
BLA HAB  H N N 132 
BLA HBB1 H N N 133 
BLA HBB2 H N N 134 
BLA HC   H N N 135 
BLA HMC1 H N N 136 
BLA HMC2 H N N 137 
BLA HMC3 H N N 138 
BLA HAC  H N N 139 
BLA HBC1 H N N 140 
BLA HBC2 H N N 141 
BLA HHD  H N N 142 
BLA HMD1 H N N 143 
BLA HMD2 H N N 144 
BLA HMD3 H N N 145 
BLA HAD1 H N N 146 
BLA HAD2 H N N 147 
BLA HBD1 H N N 148 
BLA HBD2 H N N 149 
BLA H2D  H N N 150 
GLN N    N N N 151 
GLN CA   C N S 152 
GLN C    C N N 153 
GLN O    O N N 154 
GLN CB   C N N 155 
GLN CG   C N N 156 
GLN CD   C N N 157 
GLN OE1  O N N 158 
GLN NE2  N N N 159 
GLN OXT  O N N 160 
GLN H    H N N 161 
GLN H2   H N N 162 
GLN HA   H N N 163 
GLN HB2  H N N 164 
GLN HB3  H N N 165 
GLN HG2  H N N 166 
GLN HG3  H N N 167 
GLN HE21 H N N 168 
GLN HE22 H N N 169 
GLN HXT  H N N 170 
GLU N    N N N 171 
GLU CA   C N S 172 
GLU C    C N N 173 
GLU O    O N N 174 
GLU CB   C N N 175 
GLU CG   C N N 176 
GLU CD   C N N 177 
GLU OE1  O N N 178 
GLU OE2  O N N 179 
GLU OXT  O N N 180 
GLU H    H N N 181 
GLU H2   H N N 182 
GLU HA   H N N 183 
GLU HB2  H N N 184 
GLU HB3  H N N 185 
GLU HG2  H N N 186 
GLU HG3  H N N 187 
GLU HE2  H N N 188 
GLU HXT  H N N 189 
GLY N    N N N 190 
GLY CA   C N N 191 
GLY C    C N N 192 
GLY O    O N N 193 
GLY OXT  O N N 194 
GLY H    H N N 195 
GLY H2   H N N 196 
GLY HA2  H N N 197 
GLY HA3  H N N 198 
GLY HXT  H N N 199 
HIS N    N N N 200 
HIS CA   C N S 201 
HIS C    C N N 202 
HIS O    O N N 203 
HIS CB   C N N 204 
HIS CG   C Y N 205 
HIS ND1  N Y N 206 
HIS CD2  C Y N 207 
HIS CE1  C Y N 208 
HIS NE2  N Y N 209 
HIS OXT  O N N 210 
HIS H    H N N 211 
HIS H2   H N N 212 
HIS HA   H N N 213 
HIS HB2  H N N 214 
HIS HB3  H N N 215 
HIS HD1  H N N 216 
HIS HD2  H N N 217 
HIS HE1  H N N 218 
HIS HE2  H N N 219 
HIS HXT  H N N 220 
HOH O    O N N 221 
HOH H1   H N N 222 
HOH H2   H N N 223 
ILE N    N N N 224 
ILE CA   C N S 225 
ILE C    C N N 226 
ILE O    O N N 227 
ILE CB   C N S 228 
ILE CG1  C N N 229 
ILE CG2  C N N 230 
ILE CD1  C N N 231 
ILE OXT  O N N 232 
ILE H    H N N 233 
ILE H2   H N N 234 
ILE HA   H N N 235 
ILE HB   H N N 236 
ILE HG12 H N N 237 
ILE HG13 H N N 238 
ILE HG21 H N N 239 
ILE HG22 H N N 240 
ILE HG23 H N N 241 
ILE HD11 H N N 242 
ILE HD12 H N N 243 
ILE HD13 H N N 244 
ILE HXT  H N N 245 
LEU N    N N N 246 
LEU CA   C N S 247 
LEU C    C N N 248 
LEU O    O N N 249 
LEU CB   C N N 250 
LEU CG   C N N 251 
LEU CD1  C N N 252 
LEU CD2  C N N 253 
LEU OXT  O N N 254 
LEU H    H N N 255 
LEU H2   H N N 256 
LEU HA   H N N 257 
LEU HB2  H N N 258 
LEU HB3  H N N 259 
LEU HG   H N N 260 
LEU HD11 H N N 261 
LEU HD12 H N N 262 
LEU HD13 H N N 263 
LEU HD21 H N N 264 
LEU HD22 H N N 265 
LEU HD23 H N N 266 
LEU HXT  H N N 267 
LYS N    N N N 268 
LYS CA   C N S 269 
LYS C    C N N 270 
LYS O    O N N 271 
LYS CB   C N N 272 
LYS CG   C N N 273 
LYS CD   C N N 274 
LYS CE   C N N 275 
LYS NZ   N N N 276 
LYS OXT  O N N 277 
LYS H    H N N 278 
LYS H2   H N N 279 
LYS HA   H N N 280 
LYS HB2  H N N 281 
LYS HB3  H N N 282 
LYS HG2  H N N 283 
LYS HG3  H N N 284 
LYS HD2  H N N 285 
LYS HD3  H N N 286 
LYS HE2  H N N 287 
LYS HE3  H N N 288 
LYS HZ1  H N N 289 
LYS HZ2  H N N 290 
LYS HZ3  H N N 291 
LYS HXT  H N N 292 
MET N    N N N 293 
MET CA   C N S 294 
MET C    C N N 295 
MET O    O N N 296 
MET CB   C N N 297 
MET CG   C N N 298 
MET SD   S N N 299 
MET CE   C N N 300 
MET OXT  O N N 301 
MET H    H N N 302 
MET H2   H N N 303 
MET HA   H N N 304 
MET HB2  H N N 305 
MET HB3  H N N 306 
MET HG2  H N N 307 
MET HG3  H N N 308 
MET HE1  H N N 309 
MET HE2  H N N 310 
MET HE3  H N N 311 
MET HXT  H N N 312 
PHE N    N N N 313 
PHE CA   C N S 314 
PHE C    C N N 315 
PHE O    O N N 316 
PHE CB   C N N 317 
PHE CG   C Y N 318 
PHE CD1  C Y N 319 
PHE CD2  C Y N 320 
PHE CE1  C Y N 321 
PHE CE2  C Y N 322 
PHE CZ   C Y N 323 
PHE OXT  O N N 324 
PHE H    H N N 325 
PHE H2   H N N 326 
PHE HA   H N N 327 
PHE HB2  H N N 328 
PHE HB3  H N N 329 
PHE HD1  H N N 330 
PHE HD2  H N N 331 
PHE HE1  H N N 332 
PHE HE2  H N N 333 
PHE HZ   H N N 334 
PHE HXT  H N N 335 
PRO N    N N N 336 
PRO CA   C N S 337 
PRO C    C N N 338 
PRO O    O N N 339 
PRO CB   C N N 340 
PRO CG   C N N 341 
PRO CD   C N N 342 
PRO OXT  O N N 343 
PRO H    H N N 344 
PRO HA   H N N 345 
PRO HB2  H N N 346 
PRO HB3  H N N 347 
PRO HG2  H N N 348 
PRO HG3  H N N 349 
PRO HD2  H N N 350 
PRO HD3  H N N 351 
PRO HXT  H N N 352 
SER N    N N N 353 
SER CA   C N S 354 
SER C    C N N 355 
SER O    O N N 356 
SER CB   C N N 357 
SER OG   O N N 358 
SER OXT  O N N 359 
SER H    H N N 360 
SER H2   H N N 361 
SER HA   H N N 362 
SER HB2  H N N 363 
SER HB3  H N N 364 
SER HG   H N N 365 
SER HXT  H N N 366 
THR N    N N N 367 
THR CA   C N S 368 
THR C    C N N 369 
THR O    O N N 370 
THR CB   C N R 371 
THR OG1  O N N 372 
THR CG2  C N N 373 
THR OXT  O N N 374 
THR H    H N N 375 
THR H2   H N N 376 
THR HA   H N N 377 
THR HB   H N N 378 
THR HG1  H N N 379 
THR HG21 H N N 380 
THR HG22 H N N 381 
THR HG23 H N N 382 
THR HXT  H N N 383 
TRP N    N N N 384 
TRP CA   C N S 385 
TRP C    C N N 386 
TRP O    O N N 387 
TRP CB   C N N 388 
TRP CG   C Y N 389 
TRP CD1  C Y N 390 
TRP CD2  C Y N 391 
TRP NE1  N Y N 392 
TRP CE2  C Y N 393 
TRP CE3  C Y N 394 
TRP CZ2  C Y N 395 
TRP CZ3  C Y N 396 
TRP CH2  C Y N 397 
TRP OXT  O N N 398 
TRP H    H N N 399 
TRP H2   H N N 400 
TRP HA   H N N 401 
TRP HB2  H N N 402 
TRP HB3  H N N 403 
TRP HD1  H N N 404 
TRP HE1  H N N 405 
TRP HE3  H N N 406 
TRP HZ2  H N N 407 
TRP HZ3  H N N 408 
TRP HH2  H N N 409 
TRP HXT  H N N 410 
TYR N    N N N 411 
TYR CA   C N S 412 
TYR C    C N N 413 
TYR O    O N N 414 
TYR CB   C N N 415 
TYR CG   C Y N 416 
TYR CD1  C Y N 417 
TYR CD2  C Y N 418 
TYR CE1  C Y N 419 
TYR CE2  C Y N 420 
TYR CZ   C Y N 421 
TYR OH   O N N 422 
TYR OXT  O N N 423 
TYR H    H N N 424 
TYR H2   H N N 425 
TYR HA   H N N 426 
TYR HB2  H N N 427 
TYR HB3  H N N 428 
TYR HD1  H N N 429 
TYR HD2  H N N 430 
TYR HE1  H N N 431 
TYR HE2  H N N 432 
TYR HH   H N N 433 
TYR HXT  H N N 434 
VAL N    N N N 435 
VAL CA   C N S 436 
VAL C    C N N 437 
VAL O    O N N 438 
VAL CB   C N N 439 
VAL CG1  C N N 440 
VAL CG2  C N N 441 
VAL OXT  O N N 442 
VAL H    H N N 443 
VAL H2   H N N 444 
VAL HA   H N N 445 
VAL HB   H N N 446 
VAL HG11 H N N 447 
VAL HG12 H N N 448 
VAL HG13 H N N 449 
VAL HG21 H N N 450 
VAL HG22 H N N 451 
VAL HG23 H N N 452 
VAL HXT  H N N 453 
# 
loop_
_chem_comp_bond.comp_id 
_chem_comp_bond.atom_id_1 
_chem_comp_bond.atom_id_2 
_chem_comp_bond.value_order 
_chem_comp_bond.pdbx_aromatic_flag 
_chem_comp_bond.pdbx_stereo_config 
_chem_comp_bond.pdbx_ordinal 
ALA N   CA   sing N N 1   
ALA N   H    sing N N 2   
ALA N   H2   sing N N 3   
ALA CA  C    sing N N 4   
ALA CA  CB   sing N N 5   
ALA CA  HA   sing N N 6   
ALA C   O    doub N N 7   
ALA C   OXT  sing N N 8   
ALA CB  HB1  sing N N 9   
ALA CB  HB2  sing N N 10  
ALA CB  HB3  sing N N 11  
ALA OXT HXT  sing N N 12  
ARG N   CA   sing N N 13  
ARG N   H    sing N N 14  
ARG N   H2   sing N N 15  
ARG CA  C    sing N N 16  
ARG CA  CB   sing N N 17  
ARG CA  HA   sing N N 18  
ARG C   O    doub N N 19  
ARG C   OXT  sing N N 20  
ARG CB  CG   sing N N 21  
ARG CB  HB2  sing N N 22  
ARG CB  HB3  sing N N 23  
ARG CG  CD   sing N N 24  
ARG CG  HG2  sing N N 25  
ARG CG  HG3  sing N N 26  
ARG CD  NE   sing N N 27  
ARG CD  HD2  sing N N 28  
ARG CD  HD3  sing N N 29  
ARG NE  CZ   sing N N 30  
ARG NE  HE   sing N N 31  
ARG CZ  NH1  sing N N 32  
ARG CZ  NH2  doub N N 33  
ARG NH1 HH11 sing N N 34  
ARG NH1 HH12 sing N N 35  
ARG NH2 HH21 sing N N 36  
ARG NH2 HH22 sing N N 37  
ARG OXT HXT  sing N N 38  
ASN N   CA   sing N N 39  
ASN N   H    sing N N 40  
ASN N   H2   sing N N 41  
ASN CA  C    sing N N 42  
ASN CA  CB   sing N N 43  
ASN CA  HA   sing N N 44  
ASN C   O    doub N N 45  
ASN C   OXT  sing N N 46  
ASN CB  CG   sing N N 47  
ASN CB  HB2  sing N N 48  
ASN CB  HB3  sing N N 49  
ASN CG  OD1  doub N N 50  
ASN CG  ND2  sing N N 51  
ASN ND2 HD21 sing N N 52  
ASN ND2 HD22 sing N N 53  
ASN OXT HXT  sing N N 54  
ASP N   CA   sing N N 55  
ASP N   H    sing N N 56  
ASP N   H2   sing N N 57  
ASP CA  C    sing N N 58  
ASP CA  CB   sing N N 59  
ASP CA  HA   sing N N 60  
ASP C   O    doub N N 61  
ASP C   OXT  sing N N 62  
ASP CB  CG   sing N N 63  
ASP CB  HB2  sing N N 64  
ASP CB  HB3  sing N N 65  
ASP CG  OD1  doub N N 66  
ASP CG  OD2  sing N N 67  
ASP OD2 HD2  sing N N 68  
ASP OXT HXT  sing N N 69  
BLA CHA C1A  sing N N 70  
BLA CHA C4D  doub N Z 71  
BLA CHA HHA  sing N N 72  
BLA NA  C1A  sing Y N 73  
BLA NA  C4A  sing Y N 74  
BLA NA  HA   sing N N 75  
BLA C1A C2A  doub Y N 76  
BLA C2A C3A  sing Y N 77  
BLA C2A CAA  sing N N 78  
BLA C3A C4A  doub Y N 79  
BLA C3A CMA  sing N N 80  
BLA C4A CHB  sing N N 81  
BLA CMA HMA1 sing N N 82  
BLA CMA HMA2 sing N N 83  
BLA CMA HMA3 sing N N 84  
BLA CAA CBA  sing N N 85  
BLA CAA HAA1 sing N N 86  
BLA CAA HAA2 sing N N 87  
BLA CBA CGA  sing N N 88  
BLA CBA HBA1 sing N N 89  
BLA CBA HBA2 sing N N 90  
BLA CGA O1A  doub N N 91  
BLA CGA O2A  sing N N 92  
BLA O2A H2A  sing N N 93  
BLA CHB C1B  doub N Z 94  
BLA CHB HHB  sing N N 95  
BLA NB  C1B  sing N N 96  
BLA NB  C4B  sing N N 97  
BLA NB  HB   sing N N 98  
BLA C1B C2B  sing N N 99  
BLA C2B C3B  doub N N 100 
BLA C2B CMB  sing N N 101 
BLA C3B C4B  sing N N 102 
BLA C3B CAB  sing N N 103 
BLA C4B OB   doub N N 104 
BLA CMB HMB1 sing N N 105 
BLA CMB HMB2 sing N N 106 
BLA CMB HMB3 sing N N 107 
BLA CAB CBB  doub N N 108 
BLA CAB HAB  sing N N 109 
BLA CBB HBB1 sing N N 110 
BLA CBB HBB2 sing N N 111 
BLA NC  C1C  sing N N 112 
BLA NC  C4C  sing N N 113 
BLA NC  HC   sing N N 114 
BLA C1C C2C  sing N N 115 
BLA C1C OC   doub N N 116 
BLA C2C C3C  doub N N 117 
BLA C2C CMC  sing N N 118 
BLA C3C C4C  sing N N 119 
BLA C3C CAC  sing N N 120 
BLA C4C CHD  doub N Z 121 
BLA CMC HMC1 sing N N 122 
BLA CMC HMC2 sing N N 123 
BLA CMC HMC3 sing N N 124 
BLA CAC CBC  doub N N 125 
BLA CAC HAC  sing N N 126 
BLA CBC HBC1 sing N N 127 
BLA CBC HBC2 sing N N 128 
BLA CHD C1D  sing N N 129 
BLA CHD HHD  sing N N 130 
BLA ND  C1D  doub N N 131 
BLA ND  C4D  sing N N 132 
BLA C1D C2D  sing N N 133 
BLA C2D C3D  doub N N 134 
BLA C2D CMD  sing N N 135 
BLA C3D C4D  sing N N 136 
BLA C3D CAD  sing N N 137 
BLA CMD HMD1 sing N N 138 
BLA CMD HMD2 sing N N 139 
BLA CMD HMD3 sing N N 140 
BLA CAD CBD  sing N N 141 
BLA CAD HAD1 sing N N 142 
BLA CAD HAD2 sing N N 143 
BLA CBD CGD  sing N N 144 
BLA CBD HBD1 sing N N 145 
BLA CBD HBD2 sing N N 146 
BLA CGD O1D  doub N N 147 
BLA CGD O2D  sing N N 148 
BLA O2D H2D  sing N N 149 
GLN N   CA   sing N N 150 
GLN N   H    sing N N 151 
GLN N   H2   sing N N 152 
GLN CA  C    sing N N 153 
GLN CA  CB   sing N N 154 
GLN CA  HA   sing N N 155 
GLN C   O    doub N N 156 
GLN C   OXT  sing N N 157 
GLN CB  CG   sing N N 158 
GLN CB  HB2  sing N N 159 
GLN CB  HB3  sing N N 160 
GLN CG  CD   sing N N 161 
GLN CG  HG2  sing N N 162 
GLN CG  HG3  sing N N 163 
GLN CD  OE1  doub N N 164 
GLN CD  NE2  sing N N 165 
GLN NE2 HE21 sing N N 166 
GLN NE2 HE22 sing N N 167 
GLN OXT HXT  sing N N 168 
GLU N   CA   sing N N 169 
GLU N   H    sing N N 170 
GLU N   H2   sing N N 171 
GLU CA  C    sing N N 172 
GLU CA  CB   sing N N 173 
GLU CA  HA   sing N N 174 
GLU C   O    doub N N 175 
GLU C   OXT  sing N N 176 
GLU CB  CG   sing N N 177 
GLU CB  HB2  sing N N 178 
GLU CB  HB3  sing N N 179 
GLU CG  CD   sing N N 180 
GLU CG  HG2  sing N N 181 
GLU CG  HG3  sing N N 182 
GLU CD  OE1  doub N N 183 
GLU CD  OE2  sing N N 184 
GLU OE2 HE2  sing N N 185 
GLU OXT HXT  sing N N 186 
GLY N   CA   sing N N 187 
GLY N   H    sing N N 188 
GLY N   H2   sing N N 189 
GLY CA  C    sing N N 190 
GLY CA  HA2  sing N N 191 
GLY CA  HA3  sing N N 192 
GLY C   O    doub N N 193 
GLY C   OXT  sing N N 194 
GLY OXT HXT  sing N N 195 
HIS N   CA   sing N N 196 
HIS N   H    sing N N 197 
HIS N   H2   sing N N 198 
HIS CA  C    sing N N 199 
HIS CA  CB   sing N N 200 
HIS CA  HA   sing N N 201 
HIS C   O    doub N N 202 
HIS C   OXT  sing N N 203 
HIS CB  CG   sing N N 204 
HIS CB  HB2  sing N N 205 
HIS CB  HB3  sing N N 206 
HIS CG  ND1  sing Y N 207 
HIS CG  CD2  doub Y N 208 
HIS ND1 CE1  doub Y N 209 
HIS ND1 HD1  sing N N 210 
HIS CD2 NE2  sing Y N 211 
HIS CD2 HD2  sing N N 212 
HIS CE1 NE2  sing Y N 213 
HIS CE1 HE1  sing N N 214 
HIS NE2 HE2  sing N N 215 
HIS OXT HXT  sing N N 216 
HOH O   H1   sing N N 217 
HOH O   H2   sing N N 218 
ILE N   CA   sing N N 219 
ILE N   H    sing N N 220 
ILE N   H2   sing N N 221 
ILE CA  C    sing N N 222 
ILE CA  CB   sing N N 223 
ILE CA  HA   sing N N 224 
ILE C   O    doub N N 225 
ILE C   OXT  sing N N 226 
ILE CB  CG1  sing N N 227 
ILE CB  CG2  sing N N 228 
ILE CB  HB   sing N N 229 
ILE CG1 CD1  sing N N 230 
ILE CG1 HG12 sing N N 231 
ILE CG1 HG13 sing N N 232 
ILE CG2 HG21 sing N N 233 
ILE CG2 HG22 sing N N 234 
ILE CG2 HG23 sing N N 235 
ILE CD1 HD11 sing N N 236 
ILE CD1 HD12 sing N N 237 
ILE CD1 HD13 sing N N 238 
ILE OXT HXT  sing N N 239 
LEU N   CA   sing N N 240 
LEU N   H    sing N N 241 
LEU N   H2   sing N N 242 
LEU CA  C    sing N N 243 
LEU CA  CB   sing N N 244 
LEU CA  HA   sing N N 245 
LEU C   O    doub N N 246 
LEU C   OXT  sing N N 247 
LEU CB  CG   sing N N 248 
LEU CB  HB2  sing N N 249 
LEU CB  HB3  sing N N 250 
LEU CG  CD1  sing N N 251 
LEU CG  CD2  sing N N 252 
LEU CG  HG   sing N N 253 
LEU CD1 HD11 sing N N 254 
LEU CD1 HD12 sing N N 255 
LEU CD1 HD13 sing N N 256 
LEU CD2 HD21 sing N N 257 
LEU CD2 HD22 sing N N 258 
LEU CD2 HD23 sing N N 259 
LEU OXT HXT  sing N N 260 
LYS N   CA   sing N N 261 
LYS N   H    sing N N 262 
LYS N   H2   sing N N 263 
LYS CA  C    sing N N 264 
LYS CA  CB   sing N N 265 
LYS CA  HA   sing N N 266 
LYS C   O    doub N N 267 
LYS C   OXT  sing N N 268 
LYS CB  CG   sing N N 269 
LYS CB  HB2  sing N N 270 
LYS CB  HB3  sing N N 271 
LYS CG  CD   sing N N 272 
LYS CG  HG2  sing N N 273 
LYS CG  HG3  sing N N 274 
LYS CD  CE   sing N N 275 
LYS CD  HD2  sing N N 276 
LYS CD  HD3  sing N N 277 
LYS CE  NZ   sing N N 278 
LYS CE  HE2  sing N N 279 
LYS CE  HE3  sing N N 280 
LYS NZ  HZ1  sing N N 281 
LYS NZ  HZ2  sing N N 282 
LYS NZ  HZ3  sing N N 283 
LYS OXT HXT  sing N N 284 
MET N   CA   sing N N 285 
MET N   H    sing N N 286 
MET N   H2   sing N N 287 
MET CA  C    sing N N 288 
MET CA  CB   sing N N 289 
MET CA  HA   sing N N 290 
MET C   O    doub N N 291 
MET C   OXT  sing N N 292 
MET CB  CG   sing N N 293 
MET CB  HB2  sing N N 294 
MET CB  HB3  sing N N 295 
MET CG  SD   sing N N 296 
MET CG  HG2  sing N N 297 
MET CG  HG3  sing N N 298 
MET SD  CE   sing N N 299 
MET CE  HE1  sing N N 300 
MET CE  HE2  sing N N 301 
MET CE  HE3  sing N N 302 
MET OXT HXT  sing N N 303 
PHE N   CA   sing N N 304 
PHE N   H    sing N N 305 
PHE N   H2   sing N N 306 
PHE CA  C    sing N N 307 
PHE CA  CB   sing N N 308 
PHE CA  HA   sing N N 309 
PHE C   O    doub N N 310 
PHE C   OXT  sing N N 311 
PHE CB  CG   sing N N 312 
PHE CB  HB2  sing N N 313 
PHE CB  HB3  sing N N 314 
PHE CG  CD1  doub Y N 315 
PHE CG  CD2  sing Y N 316 
PHE CD1 CE1  sing Y N 317 
PHE CD1 HD1  sing N N 318 
PHE CD2 CE2  doub Y N 319 
PHE CD2 HD2  sing N N 320 
PHE CE1 CZ   doub Y N 321 
PHE CE1 HE1  sing N N 322 
PHE CE2 CZ   sing Y N 323 
PHE CE2 HE2  sing N N 324 
PHE CZ  HZ   sing N N 325 
PHE OXT HXT  sing N N 326 
PRO N   CA   sing N N 327 
PRO N   CD   sing N N 328 
PRO N   H    sing N N 329 
PRO CA  C    sing N N 330 
PRO CA  CB   sing N N 331 
PRO CA  HA   sing N N 332 
PRO C   O    doub N N 333 
PRO C   OXT  sing N N 334 
PRO CB  CG   sing N N 335 
PRO CB  HB2  sing N N 336 
PRO CB  HB3  sing N N 337 
PRO CG  CD   sing N N 338 
PRO CG  HG2  sing N N 339 
PRO CG  HG3  sing N N 340 
PRO CD  HD2  sing N N 341 
PRO CD  HD3  sing N N 342 
PRO OXT HXT  sing N N 343 
SER N   CA   sing N N 344 
SER N   H    sing N N 345 
SER N   H2   sing N N 346 
SER CA  C    sing N N 347 
SER CA  CB   sing N N 348 
SER CA  HA   sing N N 349 
SER C   O    doub N N 350 
SER C   OXT  sing N N 351 
SER CB  OG   sing N N 352 
SER CB  HB2  sing N N 353 
SER CB  HB3  sing N N 354 
SER OG  HG   sing N N 355 
SER OXT HXT  sing N N 356 
THR N   CA   sing N N 357 
THR N   H    sing N N 358 
THR N   H2   sing N N 359 
THR CA  C    sing N N 360 
THR CA  CB   sing N N 361 
THR CA  HA   sing N N 362 
THR C   O    doub N N 363 
THR C   OXT  sing N N 364 
THR CB  OG1  sing N N 365 
THR CB  CG2  sing N N 366 
THR CB  HB   sing N N 367 
THR OG1 HG1  sing N N 368 
THR CG2 HG21 sing N N 369 
THR CG2 HG22 sing N N 370 
THR CG2 HG23 sing N N 371 
THR OXT HXT  sing N N 372 
TRP N   CA   sing N N 373 
TRP N   H    sing N N 374 
TRP N   H2   sing N N 375 
TRP CA  C    sing N N 376 
TRP CA  CB   sing N N 377 
TRP CA  HA   sing N N 378 
TRP C   O    doub N N 379 
TRP C   OXT  sing N N 380 
TRP CB  CG   sing N N 381 
TRP CB  HB2  sing N N 382 
TRP CB  HB3  sing N N 383 
TRP CG  CD1  doub Y N 384 
TRP CG  CD2  sing Y N 385 
TRP CD1 NE1  sing Y N 386 
TRP CD1 HD1  sing N N 387 
TRP CD2 CE2  doub Y N 388 
TRP CD2 CE3  sing Y N 389 
TRP NE1 CE2  sing Y N 390 
TRP NE1 HE1  sing N N 391 
TRP CE2 CZ2  sing Y N 392 
TRP CE3 CZ3  doub Y N 393 
TRP CE3 HE3  sing N N 394 
TRP CZ2 CH2  doub Y N 395 
TRP CZ2 HZ2  sing N N 396 
TRP CZ3 CH2  sing Y N 397 
TRP CZ3 HZ3  sing N N 398 
TRP CH2 HH2  sing N N 399 
TRP OXT HXT  sing N N 400 
TYR N   CA   sing N N 401 
TYR N   H    sing N N 402 
TYR N   H2   sing N N 403 
TYR CA  C    sing N N 404 
TYR CA  CB   sing N N 405 
TYR CA  HA   sing N N 406 
TYR C   O    doub N N 407 
TYR C   OXT  sing N N 408 
TYR CB  CG   sing N N 409 
TYR CB  HB2  sing N N 410 
TYR CB  HB3  sing N N 411 
TYR CG  CD1  doub Y N 412 
TYR CG  CD2  sing Y N 413 
TYR CD1 CE1  sing Y N 414 
TYR CD1 HD1  sing N N 415 
TYR CD2 CE2  doub Y N 416 
TYR CD2 HD2  sing N N 417 
TYR CE1 CZ   doub Y N 418 
TYR CE1 HE1  sing N N 419 
TYR CE2 CZ   sing Y N 420 
TYR CE2 HE2  sing N N 421 
TYR CZ  OH   sing N N 422 
TYR OH  HH   sing N N 423 
TYR OXT HXT  sing N N 424 
VAL N   CA   sing N N 425 
VAL N   H    sing N N 426 
VAL N   H2   sing N N 427 
VAL CA  C    sing N N 428 
VAL CA  CB   sing N N 429 
VAL CA  HA   sing N N 430 
VAL C   O    doub N N 431 
VAL C   OXT  sing N N 432 
VAL CB  CG1  sing N N 433 
VAL CB  CG2  sing N N 434 
VAL CB  HB   sing N N 435 
VAL CG1 HG11 sing N N 436 
VAL CG1 HG12 sing N N 437 
VAL CG1 HG13 sing N N 438 
VAL CG2 HG21 sing N N 439 
VAL CG2 HG22 sing N N 440 
VAL CG2 HG23 sing N N 441 
VAL OXT HXT  sing N N 442 
# 
_atom_sites.entry_id                    1BVD 
_atom_sites.fract_transf_matrix[1][1]   0.01798560 
_atom_sites.fract_transf_matrix[1][2]   0.01753607 
_atom_sites.fract_transf_matrix[1][3]   0.00056614 
_atom_sites.fract_transf_matrix[2][1]   -0.00531427 
_atom_sites.fract_transf_matrix[2][2]   0.00485637 
_atom_sites.fract_transf_matrix[2][3]   0.01840302 
_atom_sites.fract_transf_matrix[3][1]   0.00863274 
_atom_sites.fract_transf_matrix[3][2]   -0.00901129 
_atom_sites.fract_transf_matrix[3][3]   0.00487088 
_atom_sites.fract_transf_vector[1]      0.022913 
_atom_sites.fract_transf_vector[2]      0.468581 
_atom_sites.fract_transf_vector[3]      0.451658 
# 
loop_
_atom_type.symbol 
C 
N 
O 
S 
# 
loop_
_atom_site.group_PDB 
_atom_site.id 
_atom_site.type_symbol 
_atom_site.label_atom_id 
_atom_site.label_alt_id 
_atom_site.label_comp_id 
_atom_site.label_asym_id 
_atom_site.label_entity_id 
_atom_site.label_seq_id 
_atom_site.pdbx_PDB_ins_code 
_atom_site.Cartn_x 
_atom_site.Cartn_y 
_atom_site.Cartn_z 
_atom_site.occupancy 
_atom_site.B_iso_or_equiv 
_atom_site.pdbx_formal_charge 
_atom_site.auth_seq_id 
_atom_site.auth_comp_id 
_atom_site.auth_asym_id 
_atom_site.auth_atom_id 
_atom_site.pdbx_PDB_model_num 
ATOM   1    N N   . VAL A 1 1   ? 10.805  -1.625  15.611  1.00 21.44 ? 1   VAL A N   1 
ATOM   2    C CA  . VAL A 1 1   ? 11.505  -2.768  15.047  1.00 20.81 ? 1   VAL A CA  1 
ATOM   3    C C   . VAL A 1 1   ? 10.431  -3.832  15.240  1.00 19.54 ? 1   VAL A C   1 
ATOM   4    O O   . VAL A 1 1   ? 9.861   -3.838  16.351  1.00 19.58 ? 1   VAL A O   1 
ATOM   5    C CB  . VAL A 1 1   ? 12.709  -3.254  15.835  1.00 21.66 ? 1   VAL A CB  1 
ATOM   6    C CG1 . VAL A 1 1   ? 13.648  -4.111  14.968  1.00 21.55 ? 1   VAL A CG1 1 
ATOM   7    C CG2 . VAL A 1 1   ? 13.242  -1.989  16.530  1.00 23.67 ? 1   VAL A CG2 1 
ATOM   8    N N   . LEU A 1 2   ? 10.082  -4.624  14.257  1.00 17.78 ? 2   LEU A N   1 
ATOM   9    C CA  . LEU A 1 2   ? 9.086   -5.641  14.541  1.00 16.22 ? 2   LEU A CA  1 
ATOM   10   C C   . LEU A 1 2   ? 9.847   -6.872  14.999  1.00 15.52 ? 2   LEU A C   1 
ATOM   11   O O   . LEU A 1 2   ? 11.047  -7.086  14.706  1.00 15.89 ? 2   LEU A O   1 
ATOM   12   C CB  . LEU A 1 2   ? 8.258   -5.959  13.289  1.00 13.89 ? 2   LEU A CB  1 
ATOM   13   C CG  . LEU A 1 2   ? 7.238   -4.944  12.892  1.00 12.51 ? 2   LEU A CG  1 
ATOM   14   C CD1 . LEU A 1 2   ? 7.910   -3.673  12.346  1.00 12.91 ? 2   LEU A CD1 1 
ATOM   15   C CD2 . LEU A 1 2   ? 6.356   -5.572  11.815  1.00 13.23 ? 2   LEU A CD2 1 
ATOM   16   N N   . SER A 1 3   ? 9.149   -7.665  15.814  1.00 14.91 ? 3   SER A N   1 
ATOM   17   C CA  . SER A 1 3   ? 9.680   -8.936  16.235  1.00 14.65 ? 3   SER A CA  1 
ATOM   18   C C   . SER A 1 3   ? 9.545   -9.905  15.062  1.00 14.35 ? 3   SER A C   1 
ATOM   19   O O   . SER A 1 3   ? 8.784   -9.691  14.111  1.00 15.12 ? 3   SER A O   1 
ATOM   20   C CB  . SER A 1 3   ? 8.881   -9.467  17.427  1.00 14.37 ? 3   SER A CB  1 
ATOM   21   O OG  . SER A 1 3   ? 7.522   -9.685  17.097  1.00 13.04 ? 3   SER A OG  1 
ATOM   22   N N   . GLU A 1 4   ? 10.205  -11.041 15.179  1.00 14.30 ? 4   GLU A N   1 
ATOM   23   C CA  . GLU A 1 4   ? 10.076  -12.091 14.209  1.00 13.33 ? 4   GLU A CA  1 
ATOM   24   C C   . GLU A 1 4   ? 8.643   -12.648 14.117  1.00 12.48 ? 4   GLU A C   1 
ATOM   25   O O   . GLU A 1 4   ? 8.100   -12.793 13.028  1.00 12.05 ? 4   GLU A O   1 
ATOM   26   C CB  . GLU A 1 4   ? 11.122  -13.129 14.614  1.00 15.23 ? 4   GLU A CB  1 
ATOM   27   C CG  . GLU A 1 4   ? 11.160  -14.328 13.677  1.00 18.28 ? 4   GLU A CG  1 
ATOM   28   C CD  . GLU A 1 4   ? 11.004  -13.948 12.192  1.00 20.45 ? 4   GLU A CD  1 
ATOM   29   O OE1 . GLU A 1 4   ? 11.626  -12.969 11.721  1.00 21.21 ? 4   GLU A OE1 1 
ATOM   30   O OE2 . GLU A 1 4   ? 10.242  -14.627 11.466  1.00 20.77 ? 4   GLU A OE2 1 
ATOM   31   N N   . GLY A 1 5   ? 7.986   -12.794 15.264  1.00 11.24 ? 5   GLY A N   1 
ATOM   32   C CA  . GLY A 1 5   ? 6.595   -13.226 15.317  1.00 11.43 ? 5   GLY A CA  1 
ATOM   33   C C   . GLY A 1 5   ? 5.671   -12.198 14.684  1.00 10.57 ? 5   GLY A C   1 
ATOM   34   O O   . GLY A 1 5   ? 4.708   -12.574 14.021  1.00 10.83 ? 5   GLY A O   1 
ATOM   35   N N   . GLU A 1 6   ? 5.919   -10.889 14.863  1.00 10.39 ? 6   GLU A N   1 
ATOM   36   C CA  . GLU A 1 6   ? 5.117   -9.912  14.131  1.00 10.73 ? 6   GLU A CA  1 
ATOM   37   C C   . GLU A 1 6   ? 5.361   -9.965  12.615  1.00 9.75  ? 6   GLU A C   1 
ATOM   38   O O   . GLU A 1 6   ? 4.359   -9.880  11.857  1.00 9.72  ? 6   GLU A O   1 
ATOM   39   C CB  . GLU A 1 6   ? 5.380   -8.481  14.634  1.00 12.14 ? 6   GLU A CB  1 
ATOM   40   C CG  . GLU A 1 6   ? 4.682   -8.163  15.967  1.00 13.99 ? 6   GLU A CG  1 
ATOM   41   C CD  . GLU A 1 6   ? 5.428   -7.068  16.788  1.00 16.14 ? 6   GLU A CD  1 
ATOM   42   O OE1 . GLU A 1 6   ? 6.601   -6.697  16.535  1.00 15.55 ? 6   GLU A OE1 1 
ATOM   43   O OE2 . GLU A 1 6   ? 4.835   -6.569  17.746  1.00 17.63 ? 6   GLU A OE2 1 
ATOM   44   N N   . TRP A 1 7   ? 6.620   -10.170 12.127  1.00 9.59  ? 7   TRP A N   1 
ATOM   45   C CA  . TRP A 1 7   ? 6.838   -10.314 10.679  1.00 8.45  ? 7   TRP A CA  1 
ATOM   46   C C   . TRP A 1 7   ? 6.103   -11.582 10.152  1.00 8.57  ? 7   TRP A C   1 
ATOM   47   O O   . TRP A 1 7   ? 5.515   -11.618 9.067   1.00 8.09  ? 7   TRP A O   1 
ATOM   48   C CB  . TRP A 1 7   ? 8.338   -10.444 10.348  1.00 8.92  ? 7   TRP A CB  1 
ATOM   49   C CG  . TRP A 1 7   ? 9.072   -9.098  10.387  1.00 9.13  ? 7   TRP A CG  1 
ATOM   50   C CD1 . TRP A 1 7   ? 10.096  -8.875  11.272  1.00 10.05 ? 7   TRP A CD1 1 
ATOM   51   C CD2 . TRP A 1 7   ? 8.734   -7.995  9.639   1.00 9.37  ? 7   TRP A CD2 1 
ATOM   52   N NE1 . TRP A 1 7   ? 10.407  -7.621  11.054  1.00 10.78 ? 7   TRP A NE1 1 
ATOM   53   C CE2 . TRP A 1 7   ? 9.643   -7.047  10.108  1.00 8.90  ? 7   TRP A CE2 1 
ATOM   54   C CE3 . TRP A 1 7   ? 7.815   -7.709  8.639   1.00 8.98  ? 7   TRP A CE3 1 
ATOM   55   C CZ2 . TRP A 1 7   ? 9.589   -5.754  9.570   1.00 9.52  ? 7   TRP A CZ2 1 
ATOM   56   C CZ3 . TRP A 1 7   ? 7.740   -6.432  8.120   1.00 9.73  ? 7   TRP A CZ3 1 
ATOM   57   C CH2 . TRP A 1 7   ? 8.651   -5.463  8.576   1.00 9.24  ? 7   TRP A CH2 1 
ATOM   58   N N   . GLN A 1 8   ? 6.104   -12.663 10.932  1.00 8.44  ? 8   GLN A N   1 
ATOM   59   C CA  . GLN A 1 8   ? 5.389   -13.861 10.506  1.00 9.29  ? 8   GLN A CA  1 
ATOM   60   C C   . GLN A 1 8   ? 3.890   -13.625 10.365  1.00 9.28  ? 8   GLN A C   1 
ATOM   61   O O   . GLN A 1 8   ? 3.260   -14.170 9.416   1.00 9.20  ? 8   GLN A O   1 
ATOM   62   C CB  . GLN A 1 8   ? 5.567   -15.012 11.494  1.00 9.78  ? 8   GLN A CB  1 
ATOM   63   C CG  . GLN A 1 8   ? 7.003   -15.485 11.285  1.00 11.17 ? 8   GLN A CG  1 
ATOM   64   C CD  . GLN A 1 8   ? 7.408   -16.554 12.248  1.00 12.62 ? 8   GLN A CD  1 
ATOM   65   O OE1 . GLN A 1 8   ? 8.586   -16.850 12.468  1.00 12.89 ? 8   GLN A OE1 1 
ATOM   66   N NE2 . GLN A 1 8   ? 6.462   -17.178 12.937  1.00 12.99 ? 8   GLN A NE2 1 
ATOM   67   N N   . LEU A 1 9   ? 3.336   -12.813 11.282  1.00 8.11  ? 9   LEU A N   1 
ATOM   68   C CA  . LEU A 1 9   ? 1.905   -12.474 11.152  1.00 8.21  ? 9   LEU A CA  1 
ATOM   69   C C   . LEU A 1 9   ? 1.677   -11.669 9.906   1.00 8.25  ? 9   LEU A C   1 
ATOM   70   O O   . LEU A 1 9   ? 0.705   -11.912 9.145   1.00 8.70  ? 9   LEU A O   1 
ATOM   71   C CB  . LEU A 1 9   ? 1.373   -11.677 12.334  1.00 7.84  ? 9   LEU A CB  1 
ATOM   72   C CG  . LEU A 1 9   ? 1.213   -12.468 13.656  1.00 9.64  ? 9   LEU A CG  1 
ATOM   73   C CD1 . LEU A 1 9   ? 1.005   -11.472 14.844  1.00 8.85  ? 9   LEU A CD1 1 
ATOM   74   C CD2 . LEU A 1 9   ? 0.081   -13.517 13.474  1.00 8.49  ? 9   LEU A CD2 1 
ATOM   75   N N   . VAL A 1 10  ? 2.556   -10.697 9.647   1.00 7.85  ? 10  VAL A N   1 
ATOM   76   C CA  . VAL A 1 10  ? 2.442   -9.880  8.421   1.00 7.39  ? 10  VAL A CA  1 
ATOM   77   C C   . VAL A 1 10  ? 2.511   -10.754 7.117   1.00 6.78  ? 10  VAL A C   1 
ATOM   78   O O   . VAL A 1 10  ? 1.729   -10.631 6.165   1.00 7.49  ? 10  VAL A O   1 
ATOM   79   C CB  . VAL A 1 10  ? 3.618   -8.825  8.436   1.00 7.10  ? 10  VAL A CB  1 
ATOM   80   C CG1 . VAL A 1 10  ? 3.804   -8.206  7.048   1.00 8.30  ? 10  VAL A CG1 1 
ATOM   81   C CG2 . VAL A 1 10  ? 3.339   -7.793  9.536   1.00 6.89  ? 10  VAL A CG2 1 
ATOM   82   N N   . LEU A 1 11  ? 3.531   -11.645 7.088   1.00 6.95  ? 11  LEU A N   1 
ATOM   83   C CA  . LEU A 1 11  ? 3.757   -12.469 5.918   1.00 6.70  ? 11  LEU A CA  1 
ATOM   84   C C   . LEU A 1 11  ? 2.751   -13.598 5.754   1.00 7.75  ? 11  LEU A C   1 
ATOM   85   O O   . LEU A 1 11  ? 2.441   -14.043 4.645   1.00 7.16  ? 11  LEU A O   1 
ATOM   86   C CB  . LEU A 1 11  ? 5.128   -12.987 6.001   1.00 8.13  ? 11  LEU A CB  1 
ATOM   87   C CG  . LEU A 1 11  ? 6.203   -11.914 5.800   1.00 8.26  ? 11  LEU A CG  1 
ATOM   88   C CD1 . LEU A 1 11  ? 7.545   -12.635 5.841   1.00 8.93  ? 11  LEU A CD1 1 
ATOM   89   C CD2 . LEU A 1 11  ? 5.914   -11.080 4.555   1.00 8.97  ? 11  LEU A CD2 1 
ATOM   90   N N   . HIS A 1 12  ? 2.152   -14.000 6.881   1.00 7.62  ? 12  HIS A N   1 
ATOM   91   C CA  . HIS A 1 12  ? 1.070   -14.986 6.825   1.00 8.39  ? 12  HIS A CA  1 
ATOM   92   C C   . HIS A 1 12  ? -0.162  -14.385 6.117   1.00 8.54  ? 12  HIS A C   1 
ATOM   93   O O   . HIS A 1 12  ? -0.780  -15.068 5.269   1.00 9.08  ? 12  HIS A O   1 
ATOM   94   C CB  . HIS A 1 12  ? 0.662   -15.468 8.282   1.00 8.56  ? 12  HIS A CB  1 
ATOM   95   C CG  . HIS A 1 12  ? -0.514  -16.462 8.255   1.00 9.82  ? 12  HIS A CG  1 
ATOM   96   N ND1 . HIS A 1 12  ? -0.447  -17.733 7.831   1.00 10.67 ? 12  HIS A ND1 1 
ATOM   97   C CD2 . HIS A 1 12  ? -1.820  -16.165 8.600   1.00 10.60 ? 12  HIS A CD2 1 
ATOM   98   C CE1 . HIS A 1 12  ? -1.669  -18.202 7.911   1.00 10.42 ? 12  HIS A CE1 1 
ATOM   99   N NE2 . HIS A 1 12  ? -2.473  -17.264 8.364   1.00 9.22  ? 12  HIS A NE2 1 
ATOM   100  N N   . VAL A 1 13  ? -0.586  -13.144 6.449   1.00 7.74  ? 13  VAL A N   1 
ATOM   101  C CA  . VAL A 1 13  ? -1.775  -12.645 5.810   1.00 7.99  ? 13  VAL A CA  1 
ATOM   102  C C   . VAL A 1 13  ? -1.362  -12.247 4.410   1.00 8.27  ? 13  VAL A C   1 
ATOM   103  O O   . VAL A 1 13  ? -2.169  -12.401 3.499   1.00 7.62  ? 13  VAL A O   1 
ATOM   104  C CB  . VAL A 1 13  ? -2.457  -11.435 6.618   1.00 8.43  ? 13  VAL A CB  1 
ATOM   105  C CG1 . VAL A 1 13  ? -1.715  -10.137 6.509   1.00 9.41  ? 13  VAL A CG1 1 
ATOM   106  C CG2 . VAL A 1 13  ? -3.831  -11.189 6.029   1.00 8.20  ? 13  VAL A CG2 1 
ATOM   107  N N   . TRP A 1 14  ? -0.106  -11.788 4.168   1.00 8.31  ? 14  TRP A N   1 
ATOM   108  C CA  . TRP A 1 14  ? 0.265   -11.441 2.798   1.00 7.38  ? 14  TRP A CA  1 
ATOM   109  C C   . TRP A 1 14  ? 0.201   -12.640 1.829   1.00 7.68  ? 14  TRP A C   1 
ATOM   110  O O   . TRP A 1 14  ? -0.106  -12.490 0.637   1.00 8.17  ? 14  TRP A O   1 
ATOM   111  C CB  . TRP A 1 14  ? 1.687   -10.820 2.798   1.00 7.81  ? 14  TRP A CB  1 
ATOM   112  C CG  . TRP A 1 14  ? 1.868   -9.993  1.510   1.00 8.08  ? 14  TRP A CG  1 
ATOM   113  C CD1 . TRP A 1 14  ? 2.570   -10.460 0.401   1.00 9.66  ? 14  TRP A CD1 1 
ATOM   114  C CD2 . TRP A 1 14  ? 1.251   -8.790  1.302   1.00 7.91  ? 14  TRP A CD2 1 
ATOM   115  N NE1 . TRP A 1 14  ? 2.346   -9.493  -0.515  1.00 10.19 ? 14  TRP A NE1 1 
ATOM   116  C CE2 . TRP A 1 14  ? 1.580   -8.479  -0.024  1.00 8.88  ? 14  TRP A CE2 1 
ATOM   117  C CE3 . TRP A 1 14  ? 0.472   -7.959  2.128   1.00 8.21  ? 14  TRP A CE3 1 
ATOM   118  C CZ2 . TRP A 1 14  ? 1.080   -7.305  -0.594  1.00 8.95  ? 14  TRP A CZ2 1 
ATOM   119  C CZ3 . TRP A 1 14  ? -0.008  -6.787  1.533   1.00 9.16  ? 14  TRP A CZ3 1 
ATOM   120  C CH2 . TRP A 1 14  ? 0.301   -6.468  0.208   1.00 8.60  ? 14  TRP A CH2 1 
ATOM   121  N N   . ALA A 1 15  ? 0.472   -13.868 2.309   1.00 7.44  ? 15  ALA A N   1 
ATOM   122  C CA  . ALA A 1 15  ? 0.319   -15.039 1.457   1.00 7.46  ? 15  ALA A CA  1 
ATOM   123  C C   . ALA A 1 15  ? -1.108  -15.173 0.957   1.00 7.48  ? 15  ALA A C   1 
ATOM   124  O O   . ALA A 1 15  ? -1.299  -15.517 -0.205  1.00 8.19  ? 15  ALA A O   1 
ATOM   125  C CB  . ALA A 1 15  ? 0.663   -16.322 2.181   1.00 8.36  ? 15  ALA A CB  1 
ATOM   126  N N   . LYS A 1 16  ? -2.082  -14.761 1.764   1.00 7.46  ? 16  LYS A N   1 
ATOM   127  C CA  . LYS A 1 16  ? -3.465  -14.737 1.309   1.00 8.53  ? 16  LYS A CA  1 
ATOM   128  C C   . LYS A 1 16  ? -3.731  -13.730 0.202   1.00 8.63  ? 16  LYS A C   1 
ATOM   129  O O   . LYS A 1 16  ? -4.482  -13.952 -0.763  1.00 8.91  ? 16  LYS A O   1 
ATOM   130  C CB  . LYS A 1 16  ? -4.334  -14.438 2.490   1.00 9.26  ? 16  LYS A CB  1 
ATOM   131  C CG  . LYS A 1 16  ? -4.109  -15.394 3.662   1.00 11.58 ? 16  LYS A CG  1 
ATOM   132  C CD  . LYS A 1 16  ? -4.700  -16.756 3.324   1.00 13.96 ? 16  LYS A CD  1 
ATOM   133  C CE  . LYS A 1 16  ? -4.662  -17.579 4.582   1.00 16.21 ? 16  LYS A CE  1 
ATOM   134  N NZ  . LYS A 1 16  ? -4.711  -19.008 4.262   1.00 18.29 ? 16  LYS A NZ  1 
ATOM   135  N N   . VAL A 1 17  ? -3.003  -12.601 0.284   1.00 7.75  ? 17  VAL A N   1 
ATOM   136  C CA  . VAL A 1 17  ? -3.059  -11.553 -0.738  1.00 7.91  ? 17  VAL A CA  1 
ATOM   137  C C   . VAL A 1 17  ? -2.542  -12.038 -2.062  1.00 7.89  ? 17  VAL A C   1 
ATOM   138  O O   . VAL A 1 17  ? -3.120  -11.795 -3.106  1.00 8.08  ? 17  VAL A O   1 
ATOM   139  C CB  . VAL A 1 17  ? -2.240  -10.279 -0.330  1.00 7.27  ? 17  VAL A CB  1 
ATOM   140  C CG1 . VAL A 1 17  ? -2.239  -9.222  -1.468  1.00 8.43  ? 17  VAL A CG1 1 
ATOM   141  C CG2 . VAL A 1 17  ? -2.921  -9.602  0.871   1.00 7.58  ? 17  VAL A CG2 1 
ATOM   142  N N   . GLU A 1 18  ? -1.499  -12.831 -1.915  1.00 8.15  ? 18  GLU A N   1 
ATOM   143  C CA  . GLU A 1 18  ? -0.805  -13.354 -3.098  1.00 8.86  ? 18  GLU A CA  1 
ATOM   144  C C   . GLU A 1 18  ? -1.595  -14.364 -3.905  1.00 8.96  ? 18  GLU A C   1 
ATOM   145  O O   . GLU A 1 18  ? -1.185  -14.566 -5.050  1.00 8.99  ? 18  GLU A O   1 
ATOM   146  C CB  . GLU A 1 18  ? 0.497   -13.992 -2.720  1.00 9.86  ? 18  GLU A CB  1 
ATOM   147  C CG  . GLU A 1 18  ? 1.523   -12.953 -2.281  1.00 12.60 ? 18  GLU A CG  1 
ATOM   148  C CD  . GLU A 1 18  ? 2.698   -13.750 -1.719  1.00 14.74 ? 18  GLU A CD  1 
ATOM   149  O OE1 . GLU A 1 18  ? 2.620   -14.174 -0.536  1.00 18.83 ? 18  GLU A OE1 1 
ATOM   150  O OE2 . GLU A 1 18  ? 3.662   -13.925 -2.415  1.00 16.13 ? 18  GLU A OE2 1 
ATOM   151  N N   . ALA A 1 19  ? -2.698  -14.880 -3.342  1.00 8.31  ? 19  ALA A N   1 
ATOM   152  C CA  . ALA A 1 19  ? -3.525  -15.831 -4.050  1.00 8.73  ? 19  ALA A CA  1 
ATOM   153  C C   . ALA A 1 19  ? -4.240  -15.030 -5.133  1.00 8.54  ? 19  ALA A C   1 
ATOM   154  O O   . ALA A 1 19  ? -4.588  -15.573 -6.197  1.00 8.49  ? 19  ALA A O   1 
ATOM   155  C CB  . ALA A 1 19  ? -4.576  -16.495 -3.120  1.00 7.44  ? 19  ALA A CB  1 
ATOM   156  N N   . ASP A 1 20  ? -4.463  -13.716 -4.919  1.00 8.27  ? 20  ASP A N   1 
ATOM   157  C CA  . ASP A 1 20  ? -5.081  -12.969 -6.020  1.00 8.60  ? 20  ASP A CA  1 
ATOM   158  C C   . ASP A 1 20  ? -4.695  -11.498 -5.839  1.00 7.49  ? 20  ASP A C   1 
ATOM   159  O O   . ASP A 1 20  ? -5.510  -10.709 -5.299  1.00 7.42  ? 20  ASP A O   1 
ATOM   160  C CB  . ASP A 1 20  ? -6.609  -13.057 -6.011  1.00 7.90  ? 20  ASP A CB  1 
ATOM   161  C CG  . ASP A 1 20  ? -7.272  -12.281 -7.152  1.00 10.03 ? 20  ASP A CG  1 
ATOM   162  O OD1 . ASP A 1 20  ? -6.632  -11.650 -8.008  1.00 10.00 ? 20  ASP A OD1 1 
ATOM   163  O OD2 . ASP A 1 20  ? -8.493  -12.252 -7.119  1.00 11.48 ? 20  ASP A OD2 1 
ATOM   164  N N   . VAL A 1 21  ? -3.509  -11.185 -6.415  1.00 6.36  ? 21  VAL A N   1 
ATOM   165  C CA  . VAL A 1 21  ? -2.931  -9.902  -6.183  1.00 6.23  ? 21  VAL A CA  1 
ATOM   166  C C   . VAL A 1 21  ? -3.778  -8.840  -6.833  1.00 6.21  ? 21  VAL A C   1 
ATOM   167  O O   . VAL A 1 21  ? -4.010  -7.811  -6.222  1.00 6.71  ? 21  VAL A O   1 
ATOM   168  C CB  . VAL A 1 21  ? -1.477  -9.864  -6.721  1.00 6.49  ? 21  VAL A CB  1 
ATOM   169  C CG1 . VAL A 1 21  ? -0.920  -8.394  -6.518  1.00 7.63  ? 21  VAL A CG1 1 
ATOM   170  C CG2 . VAL A 1 21  ? -0.554  -10.827 -5.908  1.00 7.11  ? 21  VAL A CG2 1 
ATOM   171  N N   . ALA A 1 22  ? -4.304  -9.081  -8.050  1.00 6.17  ? 22  ALA A N   1 
ATOM   172  C CA  . ALA A 1 22  ? -5.085  -8.060  -8.762  1.00 6.67  ? 22  ALA A CA  1 
ATOM   173  C C   . ALA A 1 22  ? -6.416  -7.703  -8.090  1.00 6.57  ? 22  ALA A C   1 
ATOM   174  O O   . ALA A 1 22  ? -6.854  -6.579  -8.074  1.00 6.06  ? 22  ALA A O   1 
ATOM   175  C CB  . ALA A 1 22  ? -5.337  -8.550  -10.221 1.00 6.99  ? 22  ALA A CB  1 
ATOM   176  N N   . GLY A 1 23  ? -7.051  -8.733  -7.444  1.00 7.40  ? 23  GLY A N   1 
ATOM   177  C CA  . GLY A 1 23  ? -8.397  -8.576  -6.811  1.00 6.89  ? 23  GLY A CA  1 
ATOM   178  C C   . GLY A 1 23  ? -8.271  -7.736  -5.567  1.00 6.61  ? 23  GLY A C   1 
ATOM   179  O O   . GLY A 1 23  ? -9.009  -6.809  -5.314  1.00 7.13  ? 23  GLY A O   1 
ATOM   180  N N   . HIS A 1 24  ? -7.207  -8.065  -4.839  1.00 6.45  ? 24  HIS A N   1 
ATOM   181  C CA  . HIS A 1 24  ? -6.819  -7.317  -3.639  1.00 6.21  ? 24  HIS A CA  1 
ATOM   182  C C   . HIS A 1 24  ? -6.422  -5.910  -4.044  1.00 6.41  ? 24  HIS A C   1 
ATOM   183  O O   . HIS A 1 24  ? -6.896  -4.997  -3.397  1.00 6.45  ? 24  HIS A O   1 
ATOM   184  C CB  . HIS A 1 24  ? -5.625  -7.991  -2.905  1.00 7.34  ? 24  HIS A CB  1 
ATOM   185  C CG  . HIS A 1 24  ? -6.105  -9.277  -2.193  1.00 7.78  ? 24  HIS A CG  1 
ATOM   186  N ND1 . HIS A 1 24  ? -6.275  -10.494 -2.729  1.00 7.69  ? 24  HIS A ND1 1 
ATOM   187  C CD2 . HIS A 1 24  ? -6.502  -9.361  -0.864  1.00 8.23  ? 24  HIS A CD2 1 
ATOM   188  C CE1 . HIS A 1 24  ? -6.751  -11.324 -1.804  1.00 8.95  ? 24  HIS A CE1 1 
ATOM   189  N NE2 . HIS A 1 24  ? -6.894  -10.627 -0.684  1.00 8.24  ? 24  HIS A NE2 1 
ATOM   190  N N   . GLY A 1 25  ? -5.694  -5.730  -5.153  1.00 6.22  ? 25  GLY A N   1 
ATOM   191  C CA  . GLY A 1 25  ? -5.248  -4.387  -5.577  1.00 6.19  ? 25  GLY A CA  1 
ATOM   192  C C   . GLY A 1 25  ? -6.427  -3.529  -5.956  1.00 7.18  ? 25  GLY A C   1 
ATOM   193  O O   . GLY A 1 25  ? -6.510  -2.340  -5.612  1.00 7.21  ? 25  GLY A O   1 
ATOM   194  N N   . GLN A 1 26  ? -7.414  -4.102  -6.627  1.00 6.76  ? 26  GLN A N   1 
ATOM   195  C CA  . GLN A 1 26  ? -8.583  -3.319  -7.017  1.00 6.83  ? 26  GLN A CA  1 
ATOM   196  C C   . GLN A 1 26  ? -9.341  -2.910  -5.762  1.00 7.35  ? 26  GLN A C   1 
ATOM   197  O O   . GLN A 1 26  ? -9.847  -1.783  -5.636  1.00 7.72  ? 26  GLN A O   1 
ATOM   198  C CB  . GLN A 1 26  ? -9.600  -4.128  -7.883  1.00 7.97  ? 26  GLN A CB  1 
ATOM   199  C CG  . GLN A 1 26  ? -9.186  -4.328  -9.334  1.00 9.48  ? 26  GLN A CG  1 
ATOM   200  C CD  . GLN A 1 26  ? -10.015 -5.461  -10.014 1.00 10.46 ? 26  GLN A CD  1 
ATOM   201  O OE1 . GLN A 1 26  ? -10.557 -5.356  -11.137 1.00 11.39 ? 26  GLN A OE1 1 
ATOM   202  N NE2 . GLN A 1 26  ? -10.089 -6.575  -9.243  1.00 9.06  ? 26  GLN A NE2 1 
ATOM   203  N N   . ASP A 1 27  ? -9.505  -3.839  -4.827  1.00 7.60  ? 27  ASP A N   1 
ATOM   204  C CA  . ASP A 1 27  ? -10.266 -3.467  -3.645  1.00 8.26  ? 27  ASP A CA  1 
ATOM   205  C C   . ASP A 1 27  ? -9.556  -2.414  -2.821  1.00 7.35  ? 27  ASP A C   1 
ATOM   206  O O   . ASP A 1 27  ? -10.218 -1.507  -2.326  1.00 7.71  ? 27  ASP A O   1 
ATOM   207  C CB  . ASP A 1 27  ? -10.560 -4.731  -2.751  1.00 9.50  ? 27  ASP A CB  1 
ATOM   208  C CG  . ASP A 1 27  ? -11.659 -5.672  -3.307  1.00 10.75 ? 27  ASP A CG  1 
ATOM   209  O OD1 . ASP A 1 27  ? -12.317 -5.386  -4.333  1.00 12.57 ? 27  ASP A OD1 1 
ATOM   210  O OD2 . ASP A 1 27  ? -11.827 -6.662  -2.609  1.00 12.63 ? 27  ASP A OD2 1 
ATOM   211  N N   . ILE A 1 28  ? -8.231  -2.516  -2.693  1.00 7.34  ? 28  ILE A N   1 
ATOM   212  C CA  . ILE A 1 28  ? -7.474  -1.531  -1.933  1.00 7.34  ? 28  ILE A CA  1 
ATOM   213  C C   . ILE A 1 28  ? -7.552  -0.200  -2.614  1.00 7.31  ? 28  ILE A C   1 
ATOM   214  O O   . ILE A 1 28  ? -7.865  0.794   -1.911  1.00 7.73  ? 28  ILE A O   1 
ATOM   215  C CB  . ILE A 1 28  ? -6.046  -1.974  -1.806  1.00 7.60  ? 28  ILE A CB  1 
ATOM   216  C CG1 . ILE A 1 28  ? -6.039  -3.146  -0.777  1.00 7.32  ? 28  ILE A CG1 1 
ATOM   217  C CG2 . ILE A 1 28  ? -5.095  -0.780  -1.357  1.00 7.42  ? 28  ILE A CG2 1 
ATOM   218  C CD1 . ILE A 1 28  ? -4.742  -3.995  -0.650  1.00 7.28  ? 28  ILE A CD1 1 
ATOM   219  N N   . LEU A 1 29  ? -7.338  -0.108  -3.921  1.00 7.32  ? 29  LEU A N   1 
ATOM   220  C CA  . LEU A 1 29  ? -7.426  1.203   -4.516  1.00 7.38  ? 29  LEU A CA  1 
ATOM   221  C C   . LEU A 1 29  ? -8.854  1.703   -4.515  1.00 8.64  ? 29  LEU A C   1 
ATOM   222  O O   . LEU A 1 29  ? -9.088  2.901   -4.282  1.00 9.81  ? 29  LEU A O   1 
ATOM   223  C CB  . LEU A 1 29  ? -6.954  1.199   -5.930  1.00 7.92  ? 29  LEU A CB  1 
ATOM   224  C CG  . LEU A 1 29  ? -5.488  0.847   -6.116  1.00 7.43  ? 29  LEU A CG  1 
ATOM   225  C CD1 . LEU A 1 29  ? -5.195  0.630   -7.606  1.00 6.62  ? 29  LEU A CD1 1 
ATOM   226  C CD2 . LEU A 1 29  ? -4.644  2.019   -5.579  1.00 7.47  ? 29  LEU A CD2 1 
ATOM   227  N N   . ILE A 1 30  ? -9.894  0.853   -4.663  1.00 9.05  ? 30  ILE A N   1 
ATOM   228  C CA  . ILE A 1 30  ? -11.269 1.359   -4.683  1.00 10.64 ? 30  ILE A CA  1 
ATOM   229  C C   . ILE A 1 30  ? -11.678 1.954   -3.325  1.00 10.68 ? 30  ILE A C   1 
ATOM   230  O O   . ILE A 1 30  ? -12.306 3.019   -3.279  1.00 11.67 ? 30  ILE A O   1 
ATOM   231  C CB  . ILE A 1 30  ? -12.183 0.212   -5.143  1.00 10.62 ? 30  ILE A CB  1 
ATOM   232  C CG1 . ILE A 1 30  ? -12.030 0.041   -6.641  1.00 10.84 ? 30  ILE A CG1 1 
ATOM   233  C CG2 . ILE A 1 30  ? -13.612 0.494   -4.691  1.00 11.16 ? 30  ILE A CG2 1 
ATOM   234  C CD1 . ILE A 1 30  ? -12.900 -1.183  -6.992  1.00 11.99 ? 30  ILE A CD1 1 
ATOM   235  N N   . ARG A 1 31  ? -11.198 1.314   -2.244  1.00 10.71 ? 31  ARG A N   1 
ATOM   236  C CA  . ARG A 1 31  ? -11.433 1.794   -0.865  1.00 11.41 ? 31  ARG A CA  1 
ATOM   237  C C   . ARG A 1 31  ? -10.707 3.156   -0.658  1.00 10.82 ? 31  ARG A C   1 
ATOM   238  O O   . ARG A 1 31  ? -11.286 4.134   -0.186  1.00 11.48 ? 31  ARG A O   1 
ATOM   239  C CB  . ARG A 1 31  ? -10.919 0.649   0.005   1.00 12.50 ? 31  ARG A CB  1 
ATOM   240  C CG  . ARG A 1 31  ? -10.829 0.977   1.484   1.00 16.70 ? 31  ARG A CG  1 
ATOM   241  C CD  . ARG A 1 31  ? -12.214 1.085   2.131   1.00 18.90 ? 31  ARG A CD  1 
ATOM   242  N NE  . ARG A 1 31  ? -12.131 1.724   3.443   1.00 20.27 ? 31  ARG A NE  1 
ATOM   243  C CZ  . ARG A 1 31  ? -13.281 1.949   4.108   1.00 21.07 ? 31  ARG A CZ  1 
ATOM   244  N NH1 . ARG A 1 31  ? -14.483 1.555   3.651   1.00 21.30 ? 31  ARG A NH1 1 
ATOM   245  N NH2 . ARG A 1 31  ? -13.166 2.654   5.253   1.00 21.79 ? 31  ARG A NH2 1 
ATOM   246  N N   . LEU A 1 32  ? -9.423  3.239   -1.091  1.00 10.31 ? 32  LEU A N   1 
ATOM   247  C CA  . LEU A 1 32  ? -8.659  4.498   -1.034  1.00 9.74  ? 32  LEU A CA  1 
ATOM   248  C C   . LEU A 1 32  ? -9.372  5.625   -1.791  1.00 9.53  ? 32  LEU A C   1 
ATOM   249  O O   . LEU A 1 32  ? -9.545  6.721   -1.239  1.00 10.10 ? 32  LEU A O   1 
ATOM   250  C CB  . LEU A 1 32  ? -7.280  4.268   -1.614  1.00 8.49  ? 32  LEU A CB  1 
ATOM   251  C CG  . LEU A 1 32  ? -6.517  5.554   -1.725  1.00 7.95  ? 32  LEU A CG  1 
ATOM   252  C CD1 . LEU A 1 32  ? -6.178  6.044   -0.296  1.00 7.66  ? 32  LEU A CD1 1 
ATOM   253  C CD2 . LEU A 1 32  ? -5.324  5.344   -2.700  1.00 7.70  ? 32  LEU A CD2 1 
ATOM   254  N N   . PHE A 1 33  ? -9.862  5.311   -2.994  1.00 10.43 ? 33  PHE A N   1 
ATOM   255  C CA  . PHE A 1 33  ? -10.425 6.355   -3.862  1.00 12.07 ? 33  PHE A CA  1 
ATOM   256  C C   . PHE A 1 33  ? -11.790 6.794   -3.364  1.00 13.53 ? 33  PHE A C   1 
ATOM   257  O O   . PHE A 1 33  ? -12.163 7.963   -3.554  1.00 14.59 ? 33  PHE A O   1 
ATOM   258  C CB  . PHE A 1 33  ? -10.574 5.890   -5.298  1.00 10.77 ? 33  PHE A CB  1 
ATOM   259  C CG  . PHE A 1 33  ? -9.193  5.666   -5.960  1.00 10.68 ? 33  PHE A CG  1 
ATOM   260  C CD1 . PHE A 1 33  ? -8.046  6.402   -5.595  1.00 9.90  ? 33  PHE A CD1 1 
ATOM   261  C CD2 . PHE A 1 33  ? -9.057  4.685   -6.909  1.00 8.80  ? 33  PHE A CD2 1 
ATOM   262  C CE1 . PHE A 1 33  ? -6.848  6.130   -6.176  1.00 9.66  ? 33  PHE A CE1 1 
ATOM   263  C CE2 . PHE A 1 33  ? -7.836  4.431   -7.484  1.00 8.65  ? 33  PHE A CE2 1 
ATOM   264  C CZ  . PHE A 1 33  ? -6.738  5.152   -7.119  1.00 9.41  ? 33  PHE A CZ  1 
ATOM   265  N N   . LYS A 1 34  ? -12.496 5.847   -2.709  1.00 14.31 ? 34  LYS A N   1 
ATOM   266  C CA  . LYS A 1 34  ? -13.792 6.205   -2.175  1.00 15.10 ? 34  LYS A CA  1 
ATOM   267  C C   . LYS A 1 34  ? -13.508 6.950   -0.852  1.00 15.88 ? 34  LYS A C   1 
ATOM   268  O O   . LYS A 1 34  ? -14.204 7.940   -0.534  1.00 17.28 ? 34  LYS A O   1 
ATOM   269  C CB  . LYS A 1 34  ? -14.639 4.934   -1.891  1.00 16.28 ? 34  LYS A CB  1 
ATOM   270  N N   . SER A 1 35  ? -12.558 6.570   -0.021  1.00 15.19 ? 35  SER A N   1 
ATOM   271  C CA  . SER A 1 35  ? -12.379 7.231   1.256   1.00 15.13 ? 35  SER A CA  1 
ATOM   272  C C   . SER A 1 35  ? -11.744 8.609   1.101   1.00 14.39 ? 35  SER A C   1 
ATOM   273  O O   . SER A 1 35  ? -11.965 9.508   1.921   1.00 14.59 ? 35  SER A O   1 
ATOM   274  C CB  . SER A 1 35  ? -11.497 6.434   2.142   1.00 15.86 ? 35  SER A CB  1 
ATOM   275  O OG  . SER A 1 35  ? -12.025 5.138   2.396   1.00 19.55 ? 35  SER A OG  1 
ATOM   276  N N   . HIS A 1 36  ? -10.876 8.756   0.092   1.00 14.17 ? 36  HIS A N   1 
ATOM   277  C CA  . HIS A 1 36  ? -10.084 9.955   -0.107  1.00 13.31 ? 36  HIS A CA  1 
ATOM   278  C C   . HIS A 1 36  ? -10.066 10.243  -1.557  1.00 13.27 ? 36  HIS A C   1 
ATOM   279  O O   . HIS A 1 36  ? -9.057  9.994   -2.201  1.00 13.80 ? 36  HIS A O   1 
ATOM   280  C CB  . HIS A 1 36  ? -8.677  9.735   0.350   1.00 13.50 ? 36  HIS A CB  1 
ATOM   281  C CG  . HIS A 1 36  ? -8.703  9.335   1.786   1.00 14.26 ? 36  HIS A CG  1 
ATOM   282  N ND1 . HIS A 1 36  ? -8.923  10.213  2.744   1.00 15.21 ? 36  HIS A ND1 1 
ATOM   283  C CD2 . HIS A 1 36  ? -8.520  8.087   2.315   1.00 14.73 ? 36  HIS A CD2 1 
ATOM   284  C CE1 . HIS A 1 36  ? -8.891  9.562   3.891   1.00 15.25 ? 36  HIS A CE1 1 
ATOM   285  N NE2 . HIS A 1 36  ? -8.635  8.292   3.625   1.00 15.23 ? 36  HIS A NE2 1 
ATOM   286  N N   . PRO A 1 37  ? -11.137 10.762  -2.168  1.00 14.04 ? 37  PRO A N   1 
ATOM   287  C CA  . PRO A 1 37  ? -11.289 10.999  -3.630  1.00 14.06 ? 37  PRO A CA  1 
ATOM   288  C C   . PRO A 1 37  ? -10.178 11.808  -4.283  1.00 13.68 ? 37  PRO A C   1 
ATOM   289  O O   . PRO A 1 37  ? -9.784  11.664  -5.452  1.00 14.36 ? 37  PRO A O   1 
ATOM   290  C CB  . PRO A 1 37  ? -12.603 11.715  -3.787  1.00 14.88 ? 37  PRO A CB  1 
ATOM   291  C CG  . PRO A 1 37  ? -13.371 11.055  -2.644  1.00 13.90 ? 37  PRO A CG  1 
ATOM   292  C CD  . PRO A 1 37  ? -12.389 11.126  -1.464  1.00 14.53 ? 37  PRO A CD  1 
ATOM   293  N N   . GLU A 1 38  ? -9.623  12.686  -3.444  1.00 14.93 ? 38  GLU A N   1 
ATOM   294  C CA  . GLU A 1 38  ? -8.572  13.557  -3.937  1.00 14.88 ? 38  GLU A CA  1 
ATOM   295  C C   . GLU A 1 38  ? -7.388  12.668  -4.368  1.00 14.10 ? 38  GLU A C   1 
ATOM   296  O O   . GLU A 1 38  ? -6.744  13.084  -5.337  1.00 14.90 ? 38  GLU A O   1 
ATOM   297  C CB  . GLU A 1 38  ? -8.118  14.563  -2.844  1.00 16.80 ? 38  GLU A CB  1 
ATOM   298  C CG  . GLU A 1 38  ? -7.308  13.912  -1.680  1.00 19.68 ? 38  GLU A CG  1 
ATOM   299  C CD  . GLU A 1 38  ? -8.244  13.492  -0.510  1.00 21.01 ? 38  GLU A CD  1 
ATOM   300  O OE1 . GLU A 1 38  ? -9.486  13.345  -0.693  1.00 22.00 ? 38  GLU A OE1 1 
ATOM   301  O OE2 . GLU A 1 38  ? -7.728  13.301  0.623   1.00 22.90 ? 38  GLU A OE2 1 
ATOM   302  N N   . THR A 1 39  ? -7.104  11.479  -3.804  1.00 12.89 ? 39  THR A N   1 
ATOM   303  C CA  . THR A 1 39  ? -5.935  10.727  -4.284  1.00 12.29 ? 39  THR A CA  1 
ATOM   304  C C   . THR A 1 39  ? -6.133  10.202  -5.719  1.00 12.14 ? 39  THR A C   1 
ATOM   305  O O   . THR A 1 39  ? -5.130  9.941   -6.404  1.00 11.66 ? 39  THR A O   1 
ATOM   306  C CB  . THR A 1 39  ? -5.649  9.535   -3.320  1.00 12.61 ? 39  THR A CB  1 
ATOM   307  O OG1 . THR A 1 39  ? -6.887  8.757   -3.289  1.00 12.20 ? 39  THR A OG1 1 
ATOM   308  C CG2 . THR A 1 39  ? -5.371  9.994   -1.856  1.00 11.46 ? 39  THR A CG2 1 
ATOM   309  N N   . LEU A 1 40  ? -7.406  10.035  -6.183  1.00 11.72 ? 40  LEU A N   1 
ATOM   310  C CA  . LEU A 1 40  ? -7.700  9.499   -7.487  1.00 12.38 ? 40  LEU A CA  1 
ATOM   311  C C   . LEU A 1 40  ? -7.147  10.496  -8.544  1.00 12.70 ? 40  LEU A C   1 
ATOM   312  O O   . LEU A 1 40  ? -6.832  10.064  -9.694  1.00 12.95 ? 40  LEU A O   1 
ATOM   313  C CB  . LEU A 1 40  ? -9.247  9.325   -7.630  1.00 12.21 ? 40  LEU A CB  1 
ATOM   314  C CG  . LEU A 1 40  ? -9.818  8.814   -8.983  1.00 12.35 ? 40  LEU A CG  1 
ATOM   315  C CD1 . LEU A 1 40  ? -9.153  7.480   -9.345  1.00 12.75 ? 40  LEU A CD1 1 
ATOM   316  C CD2 . LEU A 1 40  ? -11.347 8.765   -8.911  1.00 12.80 ? 40  LEU A CD2 1 
ATOM   317  N N   . GLU A 1 41  ? -6.971  11.804  -8.145  1.00 13.10 ? 41  GLU A N   1 
ATOM   318  C CA  . GLU A 1 41  ? -6.481  12.799  -9.102  1.00 13.69 ? 41  GLU A CA  1 
ATOM   319  C C   . GLU A 1 41  ? -5.066  12.505  -9.660  1.00 14.09 ? 41  GLU A C   1 
ATOM   320  O O   . GLU A 1 41  ? -4.751  12.919  -10.780 1.00 14.67 ? 41  GLU A O   1 
ATOM   321  C CB  . GLU A 1 41  ? -6.462  14.126  -8.430  1.00 14.08 ? 41  GLU A CB  1 
ATOM   322  C CG  . GLU A 1 41  ? -7.798  14.750  -8.332  1.00 15.41 ? 41  GLU A CG  1 
ATOM   323  C CD  . GLU A 1 41  ? -7.821  15.942  -7.384  1.00 17.16 ? 41  GLU A CD  1 
ATOM   324  O OE1 . GLU A 1 41  ? -6.846  16.734  -7.348  1.00 18.41 ? 41  GLU A OE1 1 
ATOM   325  O OE2 . GLU A 1 41  ? -8.850  16.066  -6.698  1.00 17.33 ? 41  GLU A OE2 1 
ATOM   326  N N   . LYS A 1 42  ? -4.197  11.762  -8.912  1.00 13.58 ? 42  LYS A N   1 
ATOM   327  C CA  . LYS A 1 42  ? -2.833  11.427  -9.369  1.00 13.83 ? 42  LYS A CA  1 
ATOM   328  C C   . LYS A 1 42  ? -2.833  10.449  -10.546 1.00 14.13 ? 42  LYS A C   1 
ATOM   329  O O   . LYS A 1 42  ? -1.771  10.056  -11.116 1.00 14.53 ? 42  LYS A O   1 
ATOM   330  C CB  . LYS A 1 42  ? -2.093  10.853  -8.127  1.00 14.06 ? 42  LYS A CB  1 
ATOM   331  C CG  . LYS A 1 42  ? -2.000  11.823  -6.949  1.00 14.78 ? 42  LYS A CG  1 
ATOM   332  C CD  . LYS A 1 42  ? -0.747  12.729  -7.229  1.00 16.41 ? 42  LYS A CD  1 
ATOM   333  C CE  . LYS A 1 42  ? -0.443  13.921  -6.241  1.00 16.49 ? 42  LYS A CE  1 
ATOM   334  N NZ  . LYS A 1 42  ? 0.740   14.714  -6.677  1.00 15.76 ? 42  LYS A NZ  1 
ATOM   335  N N   . PHE A 1 43  ? -4.002  9.924   -10.889 1.00 12.67 ? 43  PHE A N   1 
ATOM   336  C CA  . PHE A 1 43  ? -4.039  8.873   -11.881 1.00 13.16 ? 43  PHE A CA  1 
ATOM   337  C C   . PHE A 1 43  ? -4.788  9.299   -13.102 1.00 14.13 ? 43  PHE A C   1 
ATOM   338  O O   . PHE A 1 43  ? -5.998  9.077   -13.252 1.00 15.01 ? 43  PHE A O   1 
ATOM   339  C CB  . PHE A 1 43  ? -4.682  7.608   -11.294 1.00 10.87 ? 43  PHE A CB  1 
ATOM   340  C CG  . PHE A 1 43  ? -3.848  7.048   -10.142 1.00 10.06 ? 43  PHE A CG  1 
ATOM   341  C CD1 . PHE A 1 43  ? -2.766  6.212   -10.416 1.00 9.09  ? 43  PHE A CD1 1 
ATOM   342  C CD2 . PHE A 1 43  ? -4.185  7.375   -8.813  1.00 9.54  ? 43  PHE A CD2 1 
ATOM   343  C CE1 . PHE A 1 43  ? -2.011  5.699   -9.371  1.00 8.69  ? 43  PHE A CE1 1 
ATOM   344  C CE2 . PHE A 1 43  ? -3.430  6.852   -7.764  1.00 9.44  ? 43  PHE A CE2 1 
ATOM   345  C CZ  . PHE A 1 43  ? -2.339  6.023   -8.057  1.00 8.52  ? 43  PHE A CZ  1 
ATOM   346  N N   . ASP A 1 44  ? -4.080  9.793   -14.054 1.00 15.38 ? 44  ASP A N   1 
ATOM   347  C CA  . ASP A 1 44  ? -4.730  10.218  -15.249 1.00 16.94 ? 44  ASP A CA  1 
ATOM   348  C C   . ASP A 1 44  ? -5.485  9.185   -16.077 1.00 17.16 ? 44  ASP A C   1 
ATOM   349  O O   . ASP A 1 44  ? -6.437  9.516   -16.804 1.00 17.43 ? 44  ASP A O   1 
ATOM   350  C CB  . ASP A 1 44  ? -3.716  10.878  -16.021 1.00 19.76 ? 44  ASP A CB  1 
ATOM   351  C CG  . ASP A 1 44  ? -3.580  12.356  -15.611 1.00 21.94 ? 44  ASP A CG  1 
ATOM   352  O OD1 . ASP A 1 44  ? -3.806  12.854  -14.455 1.00 22.43 ? 44  ASP A OD1 1 
ATOM   353  O OD2 . ASP A 1 44  ? -3.239  13.007  -16.630 1.00 25.00 ? 44  ASP A OD2 1 
ATOM   354  N N   . ARG A 1 45  ? -4.998  7.940   -16.036 1.00 16.54 ? 45  ARG A N   1 
ATOM   355  C CA  . ARG A 1 45  ? -5.742  6.902   -16.792 1.00 16.97 ? 45  ARG A CA  1 
ATOM   356  C C   . ARG A 1 45  ? -7.083  6.531   -16.152 1.00 16.60 ? 45  ARG A C   1 
ATOM   357  O O   . ARG A 1 45  ? -7.815  5.741   -16.781 1.00 17.07 ? 45  ARG A O   1 
ATOM   358  C CB  . ARG A 1 45  ? -4.893  5.627   -16.932 1.00 18.45 ? 45  ARG A CB  1 
ATOM   359  C CG  . ARG A 1 45  ? -3.645  6.018   -17.839 1.00 21.17 ? 45  ARG A CG  1 
ATOM   360  C CD  . ARG A 1 45  ? -2.898  4.767   -18.408 1.00 23.52 ? 45  ARG A CD  1 
ATOM   361  N NE  . ARG A 1 45  ? -1.443  4.671   -18.176 1.00 26.11 ? 45  ARG A NE  1 
ATOM   362  C CZ  . ARG A 1 45  ? -0.723  5.072   -17.021 1.00 27.78 ? 45  ARG A CZ  1 
ATOM   363  N NH1 . ARG A 1 45  ? -0.882  4.596   -15.709 1.00 27.69 ? 45  ARG A NH1 1 
ATOM   364  N NH2 . ARG A 1 45  ? 0.141   6.149   -17.107 1.00 28.59 ? 45  ARG A NH2 1 
ATOM   365  N N   . PHE A 1 46  ? -7.428  7.009   -14.939 1.00 15.26 ? 46  PHE A N   1 
ATOM   366  C CA  . PHE A 1 46  ? -8.709  6.653   -14.394 1.00 14.83 ? 46  PHE A CA  1 
ATOM   367  C C   . PHE A 1 46  ? -9.298  7.603   -13.385 1.00 14.81 ? 46  PHE A C   1 
ATOM   368  O O   . PHE A 1 46  ? -10.322 7.359   -12.734 1.00 14.86 ? 46  PHE A O   1 
ATOM   369  C CB  . PHE A 1 46  ? -8.651  5.204   -13.804 1.00 13.36 ? 46  PHE A CB  1 
ATOM   370  C CG  . PHE A 1 46  ? -7.427  4.836   -13.000 1.00 12.41 ? 46  PHE A CG  1 
ATOM   371  C CD1 . PHE A 1 46  ? -6.306  4.272   -13.633 1.00 11.69 ? 46  PHE A CD1 1 
ATOM   372  C CD2 . PHE A 1 46  ? -7.489  5.001   -11.619 1.00 11.63 ? 46  PHE A CD2 1 
ATOM   373  C CE1 . PHE A 1 46  ? -5.241  3.875   -12.843 1.00 11.63 ? 46  PHE A CE1 1 
ATOM   374  C CE2 . PHE A 1 46  ? -6.408  4.597   -10.864 1.00 12.13 ? 46  PHE A CE2 1 
ATOM   375  C CZ  . PHE A 1 46  ? -5.282  4.028   -11.472 1.00 11.19 ? 46  PHE A CZ  1 
ATOM   376  N N   . LYS A 1 47  ? -8.722  8.811   -13.460 1.00 15.24 ? 47  LYS A N   1 
ATOM   377  C CA  . LYS A 1 47  ? -9.118  9.881   -12.515 1.00 15.24 ? 47  LYS A CA  1 
ATOM   378  C C   . LYS A 1 47  ? -10.574 10.316  -12.701 1.00 15.02 ? 47  LYS A C   1 
ATOM   379  O O   . LYS A 1 47  ? -11.190 10.968  -11.820 1.00 14.86 ? 47  LYS A O   1 
ATOM   380  C CB  . LYS A 1 47  ? -8.145  11.129  -12.686 1.00 15.22 ? 47  LYS A CB  1 
ATOM   381  C CG  . LYS A 1 47  ? -8.417  11.956  -13.910 1.00 16.41 ? 47  LYS A CG  1 
ATOM   382  C CD  . LYS A 1 47  ? -7.731  13.267  -13.664 1.00 17.96 ? 47  LYS A CD  1 
ATOM   383  C CE  . LYS A 1 47  ? -6.784  13.303  -14.806 1.00 18.68 ? 47  LYS A CE  1 
ATOM   384  N NZ  . LYS A 1 47  ? -7.257  14.023  -15.974 1.00 20.81 ? 47  LYS A NZ  1 
ATOM   385  N N   . HIS A 1 48  ? -11.164 9.988   -13.868 1.00 15.08 ? 48  HIS A N   1 
ATOM   386  C CA  . HIS A 1 48  ? -12.558 10.334  -14.061 1.00 15.25 ? 48  HIS A CA  1 
ATOM   387  C C   . HIS A 1 48  ? -13.564 9.218   -13.713 1.00 15.36 ? 48  HIS A C   1 
ATOM   388  O O   . HIS A 1 48  ? -14.764 9.470   -13.922 1.00 16.40 ? 48  HIS A O   1 
ATOM   389  C CB  . HIS A 1 48  ? -12.801 10.697  -15.442 1.00 16.52 ? 48  HIS A CB  1 
ATOM   390  C CG  . HIS A 1 48  ? -11.780 11.685  -16.022 1.00 19.25 ? 48  HIS A CG  1 
ATOM   391  N ND1 . HIS A 1 48  ? -11.767 13.013  -15.796 1.00 20.52 ? 48  HIS A ND1 1 
ATOM   392  C CD2 . HIS A 1 48  ? -10.808 11.384  -16.972 1.00 20.02 ? 48  HIS A CD2 1 
ATOM   393  C CE1 . HIS A 1 48  ? -10.824 13.522  -16.577 1.00 20.38 ? 48  HIS A CE1 1 
ATOM   394  N NE2 . HIS A 1 48  ? -10.276 12.549  -17.270 1.00 20.44 ? 48  HIS A NE2 1 
ATOM   395  N N   . LEU A 1 49  ? -13.186 7.956   -13.334 1.00 14.23 ? 49  LEU A N   1 
ATOM   396  C CA  . LEU A 1 49  ? -14.168 6.925   -12.970 1.00 13.89 ? 49  LEU A CA  1 
ATOM   397  C C   . LEU A 1 49  ? -14.984 7.309   -11.737 1.00 13.83 ? 49  LEU A C   1 
ATOM   398  O O   . LEU A 1 49  ? -14.504 7.855   -10.751 1.00 14.54 ? 49  LEU A O   1 
ATOM   399  C CB  . LEU A 1 49  ? -13.433 5.639   -12.717 1.00 13.84 ? 49  LEU A CB  1 
ATOM   400  C CG  . LEU A 1 49  ? -12.724 5.121   -13.940 1.00 14.12 ? 49  LEU A CG  1 
ATOM   401  C CD1 . LEU A 1 49  ? -12.032 3.843   -13.539 1.00 15.04 ? 49  LEU A CD1 1 
ATOM   402  C CD2 . LEU A 1 49  ? -13.694 5.036   -15.135 1.00 15.77 ? 49  LEU A CD2 1 
ATOM   403  N N   . LYS A 1 50  ? -16.229 6.935   -11.765 1.00 13.41 ? 50  LYS A N   1 
ATOM   404  C CA  . LYS A 1 50  ? -17.143 7.421   -10.781 1.00 13.50 ? 50  LYS A CA  1 
ATOM   405  C C   . LYS A 1 50  ? -17.746 6.280   -10.012 1.00 13.89 ? 50  LYS A C   1 
ATOM   406  O O   . LYS A 1 50  ? -18.310 6.589   -8.953  1.00 14.77 ? 50  LYS A O   1 
ATOM   407  C CB  . LYS A 1 50  ? -18.341 8.179   -11.383 1.00 14.62 ? 50  LYS A CB  1 
ATOM   408  C CG  . LYS A 1 50  ? -18.070 9.421   -12.226 1.00 17.00 ? 50  LYS A CG  1 
ATOM   409  C CD  . LYS A 1 50  ? -17.462 10.407  -11.296 1.00 18.68 ? 50  LYS A CD  1 
ATOM   410  C CE  . LYS A 1 50  ? -17.048 11.505  -12.307 1.00 21.93 ? 50  LYS A CE  1 
ATOM   411  N NZ  . LYS A 1 50  ? -15.807 12.114  -11.806 1.00 22.75 ? 50  LYS A NZ  1 
ATOM   412  N N   . THR A 1 51  ? -17.818 5.042   -10.521 1.00 12.30 ? 51  THR A N   1 
ATOM   413  C CA  . THR A 1 51  ? -18.469 4.052   -9.708  1.00 11.17 ? 51  THR A CA  1 
ATOM   414  C C   . THR A 1 51  ? -17.483 2.894   -9.498  1.00 11.58 ? 51  THR A C   1 
ATOM   415  O O   . THR A 1 51  ? -16.539 2.706   -10.251 1.00 11.35 ? 51  THR A O   1 
ATOM   416  C CB  . THR A 1 51  ? -19.770 3.560   -10.428 1.00 11.41 ? 51  THR A CB  1 
ATOM   417  O OG1 . THR A 1 51  ? -19.309 2.928   -11.623 1.00 11.37 ? 51  THR A OG1 1 
ATOM   418  C CG2 . THR A 1 51  ? -20.812 4.671   -10.715 1.00 10.87 ? 51  THR A CG2 1 
ATOM   419  N N   . GLU A 1 52  ? -17.776 2.096   -8.490  1.00 12.00 ? 52  GLU A N   1 
ATOM   420  C CA  . GLU A 1 52  ? -17.008 0.892   -8.206  1.00 12.95 ? 52  GLU A CA  1 
ATOM   421  C C   . GLU A 1 52  ? -16.943 -0.045  -9.387  1.00 12.34 ? 52  GLU A C   1 
ATOM   422  O O   . GLU A 1 52  ? -15.876 -0.587  -9.617  1.00 12.69 ? 52  GLU A O   1 
ATOM   423  C CB  . GLU A 1 52  ? -17.630 0.124   -7.110  1.00 14.72 ? 52  GLU A CB  1 
ATOM   424  C CG  . GLU A 1 52  ? -16.788 -1.089  -6.707  1.00 17.85 ? 52  GLU A CG  1 
ATOM   425  C CD  . GLU A 1 52  ? -17.560 -1.881  -5.677  1.00 20.26 ? 52  GLU A CD  1 
ATOM   426  O OE1 . GLU A 1 52  ? -18.276 -1.214  -4.896  1.00 21.54 ? 52  GLU A OE1 1 
ATOM   427  O OE2 . GLU A 1 52  ? -17.518 -3.127  -5.686  1.00 21.16 ? 52  GLU A OE2 1 
ATOM   428  N N   . ALA A 1 53  ? -18.068 -0.310  -10.149 1.00 12.56 ? 53  ALA A N   1 
ATOM   429  C CA  . ALA A 1 53  ? -18.030 -1.194  -11.309 1.00 11.48 ? 53  ALA A CA  1 
ATOM   430  C C   . ALA A 1 53  ? -17.104 -0.594  -12.363 1.00 11.87 ? 53  ALA A C   1 
ATOM   431  O O   . ALA A 1 53  ? -16.377 -1.309  -13.049 1.00 12.37 ? 53  ALA A O   1 
ATOM   432  C CB  . ALA A 1 53  ? -19.468 -1.334  -11.875 1.00 11.91 ? 53  ALA A CB  1 
ATOM   433  N N   . GLU A 1 54  ? -17.038 0.752   -12.484 1.00 11.60 ? 54  GLU A N   1 
ATOM   434  C CA  . GLU A 1 54  ? -16.171 1.368   -13.468 1.00 11.64 ? 54  GLU A CA  1 
ATOM   435  C C   . GLU A 1 54  ? -14.746 1.089   -13.124 1.00 10.97 ? 54  GLU A C   1 
ATOM   436  O O   . GLU A 1 54  ? -13.961 0.711   -14.003 1.00 11.15 ? 54  GLU A O   1 
ATOM   437  C CB  . GLU A 1 54  ? -16.360 2.844   -13.492 1.00 11.65 ? 54  GLU A CB  1 
ATOM   438  C CG  . GLU A 1 54  ? -17.642 3.178   -14.244 1.00 13.72 ? 54  GLU A CG  1 
ATOM   439  C CD  . GLU A 1 54  ? -17.658 4.664   -14.399 1.00 14.65 ? 54  GLU A CD  1 
ATOM   440  O OE1 . GLU A 1 54  ? -17.913 5.375   -13.448 1.00 15.98 ? 54  GLU A OE1 1 
ATOM   441  O OE2 . GLU A 1 54  ? -17.301 5.106   -15.457 1.00 18.51 ? 54  GLU A OE2 1 
ATOM   442  N N   . MET A 1 55  ? -14.519 1.237   -11.832 1.00 10.76 ? 55  MET A N   1 
ATOM   443  C CA  . MET A 1 55  ? -13.167 1.016   -11.308 1.00 10.71 ? 55  MET A CA  1 
ATOM   444  C C   . MET A 1 55  ? -12.799 -0.439  -11.404 1.00 11.42 ? 55  MET A C   1 
ATOM   445  O O   . MET A 1 55  ? -11.644 -0.729  -11.736 1.00 11.45 ? 55  MET A O   1 
ATOM   446  C CB  . MET A 1 55  ? -13.070 1.474   -9.852  1.00 11.05 ? 55  MET A CB  1 
ATOM   447  C CG  . MET A 1 55  ? -13.156 3.016   -9.693  1.00 11.95 ? 55  MET A CG  1 
ATOM   448  S SD  . MET A 1 55  ? -13.080 3.587   -7.951  1.00 13.18 ? 55  MET A SD  1 
ATOM   449  C CE  . MET A 1 55  ? -13.276 5.361   -8.194  1.00 14.02 ? 55  MET A CE  1 
ATOM   450  N N   . LYS A 1 56  ? -13.692 -1.377  -11.089 1.00 11.68 ? 56  LYS A N   1 
ATOM   451  C CA  . LYS A 1 56  ? -13.418 -2.812  -11.268 1.00 12.28 ? 56  LYS A CA  1 
ATOM   452  C C   . LYS A 1 56  ? -13.152 -3.205  -12.696 1.00 12.68 ? 56  LYS A C   1 
ATOM   453  O O   . LYS A 1 56  ? -12.480 -4.165  -13.045 1.00 13.37 ? 56  LYS A O   1 
ATOM   454  C CB  . LYS A 1 56  ? -14.605 -3.593  -10.762 1.00 13.74 ? 56  LYS A CB  1 
ATOM   455  C CG  . LYS A 1 56  ? -14.305 -3.696  -9.296  1.00 15.16 ? 56  LYS A CG  1 
ATOM   456  C CD  . LYS A 1 56  ? -15.489 -4.078  -8.464  1.00 16.80 ? 56  LYS A CD  1 
ATOM   457  C CE  . LYS A 1 56  ? -14.875 -4.607  -7.194  1.00 17.32 ? 56  LYS A CE  1 
ATOM   458  N NZ  . LYS A 1 56  ? -15.827 -5.292  -6.301  1.00 18.56 ? 56  LYS A NZ  1 
ATOM   459  N N   . ALA A 1 57  ? -13.813 -2.448  -13.582 1.00 12.16 ? 57  ALA A N   1 
ATOM   460  C CA  . ALA A 1 57  ? -13.708 -2.693  -14.995 1.00 12.97 ? 57  ALA A CA  1 
ATOM   461  C C   . ALA A 1 57  ? -12.439 -2.089  -15.588 1.00 12.94 ? 57  ALA A C   1 
ATOM   462  O O   . ALA A 1 57  ? -12.003 -2.464  -16.687 1.00 14.06 ? 57  ALA A O   1 
ATOM   463  C CB  . ALA A 1 57  ? -14.965 -2.089  -15.749 1.00 12.71 ? 57  ALA A CB  1 
ATOM   464  N N   . SER A 1 58  ? -11.779 -1.189  -14.881 1.00 12.86 ? 58  SER A N   1 
ATOM   465  C CA  . SER A 1 58  ? -10.646 -0.555  -15.461 1.00 12.27 ? 58  SER A CA  1 
ATOM   466  C C   . SER A 1 58  ? -9.403  -1.453  -15.475 1.00 12.12 ? 58  SER A C   1 
ATOM   467  O O   . SER A 1 58  ? -8.857  -1.914  -14.483 1.00 11.19 ? 58  SER A O   1 
ATOM   468  C CB  . SER A 1 58  ? -10.402 0.784   -14.696 1.00 12.23 ? 58  SER A CB  1 
ATOM   469  O OG  . SER A 1 58  ? -9.114  1.269   -15.049 1.00 10.93 ? 58  SER A OG  1 
ATOM   470  N N   . GLU A 1 59  ? -8.903  -1.617  -16.704 1.00 12.29 ? 59  GLU A N   1 
ATOM   471  C CA  . GLU A 1 59  ? -7.682  -2.389  -16.908 1.00 13.25 ? 59  GLU A CA  1 
ATOM   472  C C   . GLU A 1 59  ? -6.498  -1.637  -16.256 1.00 12.79 ? 59  GLU A C   1 
ATOM   473  O O   . GLU A 1 59  ? -5.671  -2.251  -15.584 1.00 11.94 ? 59  GLU A O   1 
ATOM   474  C CB  . GLU A 1 59  ? -7.486  -2.570  -18.423 1.00 14.62 ? 59  GLU A CB  1 
ATOM   475  C CG  . GLU A 1 59  ? -6.554  -3.631  -18.764 1.00 18.32 ? 59  GLU A CG  1 
ATOM   476  C CD  . GLU A 1 59  ? -6.409  -3.867  -20.286 1.00 19.54 ? 59  GLU A CD  1 
ATOM   477  O OE1 . GLU A 1 59  ? -7.333  -4.282  -20.994 1.00 22.01 ? 59  GLU A OE1 1 
ATOM   478  O OE2 . GLU A 1 59  ? -5.288  -3.649  -20.761 1.00 21.65 ? 59  GLU A OE2 1 
ATOM   479  N N   . ASP A 1 60  ? -6.392  -0.307  -16.438 1.00 12.10 ? 60  ASP A N   1 
ATOM   480  C CA  . ASP A 1 60  ? -5.282  0.440   -15.858 1.00 11.82 ? 60  ASP A CA  1 
ATOM   481  C C   . ASP A 1 60  ? -5.260  0.470   -14.340 1.00 10.58 ? 60  ASP A C   1 
ATOM   482  O O   . ASP A 1 60  ? -4.222  0.381   -13.717 1.00 9.40  ? 60  ASP A O   1 
ATOM   483  C CB  . ASP A 1 60  ? -5.344  1.830   -16.358 1.00 14.41 ? 60  ASP A CB  1 
ATOM   484  C CG  . ASP A 1 60  ? -4.991  1.905   -17.841 1.00 15.79 ? 60  ASP A CG  1 
ATOM   485  O OD1 . ASP A 1 60  ? -3.976  1.358   -18.304 1.00 19.22 ? 60  ASP A OD1 1 
ATOM   486  O OD2 . ASP A 1 60  ? -5.788  2.556   -18.535 1.00 18.94 ? 60  ASP A OD2 1 
ATOM   487  N N   . LEU A 1 61  ? -6.467  0.544   -13.755 1.00 9.09  ? 61  LEU A N   1 
ATOM   488  C CA  . LEU A 1 61  ? -6.556  0.515   -12.318 1.00 8.23  ? 61  LEU A CA  1 
ATOM   489  C C   . LEU A 1 61  ? -6.110  -0.875  -11.887 1.00 8.19  ? 61  LEU A C   1 
ATOM   490  O O   . LEU A 1 61  ? -5.315  -0.982  -10.964 1.00 7.86  ? 61  LEU A O   1 
ATOM   491  C CB  . LEU A 1 61  ? -7.998  0.831   -11.849 1.00 7.27  ? 61  LEU A CB  1 
ATOM   492  C CG  . LEU A 1 61  ? -8.159  0.943   -10.320 1.00 7.70  ? 61  LEU A CG  1 
ATOM   493  C CD1 . LEU A 1 61  ? -9.364  1.845   -10.066 1.00 8.84  ? 61  LEU A CD1 1 
ATOM   494  C CD2 . LEU A 1 61  ? -8.339  -0.430  -9.604  1.00 8.31  ? 61  LEU A CD2 1 
ATOM   495  N N   . LYS A 1 62  ? -6.547  -1.970  -12.574 1.00 7.76  ? 62  LYS A N   1 
ATOM   496  C CA  . LYS A 1 62  ? -6.159  -3.313  -12.166 1.00 6.55  ? 62  LYS A CA  1 
ATOM   497  C C   . LYS A 1 62  ? -4.659  -3.521  -12.275 1.00 6.47  ? 62  LYS A C   1 
ATOM   498  O O   . LYS A 1 62  ? -4.030  -4.033  -11.355 1.00 6.70  ? 62  LYS A O   1 
ATOM   499  C CB  . LYS A 1 62  ? -6.958  -4.307  -13.032 1.00 6.74  ? 62  LYS A CB  1 
ATOM   500  C CG  . LYS A 1 62  ? -6.786  -5.761  -12.656 1.00 7.78  ? 62  LYS A CG  1 
ATOM   501  C CD  . LYS A 1 62  ? -7.967  -6.588  -13.275 1.00 6.79  ? 62  LYS A CD  1 
ATOM   502  C CE  . LYS A 1 62  ? -7.890  -7.935  -12.652 1.00 9.14  ? 62  LYS A CE  1 
ATOM   503  N NZ  . LYS A 1 62  ? -8.889  -8.896  -13.173 1.00 11.25 ? 62  LYS A NZ  1 
ATOM   504  N N   . LYS A 1 63  ? -4.030  -3.073  -13.332 1.00 6.89  ? 63  LYS A N   1 
ATOM   505  C CA  . LYS A 1 63  ? -2.565  -3.108  -13.475 1.00 7.03  ? 63  LYS A CA  1 
ATOM   506  C C   . LYS A 1 63  ? -1.847  -2.323  -12.377 1.00 6.33  ? 63  LYS A C   1 
ATOM   507  O O   . LYS A 1 63  ? -0.909  -2.805  -11.747 1.00 6.82  ? 63  LYS A O   1 
ATOM   508  C CB  . LYS A 1 63  ? -2.161  -2.499  -14.788 1.00 8.56  ? 63  LYS A CB  1 
ATOM   509  C CG  . LYS A 1 63  ? -2.468  -3.386  -16.002 1.00 10.13 ? 63  LYS A CG  1 
ATOM   510  C CD  . LYS A 1 63  ? -2.592  -2.500  -17.222 1.00 13.90 ? 63  LYS A CD  1 
ATOM   511  C CE  . LYS A 1 63  ? -2.686  -3.564  -18.279 1.00 16.66 ? 63  LYS A CE  1 
ATOM   512  N NZ  . LYS A 1 63  ? -2.474  -2.792  -19.515 1.00 20.25 ? 63  LYS A NZ  1 
ATOM   513  N N   . HIS A 1 64  ? -2.377  -1.123  -12.081 1.00 6.09  ? 64  HIS A N   1 
ATOM   514  C CA  . HIS A 1 64  ? -1.772  -0.298  -11.031 1.00 5.99  ? 64  HIS A CA  1 
ATOM   515  C C   . HIS A 1 64  ? -1.911  -1.000  -9.665  1.00 5.71  ? 64  HIS A C   1 
ATOM   516  O O   . HIS A 1 64  ? -0.924  -1.019  -8.896  1.00 5.42  ? 64  HIS A O   1 
ATOM   517  C CB  . HIS A 1 64  ? -2.396  1.170   -10.923 1.00 6.97  ? 64  HIS A CB  1 
ATOM   518  C CG  . HIS A 1 64  ? -1.526  1.996   -9.919  1.00 6.09  ? 64  HIS A CG  1 
ATOM   519  N ND1 . HIS A 1 64  ? -0.215  2.238   -10.066 1.00 7.03  ? 64  HIS A ND1 1 
ATOM   520  C CD2 . HIS A 1 64  ? -1.883  2.501   -8.675  1.00 6.76  ? 64  HIS A CD2 1 
ATOM   521  C CE1 . HIS A 1 64  ? 0.243   2.833   -8.972  1.00 6.99  ? 64  HIS A CE1 1 
ATOM   522  N NE2 . HIS A 1 64  ? -0.769  2.986   -8.162  1.00 7.41  ? 64  HIS A NE2 1 
ATOM   523  N N   . GLY A 1 65  ? -3.052  -1.599  -9.311  1.00 5.36  ? 65  GLY A N   1 
ATOM   524  C CA  . GLY A 1 65  ? -3.102  -2.304  -8.049  1.00 5.15  ? 65  GLY A CA  1 
ATOM   525  C C   . GLY A 1 65  ? -2.017  -3.423  -7.969  1.00 5.01  ? 65  GLY A C   1 
ATOM   526  O O   . GLY A 1 65  ? -1.460  -3.651  -6.919  1.00 5.29  ? 65  GLY A O   1 
ATOM   527  N N   . VAL A 1 66  ? -1.719  -4.123  -9.072  1.00 4.47  ? 66  VAL A N   1 
ATOM   528  C CA  . VAL A 1 66  ? -0.688  -5.142  -9.081  1.00 5.11  ? 66  VAL A CA  1 
ATOM   529  C C   . VAL A 1 66  ? 0.689   -4.459  -8.925  1.00 5.18  ? 66  VAL A C   1 
ATOM   530  O O   . VAL A 1 66  ? 1.474   -4.953  -8.133  1.00 4.76  ? 66  VAL A O   1 
ATOM   531  C CB  . VAL A 1 66  ? -0.796  -5.915  -10.411 1.00 4.68  ? 66  VAL A CB  1 
ATOM   532  C CG1 . VAL A 1 66  ? 0.392   -6.887  -10.620 1.00 5.79  ? 66  VAL A CG1 1 
ATOM   533  C CG2 . VAL A 1 66  ? -2.142  -6.622  -10.383 1.00 5.54  ? 66  VAL A CG2 1 
ATOM   534  N N   . THR A 1 67  ? 0.972   -3.329  -9.615  1.00 5.40  ? 67  THR A N   1 
ATOM   535  C CA  . THR A 1 67  ? 2.203   -2.577  -9.395  1.00 4.97  ? 67  THR A CA  1 
ATOM   536  C C   . THR A 1 67  ? 2.385   -2.282  -7.896  1.00 5.25  ? 67  THR A C   1 
ATOM   537  O O   . THR A 1 67  ? 3.427   -2.588  -7.324  1.00 6.57  ? 67  THR A O   1 
ATOM   538  C CB  . THR A 1 67  ? 2.109   -1.295  -10.202 1.00 5.46  ? 67  THR A CB  1 
ATOM   539  O OG1 . THR A 1 67  ? 2.052   -1.649  -11.590 1.00 7.58  ? 67  THR A OG1 1 
ATOM   540  C CG2 . THR A 1 67  ? 3.295   -0.392  -9.980  1.00 5.93  ? 67  THR A CG2 1 
ATOM   541  N N   . VAL A 1 68  ? 1.397   -1.656  -7.254  1.00 4.76  ? 68  VAL A N   1 
ATOM   542  C CA  . VAL A 1 68  ? 1.458   -1.343  -5.829  1.00 5.09  ? 68  VAL A CA  1 
ATOM   543  C C   . VAL A 1 68  ? 1.730   -2.583  -4.971  1.00 5.59  ? 68  VAL A C   1 
ATOM   544  O O   . VAL A 1 68  ? 2.645   -2.654  -4.125  1.00 5.93  ? 68  VAL A O   1 
ATOM   545  C CB  . VAL A 1 68  ? 0.105   -0.724  -5.371  1.00 5.40  ? 68  VAL A CB  1 
ATOM   546  C CG1 . VAL A 1 68  ? 0.092   -0.595  -3.834  1.00 4.98  ? 68  VAL A CG1 1 
ATOM   547  C CG2 . VAL A 1 68  ? -0.134  0.581   -6.099  1.00 4.80  ? 68  VAL A CG2 1 
ATOM   548  N N   . LEU A 1 69  ? 0.907   -3.671  -5.132  1.00 5.54  ? 69  LEU A N   1 
ATOM   549  C CA  . LEU A 1 69  ? 1.079   -4.799  -4.228  1.00 5.74  ? 69  LEU A CA  1 
ATOM   550  C C   . LEU A 1 69  ? 2.314   -5.643  -4.494  1.00 5.08  ? 69  LEU A C   1 
ATOM   551  O O   . LEU A 1 69  ? 2.880   -6.171  -3.523  1.00 6.09  ? 69  LEU A O   1 
ATOM   552  C CB  . LEU A 1 69  ? -0.271  -5.652  -4.236  1.00 6.41  ? 69  LEU A CB  1 
ATOM   553  C CG  . LEU A 1 69  ? -1.554  -4.957  -3.684  1.00 5.88  ? 69  LEU A CG  1 
ATOM   554  C CD1 . LEU A 1 69  ? -2.692  -5.980  -3.697  1.00 7.10  ? 69  LEU A CD1 1 
ATOM   555  C CD2 . LEU A 1 69  ? -1.318  -4.382  -2.234  1.00 6.83  ? 69  LEU A CD2 1 
ATOM   556  N N   . THR A 1 70  ? 2.781   -5.764  -5.765  1.00 4.75  ? 70  THR A N   1 
ATOM   557  C CA  . THR A 1 70  ? 4.027   -6.462  -6.042  1.00 5.23  ? 70  THR A CA  1 
ATOM   558  C C   . THR A 1 70  ? 5.154   -5.768  -5.271  1.00 5.08  ? 70  THR A C   1 
ATOM   559  O O   . THR A 1 70  ? 5.970   -6.425  -4.604  1.00 5.60  ? 70  THR A O   1 
ATOM   560  C CB  . THR A 1 70  ? 4.347   -6.393  -7.540  1.00 5.86  ? 70  THR A CB  1 
ATOM   561  O OG1 . THR A 1 70  ? 3.270   -7.068  -8.214  1.00 6.74  ? 70  THR A OG1 1 
ATOM   562  C CG2 . THR A 1 70  ? 5.738   -6.972  -7.854  1.00 5.86  ? 70  THR A CG2 1 
ATOM   563  N N   . ALA A 1 71  ? 5.199   -4.433  -5.336  1.00 5.42  ? 71  ALA A N   1 
ATOM   564  C CA  . ALA A 1 71  ? 6.331   -3.714  -4.714  1.00 4.84  ? 71  ALA A CA  1 
ATOM   565  C C   . ALA A 1 71  ? 6.231   -3.721  -3.188  1.00 5.39  ? 71  ALA A C   1 
ATOM   566  O O   . ALA A 1 71  ? 7.195   -4.013  -2.472  1.00 6.57  ? 71  ALA A O   1 
ATOM   567  C CB  . ALA A 1 71  ? 6.319   -2.301  -5.199  1.00 5.67  ? 71  ALA A CB  1 
ATOM   568  N N   . LEU A 1 72  ? 4.993   -3.581  -2.707  1.00 5.28  ? 72  LEU A N   1 
ATOM   569  C CA  . LEU A 1 72  ? 4.776   -3.642  -1.289  1.00 5.73  ? 72  LEU A CA  1 
ATOM   570  C C   . LEU A 1 72  ? 5.032   -5.061  -0.754  1.00 6.15  ? 72  LEU A C   1 
ATOM   571  O O   . LEU A 1 72  ? 5.689   -5.145  0.293   1.00 5.75  ? 72  LEU A O   1 
ATOM   572  C CB  . LEU A 1 72  ? 3.345   -3.227  -0.911  1.00 5.64  ? 72  LEU A CB  1 
ATOM   573  C CG  . LEU A 1 72  ? 3.029   -3.311  0.612   1.00 6.50  ? 72  LEU A CG  1 
ATOM   574  C CD1 . LEU A 1 72  ? 3.969   -2.394  1.447   1.00 6.49  ? 72  LEU A CD1 1 
ATOM   575  C CD2 . LEU A 1 72  ? 1.568   -2.963  0.794   1.00 6.68  ? 72  LEU A CD2 1 
ATOM   576  N N   . GLY A 1 73  ? 4.635   -6.143  -1.453  1.00 6.20  ? 73  GLY A N   1 
ATOM   577  C CA  . GLY A 1 73  ? 4.957   -7.485  -0.987  1.00 6.03  ? 73  GLY A CA  1 
ATOM   578  C C   . GLY A 1 73  ? 6.505   -7.732  -0.947  1.00 6.76  ? 73  GLY A C   1 
ATOM   579  O O   . GLY A 1 73  ? 7.044   -8.354  -0.031  1.00 6.80  ? 73  GLY A O   1 
ATOM   580  N N   . ALA A 1 74  ? 7.294   -7.207  -1.921  1.00 6.45  ? 74  ALA A N   1 
ATOM   581  C CA  . ALA A 1 74  ? 8.755   -7.384  -1.894  1.00 7.14  ? 74  ALA A CA  1 
ATOM   582  C C   . ALA A 1 74  ? 9.303   -6.634  -0.664  1.00 6.69  ? 74  ALA A C   1 
ATOM   583  O O   . ALA A 1 74  ? 10.189  -7.143  0.043   1.00 7.90  ? 74  ALA A O   1 
ATOM   584  C CB  . ALA A 1 74  ? 9.353   -6.794  -3.161  1.00 7.13  ? 74  ALA A CB  1 
ATOM   585  N N   . ILE A 1 75  ? 8.767   -5.430  -0.378  1.00 6.32  ? 75  ILE A N   1 
ATOM   586  C CA  . ILE A 1 75  ? 9.210   -4.666  0.820   1.00 6.05  ? 75  ILE A CA  1 
ATOM   587  C C   . ILE A 1 75  ? 8.991   -5.427  2.114   1.00 6.63  ? 75  ILE A C   1 
ATOM   588  O O   . ILE A 1 75  ? 9.901   -5.595  2.937   1.00 6.05  ? 75  ILE A O   1 
ATOM   589  C CB  . ILE A 1 75  ? 8.492   -3.250  0.874   1.00 4.64  ? 75  ILE A CB  1 
ATOM   590  C CG1 . ILE A 1 75  ? 9.139   -2.440  -0.299  1.00 6.00  ? 75  ILE A CG1 1 
ATOM   591  C CG2 . ILE A 1 75  ? 8.586   -2.518  2.248   1.00 5.56  ? 75  ILE A CG2 1 
ATOM   592  C CD1 . ILE A 1 75  ? 8.277   -1.237  -0.800  1.00 5.91  ? 75  ILE A CD1 1 
ATOM   593  N N   . LEU A 1 76  ? 7.740   -5.896  2.292   1.00 7.45  ? 76  LEU A N   1 
ATOM   594  C CA  . LEU A 1 76  ? 7.412   -6.628  3.535   1.00 7.37  ? 76  LEU A CA  1 
ATOM   595  C C   . LEU A 1 76  ? 8.262   -7.892  3.694   1.00 7.68  ? 76  LEU A C   1 
ATOM   596  O O   . LEU A 1 76  ? 8.713   -8.174  4.838   1.00 8.05  ? 76  LEU A O   1 
ATOM   597  C CB  . LEU A 1 76  ? 5.907   -6.942  3.514   1.00 7.17  ? 76  LEU A CB  1 
ATOM   598  C CG  . LEU A 1 76  ? 4.945   -5.740  3.581   1.00 7.81  ? 76  LEU A CG  1 
ATOM   599  C CD1 . LEU A 1 76  ? 3.490   -6.232  3.425   1.00 7.56  ? 76  LEU A CD1 1 
ATOM   600  C CD2 . LEU A 1 76  ? 5.123   -4.969  4.886   1.00 8.37  ? 76  LEU A CD2 1 
ATOM   601  N N   . LYS A 1 77  ? 8.535   -8.598  2.539   1.00 8.26  ? 77  LYS A N   1 
ATOM   602  C CA  . LYS A 1 77  ? 9.383   -9.798  2.592   1.00 8.50  ? 77  LYS A CA  1 
ATOM   603  C C   . LYS A 1 77  ? 10.776  -9.431  3.088   1.00 9.01  ? 77  LYS A C   1 
ATOM   604  O O   . LYS A 1 77  ? 11.460  -10.253 3.708   1.00 8.76  ? 77  LYS A O   1 
ATOM   605  C CB  . LYS A 1 77  ? 9.382   -10.421 1.244   1.00 8.38  ? 77  LYS A CB  1 
ATOM   606  C CG  . LYS A 1 77  ? 7.986   -11.123 1.227   1.00 9.67  ? 77  LYS A CG  1 
ATOM   607  C CD  . LYS A 1 77  ? 7.904   -11.865 -0.084  1.00 10.51 ? 77  LYS A CD  1 
ATOM   608  C CE  . LYS A 1 77  ? 6.503   -12.500 -0.248  1.00 11.24 ? 77  LYS A CE  1 
ATOM   609  N NZ  . LYS A 1 77  ? 6.378   -13.042 -1.614  1.00 13.02 ? 77  LYS A NZ  1 
ATOM   610  N N   . LYS A 1 78  ? 11.203  -8.143  3.000   1.00 9.59  ? 78  LYS A N   1 
ATOM   611  C CA  . LYS A 1 78  ? 12.515  -7.754  3.526   1.00 9.88  ? 78  LYS A CA  1 
ATOM   612  C C   . LYS A 1 78  ? 12.558  -7.597  5.033   1.00 10.60 ? 78  LYS A C   1 
ATOM   613  O O   . LYS A 1 78  ? 13.650  -7.374  5.587   1.00 9.73  ? 78  LYS A O   1 
ATOM   614  C CB  . LYS A 1 78  ? 12.998  -6.439  2.959   1.00 10.37 ? 78  LYS A CB  1 
ATOM   615  C CG  . LYS A 1 78  ? 13.105  -6.439  1.463   1.00 12.77 ? 78  LYS A CG  1 
ATOM   616  C CD  . LYS A 1 78  ? 14.112  -7.462  0.925   1.00 14.84 ? 78  LYS A CD  1 
ATOM   617  C CE  . LYS A 1 78  ? 15.516  -7.247  1.452   1.00 17.13 ? 78  LYS A CE  1 
ATOM   618  N NZ  . LYS A 1 78  ? 16.617  -7.992  0.846   1.00 18.47 ? 78  LYS A NZ  1 
ATOM   619  N N   . LYS A 1 79  ? 11.369  -7.664  5.681   1.00 9.50  ? 79  LYS A N   1 
ATOM   620  C CA  . LYS A 1 79  ? 11.262  -7.547  7.120   1.00 10.76 ? 79  LYS A CA  1 
ATOM   621  C C   . LYS A 1 79  ? 12.100  -6.382  7.714   1.00 11.35 ? 79  LYS A C   1 
ATOM   622  O O   . LYS A 1 79  ? 12.920  -6.432  8.643   1.00 11.73 ? 79  LYS A O   1 
ATOM   623  C CB  . LYS A 1 79  ? 11.664  -8.851  7.757   1.00 11.51 ? 79  LYS A CB  1 
ATOM   624  C CG  . LYS A 1 79  ? 10.764  -9.974  7.234   1.00 12.75 ? 79  LYS A CG  1 
ATOM   625  C CD  . LYS A 1 79  ? 10.945  -11.201 8.079   1.00 14.26 ? 79  LYS A CD  1 
ATOM   626  C CE  . LYS A 1 79  ? 12.362  -11.627 8.040   1.00 16.04 ? 79  LYS A CE  1 
ATOM   627  N NZ  . LYS A 1 79  ? 12.519  -12.918 8.657   1.00 18.02 ? 79  LYS A NZ  1 
ATOM   628  N N   . GLY A 1 80  ? 11.809  -5.236  7.098   1.00 10.72 ? 80  GLY A N   1 
ATOM   629  C CA  . GLY A 1 80  ? 12.390  -4.043  7.665   1.00 11.24 ? 80  GLY A CA  1 
ATOM   630  C C   . GLY A 1 80  ? 13.739  -3.740  7.023   1.00 11.18 ? 80  GLY A C   1 
ATOM   631  O O   . GLY A 1 80  ? 14.067  -2.532  7.135   1.00 12.28 ? 80  GLY A O   1 
ATOM   632  N N   . HIS A 1 81  ? 14.457  -4.649  6.319   1.00 10.57 ? 81  HIS A N   1 
ATOM   633  C CA  . HIS A 1 81  ? 15.781  -4.372  5.684   1.00 10.43 ? 81  HIS A CA  1 
ATOM   634  C C   . HIS A 1 81  ? 15.520  -4.044  4.227   1.00 9.83  ? 81  HIS A C   1 
ATOM   635  O O   . HIS A 1 81  ? 15.990  -4.655  3.282   1.00 9.30  ? 81  HIS A O   1 
ATOM   636  C CB  . HIS A 1 81  ? 16.653  -5.603  5.722   1.00 13.33 ? 81  HIS A CB  1 
ATOM   637  C CG  . HIS A 1 81  ? 16.960  -5.927  7.149   1.00 16.21 ? 81  HIS A CG  1 
ATOM   638  N ND1 . HIS A 1 81  ? 17.886  -5.339  7.900   1.00 17.24 ? 81  HIS A ND1 1 
ATOM   639  C CD2 . HIS A 1 81  ? 16.239  -6.807  7.924   1.00 17.10 ? 81  HIS A CD2 1 
ATOM   640  C CE1 . HIS A 1 81  ? 17.778  -5.819  9.137   1.00 17.88 ? 81  HIS A CE1 1 
ATOM   641  N NE2 . HIS A 1 81  ? 16.784  -6.696  9.136   1.00 18.61 ? 81  HIS A NE2 1 
ATOM   642  N N   . HIS A 1 82  ? 14.712  -3.011  4.094   1.00 8.78  ? 82  HIS A N   1 
ATOM   643  C CA  . HIS A 1 82  ? 14.155  -2.658  2.784   1.00 8.53  ? 82  HIS A CA  1 
ATOM   644  C C   . HIS A 1 82  ? 14.735  -1.395  2.173   1.00 8.41  ? 82  HIS A C   1 
ATOM   645  O O   . HIS A 1 82  ? 14.152  -0.827  1.250   1.00 7.80  ? 82  HIS A O   1 
ATOM   646  C CB  . HIS A 1 82  ? 12.601  -2.517  2.927   1.00 8.81  ? 82  HIS A CB  1 
ATOM   647  C CG  . HIS A 1 82  ? 12.096  -1.609  4.066   1.00 8.72  ? 82  HIS A CG  1 
ATOM   648  N ND1 . HIS A 1 82  ? 11.013  -1.812  4.849   1.00 9.30  ? 82  HIS A ND1 1 
ATOM   649  C CD2 . HIS A 1 82  ? 12.674  -0.407  4.520   1.00 8.24  ? 82  HIS A CD2 1 
ATOM   650  C CE1 . HIS A 1 82  ? 10.914  -0.812  5.746   1.00 9.15  ? 82  HIS A CE1 1 
ATOM   651  N NE2 . HIS A 1 82  ? 11.934  0.032   5.542   1.00 8.55  ? 82  HIS A NE2 1 
ATOM   652  N N   . GLU A 1 83  ? 15.869  -0.888  2.677   1.00 8.54  ? 83  GLU A N   1 
ATOM   653  C CA  . GLU A 1 83  ? 16.405  0.374   2.137   1.00 8.45  ? 83  GLU A CA  1 
ATOM   654  C C   . GLU A 1 83  ? 16.576  0.392   0.601   1.00 8.10  ? 83  GLU A C   1 
ATOM   655  O O   . GLU A 1 83  ? 16.267  1.348   -0.094  1.00 8.22  ? 83  GLU A O   1 
ATOM   656  C CB  A GLU A 1 83  ? 17.790  0.630   2.774   0.53 9.36  ? 83  GLU A CB  1 
ATOM   657  C CB  B GLU A 1 83  ? 17.735  0.666   2.781   0.49 8.82  ? 83  GLU A CB  1 
ATOM   658  C CG  A GLU A 1 83  ? 17.824  0.851   4.288   0.53 11.38 ? 83  GLU A CG  1 
ATOM   659  C CG  B GLU A 1 83  ? 18.091  2.141   2.472   0.49 9.76  ? 83  GLU A CG  1 
ATOM   660  C CD  A GLU A 1 83  ? 19.103  0.547   5.098   0.53 12.12 ? 83  GLU A CD  1 
ATOM   661  C CD  B GLU A 1 83  ? 19.463  2.582   2.957   0.49 10.47 ? 83  GLU A CD  1 
ATOM   662  O OE1 A GLU A 1 83  ? 20.032  -0.074  4.610   0.53 13.89 ? 83  GLU A OE1 1 
ATOM   663  O OE1 B GLU A 1 83  ? 19.919  2.022   3.947   0.49 11.47 ? 83  GLU A OE1 1 
ATOM   664  O OE2 A GLU A 1 83  ? 19.162  0.913   6.279   0.53 13.80 ? 83  GLU A OE2 1 
ATOM   665  O OE2 B GLU A 1 83  ? 20.076  3.440   2.309   0.49 11.47 ? 83  GLU A OE2 1 
ATOM   666  N N   . ALA A 1 84  ? 17.075  -0.731  0.023   1.00 8.14  ? 84  ALA A N   1 
ATOM   667  C CA  . ALA A 1 84  ? 17.351  -0.757  -1.409  1.00 7.64  ? 84  ALA A CA  1 
ATOM   668  C C   . ALA A 1 84  ? 16.030  -0.744  -2.140  1.00 8.40  ? 84  ALA A C   1 
ATOM   669  O O   . ALA A 1 84  ? 15.893  -0.107  -3.179  1.00 9.31  ? 84  ALA A O   1 
ATOM   670  C CB  . ALA A 1 84  ? 18.156  -2.029  -1.787  1.00 7.84  ? 84  ALA A CB  1 
ATOM   671  N N   . GLU A 1 85  ? 14.997  -1.390  -1.601  1.00 7.67  ? 85  GLU A N   1 
ATOM   672  C CA  . GLU A 1 85  ? 13.701  -1.339  -2.274  1.00 8.17  ? 85  GLU A CA  1 
ATOM   673  C C   . GLU A 1 85  ? 12.990  0.009   -2.198  1.00 7.53  ? 85  GLU A C   1 
ATOM   674  O O   . GLU A 1 85  ? 12.232  0.412   -3.103  1.00 7.97  ? 85  GLU A O   1 
ATOM   675  C CB  . GLU A 1 85  ? 12.785  -2.371  -1.663  1.00 8.69  ? 85  GLU A CB  1 
ATOM   676  C CG  . GLU A 1 85  ? 13.261  -3.753  -2.083  1.00 10.05 ? 85  GLU A CG  1 
ATOM   677  C CD  . GLU A 1 85  ? 14.478  -4.308  -1.385  1.00 10.02 ? 85  GLU A CD  1 
ATOM   678  O OE1 . GLU A 1 85  ? 14.770  -3.921  -0.227  1.00 10.30 ? 85  GLU A OE1 1 
ATOM   679  O OE2 . GLU A 1 85  ? 15.133  -5.136  -2.011  1.00 11.96 ? 85  GLU A OE2 1 
ATOM   680  N N   . LEU A 1 86  ? 13.160  0.648   -1.047  1.00 6.73  ? 86  LEU A N   1 
ATOM   681  C CA  . LEU A 1 86  ? 12.565  1.959   -0.881  1.00 7.51  ? 86  LEU A CA  1 
ATOM   682  C C   . LEU A 1 86  ? 13.290  3.013   -1.682  1.00 7.19  ? 86  LEU A C   1 
ATOM   683  O O   . LEU A 1 86  ? 12.623  3.984   -2.059  1.00 7.31  ? 86  LEU A O   1 
ATOM   684  C CB  . LEU A 1 86  ? 12.576  2.442   0.577   1.00 9.60  ? 86  LEU A CB  1 
ATOM   685  C CG  . LEU A 1 86  ? 11.353  2.128   1.433   1.00 11.84 ? 86  LEU A CG  1 
ATOM   686  C CD1 . LEU A 1 86  ? 10.872  0.654   1.176   1.00 12.51 ? 86  LEU A CD1 1 
ATOM   687  C CD2 . LEU A 1 86  ? 11.718  2.471   2.826   1.00 11.12 ? 86  LEU A CD2 1 
ATOM   688  N N   . LYS A 1 87  ? 14.612  2.890   -1.916  1.00 6.38  ? 87  LYS A N   1 
ATOM   689  C CA  . LYS A 1 87  ? 15.333  3.943   -2.659  1.00 6.78  ? 87  LYS A CA  1 
ATOM   690  C C   . LYS A 1 87  ? 14.692  4.284   -4.022  1.00 6.83  ? 87  LYS A C   1 
ATOM   691  O O   . LYS A 1 87  ? 14.395  5.457   -4.262  1.00 6.75  ? 87  LYS A O   1 
ATOM   692  C CB  . LYS A 1 87  ? 16.775  3.496   -2.881  1.00 6.68  ? 87  LYS A CB  1 
ATOM   693  C CG  . LYS A 1 87  ? 17.729  4.561   -3.485  1.00 6.78  ? 87  LYS A CG  1 
ATOM   694  C CD  . LYS A 1 87  ? 19.150  3.926   -3.676  1.00 8.14  ? 87  LYS A CD  1 
ATOM   695  C CE  . LYS A 1 87  ? 20.187  4.835   -4.418  1.00 9.01  ? 87  LYS A CE  1 
ATOM   696  N NZ  . LYS A 1 87  ? 20.250  6.085   -3.738  1.00 10.85 ? 87  LYS A NZ  1 
ATOM   697  N N   . PRO A 1 88  ? 14.364  3.389   -4.988  1.00 7.15  ? 88  PRO A N   1 
ATOM   698  C CA  . PRO A 1 88  ? 13.664  3.772   -6.207  1.00 6.95  ? 88  PRO A CA  1 
ATOM   699  C C   . PRO A 1 88  ? 12.249  4.321   -6.018  1.00 5.83  ? 88  PRO A C   1 
ATOM   700  O O   . PRO A 1 88  ? 11.828  5.187   -6.768  1.00 6.77  ? 88  PRO A O   1 
ATOM   701  C CB  . PRO A 1 88  ? 13.726  2.500   -7.032  1.00 7.29  ? 88  PRO A CB  1 
ATOM   702  C CG  . PRO A 1 88  ? 13.704  1.396   -6.004  1.00 6.55  ? 88  PRO A CG  1 
ATOM   703  C CD  . PRO A 1 88  ? 14.646  1.946   -4.969  1.00 7.10  ? 88  PRO A CD  1 
ATOM   704  N N   . LEU A 1 89  ? 11.501  3.905   -4.978  1.00 20.00 ? 89  LEU A N   1 
ATOM   705  C CA  . LEU A 1 89  ? 10.111  4.337   -4.725  1.00 20.00 ? 89  LEU A CA  1 
ATOM   706  C C   . LEU A 1 89  ? 10.152  5.839   -4.388  1.00 20.00 ? 89  LEU A C   1 
ATOM   707  O O   . LEU A 1 89  ? 9.412   6.618   -4.996  1.00 20.00 ? 89  LEU A O   1 
ATOM   708  C CB  . LEU A 1 89  ? 9.527   3.578   -3.552  1.00 20.00 ? 89  LEU A CB  1 
ATOM   709  C CG  . LEU A 1 89  ? 8.010   3.434   -3.637  1.00 20.00 ? 89  LEU A CG  1 
ATOM   710  C CD1 . LEU A 1 89  ? 7.548   2.719   -4.907  1.00 20.00 ? 89  LEU A CD1 1 
ATOM   711  C CD2 . LEU A 1 89  ? 7.416   2.635   -2.475  1.00 20.00 ? 89  LEU A CD2 1 
ATOM   712  N N   . ALA A 1 90  ? 11.090  6.073   -3.247  1.00 7.11  ? 90  ALA A N   1 
ATOM   713  C CA  . ALA A 1 90  ? 11.217  7.401   -2.738  1.00 7.67  ? 90  ALA A CA  1 
ATOM   714  C C   . ALA A 1 90  ? 11.692  8.309   -3.840  1.00 7.41  ? 90  ALA A C   1 
ATOM   715  O O   . ALA A 1 90  ? 11.117  9.396   -3.945  1.00 8.21  ? 90  ALA A O   1 
ATOM   716  C CB  . ALA A 1 90  ? 12.217  7.459   -1.590  1.00 8.72  ? 90  ALA A CB  1 
ATOM   717  N N   . GLN A 1 91  ? 12.565  7.903   -4.751  1.00 20.00 ? 91  GLN A N   1 
ATOM   718  C CA  . GLN A 1 91  ? 12.993  8.832   -5.846  1.00 20.00 ? 91  GLN A CA  1 
ATOM   719  C C   . GLN A 1 91  ? 11.814  9.296   -6.690  1.00 20.00 ? 91  GLN A C   1 
ATOM   720  O O   . GLN A 1 91  ? 11.625  10.519  -6.891  1.00 20.00 ? 91  GLN A O   1 
ATOM   721  C CB  . GLN A 1 91  ? 14.004  8.115   -6.748  1.00 20.00 ? 91  GLN A CB  1 
ATOM   722  C CG  . GLN A 1 91  ? 15.408  8.071   -6.149  1.00 20.00 ? 91  GLN A CG  1 
ATOM   723  C CD  . GLN A 1 91  ? 16.218  9.341   -6.426  1.00 20.00 ? 91  GLN A CD  1 
ATOM   724  O OE1 . GLN A 1 91  ? 17.366  9.440   -6.001  1.00 20.00 ? 91  GLN A OE1 1 
ATOM   725  N NE2 . GLN A 1 91  ? 15.681  10.323  -7.122  1.00 20.00 ? 91  GLN A NE2 1 
ATOM   726  N N   . SER A 1 92  ? 11.000  8.227   -7.196  1.00 7.64  ? 92  SER A N   1 
ATOM   727  C CA  . SER A 1 92  ? 9.986   8.606   -8.143  1.00 7.34  ? 92  SER A CA  1 
ATOM   728  C C   . SER A 1 92  ? 8.820   9.291   -7.411  1.00 6.99  ? 92  SER A C   1 
ATOM   729  O O   . SER A 1 92  ? 8.110   10.179  -7.958  1.00 7.76  ? 92  SER A O   1 
ATOM   730  C CB  . SER A 1 92  ? 9.457   7.369   -8.945  1.00 6.81  ? 92  SER A CB  1 
ATOM   731  O OG  . SER A 1 92  ? 8.816   6.498   -8.013  1.00 7.37  ? 92  SER A OG  1 
ATOM   732  N N   . HIS A 1 93  ? 8.605   8.858   -6.159  1.00 6.87  ? 93  HIS A N   1 
ATOM   733  C CA  . HIS A 1 93  ? 7.499   9.426   -5.420  1.00 8.15  ? 93  HIS A CA  1 
ATOM   734  C C   . HIS A 1 93  ? 7.735   10.867  -4.905  1.00 9.04  ? 93  HIS A C   1 
ATOM   735  O O   . HIS A 1 93  ? 6.769   11.663  -4.877  1.00 8.93  ? 93  HIS A O   1 
ATOM   736  C CB  . HIS A 1 93  ? 7.105   8.424   -4.293  1.00 7.39  ? 93  HIS A CB  1 
ATOM   737  C CG  . HIS A 1 93  ? 6.293   7.261   -4.925  1.00 7.04  ? 93  HIS A CG  1 
ATOM   738  N ND1 . HIS A 1 93  ? 6.652   6.460   -5.912  1.00 6.31  ? 93  HIS A ND1 1 
ATOM   739  C CD2 . HIS A 1 93  ? 5.030   6.853   -4.560  1.00 8.10  ? 93  HIS A CD2 1 
ATOM   740  C CE1 . HIS A 1 93  ? 5.710   5.585   -6.162  1.00 7.26  ? 93  HIS A CE1 1 
ATOM   741  N NE2 . HIS A 1 93  ? 4.729   5.835   -5.335  1.00 7.44  ? 93  HIS A NE2 1 
ATOM   742  N N   . ALA A 1 94  ? 9.033   11.197  -4.699  1.00 9.48  ? 94  ALA A N   1 
ATOM   743  C CA  . ALA A 1 94  ? 9.437   12.511  -4.298  1.00 11.24 ? 94  ALA A CA  1 
ATOM   744  C C   . ALA A 1 94  ? 9.538   13.403  -5.515  1.00 11.96 ? 94  ALA A C   1 
ATOM   745  O O   . ALA A 1 94  ? 9.018   14.514  -5.424  1.00 13.61 ? 94  ALA A O   1 
ATOM   746  C CB  . ALA A 1 94  ? 10.793  12.501  -3.674  1.00 10.21 ? 94  ALA A CB  1 
ATOM   747  N N   . THR A 1 95  ? 10.067  12.933  -6.654  1.00 12.81 ? 95  THR A N   1 
ATOM   748  C CA  . THR A 1 95  ? 10.298  13.824  -7.777  1.00 13.97 ? 95  THR A CA  1 
ATOM   749  C C   . THR A 1 95  ? 9.369   13.826  -8.977  1.00 14.42 ? 95  THR A C   1 
ATOM   750  O O   . THR A 1 95  ? 9.265   14.829  -9.695  1.00 14.96 ? 95  THR A O   1 
ATOM   751  C CB  . THR A 1 95  ? 11.726  13.639  -8.323  1.00 15.10 ? 95  THR A CB  1 
ATOM   752  O OG1 . THR A 1 95  ? 11.761  12.390  -9.042  1.00 16.70 ? 95  THR A OG1 1 
ATOM   753  C CG2 . THR A 1 95  ? 12.755  13.765  -7.164  1.00 15.71 ? 95  THR A CG2 1 
ATOM   754  N N   . LYS A 1 96  ? 8.705   12.712  -9.289  1.00 14.10 ? 96  LYS A N   1 
ATOM   755  C CA  . LYS A 1 96  ? 7.815   12.681  -10.408 1.00 13.32 ? 96  LYS A CA  1 
ATOM   756  C C   . LYS A 1 96  ? 6.372   12.638  -9.889  1.00 13.27 ? 96  LYS A C   1 
ATOM   757  O O   . LYS A 1 96  ? 5.594   13.506  -10.317 1.00 14.08 ? 96  LYS A O   1 
ATOM   758  C CB  . LYS A 1 96  ? 8.154   11.466  -11.206 1.00 13.71 ? 96  LYS A CB  1 
ATOM   759  C CG  . LYS A 1 96  ? 7.254   11.426  -12.415 1.00 14.74 ? 96  LYS A CG  1 
ATOM   760  C CD  . LYS A 1 96  ? 7.508   10.174  -13.249 1.00 16.19 ? 96  LYS A CD  1 
ATOM   761  C CE  . LYS A 1 96  ? 6.410   10.127  -14.348 1.00 15.21 ? 96  LYS A CE  1 
ATOM   762  N NZ  . LYS A 1 96  ? 6.782   9.067   -15.262 1.00 18.36 ? 96  LYS A NZ  1 
ATOM   763  N N   . HIS A 1 97  ? 5.960   11.763  -8.946  1.00 12.47 ? 97  HIS A N   1 
ATOM   764  C CA  . HIS A 1 97  ? 4.525   11.621  -8.665  1.00 11.96 ? 97  HIS A CA  1 
ATOM   765  C C   . HIS A 1 97  ? 4.034   12.613  -7.629  1.00 12.77 ? 97  HIS A C   1 
ATOM   766  O O   . HIS A 1 97  ? 2.805   12.837  -7.549  1.00 13.24 ? 97  HIS A O   1 
ATOM   767  C CB  . HIS A 1 97  ? 4.153   10.166  -8.158  1.00 10.08 ? 97  HIS A CB  1 
ATOM   768  C CG  . HIS A 1 97  ? 4.671   9.071   -9.136  1.00 9.13  ? 97  HIS A CG  1 
ATOM   769  N ND1 . HIS A 1 97  ? 4.611   9.003   -10.474 1.00 8.69  ? 97  HIS A ND1 1 
ATOM   770  C CD2 . HIS A 1 97  ? 5.403   7.942   -8.780  1.00 8.99  ? 97  HIS A CD2 1 
ATOM   771  C CE1 . HIS A 1 97  ? 5.260   7.975   -10.966 1.00 7.62  ? 97  HIS A CE1 1 
ATOM   772  N NE2 . HIS A 1 97  ? 5.736   7.346   -9.911  1.00 8.31  ? 97  HIS A NE2 1 
ATOM   773  N N   . LYS A 1 98  ? 5.022   12.955  -6.771  1.00 13.36 ? 98  LYS A N   1 
ATOM   774  C CA  . LYS A 1 98  ? 4.759   13.932  -5.679  1.00 13.35 ? 98  LYS A CA  1 
ATOM   775  C C   . LYS A 1 98  ? 3.615   13.485  -4.768  1.00 11.93 ? 98  LYS A C   1 
ATOM   776  O O   . LYS A 1 98  ? 2.545   14.072  -4.696  1.00 11.58 ? 98  LYS A O   1 
ATOM   777  C CB  . LYS A 1 98  ? 4.414   15.314  -6.289  1.00 15.38 ? 98  LYS A CB  1 
ATOM   778  C CG  . LYS A 1 98  ? 5.549   15.859  -7.204  1.00 18.56 ? 98  LYS A CG  1 
ATOM   779  C CD  . LYS A 1 98  ? 6.709   16.412  -6.363  1.00 19.92 ? 98  LYS A CD  1 
ATOM   780  C CE  . LYS A 1 98  ? 8.023   16.751  -7.094  1.00 21.70 ? 98  LYS A CE  1 
ATOM   781  N NZ  . LYS A 1 98  ? 9.131   17.099  -6.115  1.00 21.59 ? 98  LYS A NZ  1 
ATOM   782  N N   . ILE A 1 99  ? 3.929   12.329  -4.083  1.00 11.66 ? 99  ILE A N   1 
ATOM   783  C CA  . ILE A 1 99  ? 2.892   11.710  -3.241  1.00 11.91 ? 99  ILE A CA  1 
ATOM   784  C C   . ILE A 1 99  ? 3.112   12.101  -1.783  1.00 12.78 ? 99  ILE A C   1 
ATOM   785  O O   . ILE A 1 99  ? 4.077   11.657  -1.155  1.00 12.20 ? 99  ILE A O   1 
ATOM   786  C CB  . ILE A 1 99  ? 2.941   10.162  -3.378  1.00 10.80 ? 99  ILE A CB  1 
ATOM   787  C CG1 . ILE A 1 99  ? 2.690   9.743   -4.825  1.00 11.40 ? 99  ILE A CG1 1 
ATOM   788  C CG2 . ILE A 1 99  ? 1.858   9.549   -2.493  1.00 11.01 ? 99  ILE A CG2 1 
ATOM   789  C CD1 . ILE A 1 99  ? 1.368   10.271  -5.454  1.00 10.30 ? 99  ILE A CD1 1 
ATOM   790  N N   . PRO A 1 100 ? 2.270   12.965  -1.168  1.00 13.38 ? 100 PRO A N   1 
ATOM   791  C CA  . PRO A 1 100 ? 2.354   13.346  0.227   1.00 13.12 ? 100 PRO A CA  1 
ATOM   792  C C   . PRO A 1 100 ? 2.440   12.135  1.187   1.00 13.70 ? 100 PRO A C   1 
ATOM   793  O O   . PRO A 1 100 ? 1.795   11.092  0.945   1.00 13.36 ? 100 PRO A O   1 
ATOM   794  C CB  . PRO A 1 100 ? 1.070   14.147  0.434   1.00 12.85 ? 100 PRO A CB  1 
ATOM   795  C CG  . PRO A 1 100 ? 0.738   14.698  -0.907  1.00 13.56 ? 100 PRO A CG  1 
ATOM   796  C CD  . PRO A 1 100 ? 1.119   13.556  -1.862  1.00 13.46 ? 100 PRO A CD  1 
ATOM   797  N N   . ILE A 1 101 ? 3.087   12.163  2.353   1.00 13.48 ? 101 ILE A N   1 
ATOM   798  C CA  . ILE A 1 101 ? 2.984   11.087  3.337   1.00 13.36 ? 101 ILE A CA  1 
ATOM   799  C C   . ILE A 1 101 ? 1.526   10.898  3.763   1.00 13.58 ? 101 ILE A C   1 
ATOM   800  O O   . ILE A 1 101 ? 1.119   9.751   4.062   1.00 13.09 ? 101 ILE A O   1 
ATOM   801  C CB  . ILE A 1 101 ? 3.859   11.412  4.623   1.00 14.28 ? 101 ILE A CB  1 
ATOM   802  C CG1 . ILE A 1 101 ? 5.376   11.409  4.141   1.00 13.54 ? 101 ILE A CG1 1 
ATOM   803  C CG2 . ILE A 1 101 ? 3.509   10.460  5.857   1.00 14.89 ? 101 ILE A CG2 1 
ATOM   804  C CD1 . ILE A 1 101 ? 5.842   10.044  3.648   1.00 13.99 ? 101 ILE A CD1 1 
ATOM   805  N N   . LYS A 1 102 ? 0.729   11.958  3.889   1.00 12.62 ? 102 LYS A N   1 
ATOM   806  C CA  . LYS A 1 102 ? -0.691  11.754  4.229   1.00 12.72 ? 102 LYS A CA  1 
ATOM   807  C C   . LYS A 1 102 ? -1.309  10.759  3.245   1.00 11.79 ? 102 LYS A C   1 
ATOM   808  O O   . LYS A 1 102 ? -2.160  9.955   3.671   1.00 11.77 ? 102 LYS A O   1 
ATOM   809  C CB  . LYS A 1 102 ? -1.498  13.029  4.128   1.00 14.16 ? 102 LYS A CB  1 
ATOM   810  C CG  . LYS A 1 102 ? -1.344  13.944  5.337   1.00 16.39 ? 102 LYS A CG  1 
ATOM   811  C CD  . LYS A 1 102 ? -1.416  13.072  6.618   1.00 17.86 ? 102 LYS A CD  1 
ATOM   812  C CE  . LYS A 1 102 ? -1.900  13.777  7.909   1.00 18.62 ? 102 LYS A CE  1 
ATOM   813  N NZ  . LYS A 1 102 ? -1.577  12.985  9.085   1.00 17.85 ? 102 LYS A NZ  1 
ATOM   814  N N   . TYR A 1 103 ? -0.884  10.788  1.977   1.00 9.97  ? 103 TYR A N   1 
ATOM   815  C CA  . TYR A 1 103 ? -1.439  9.809   1.079   1.00 9.48  ? 103 TYR A CA  1 
ATOM   816  C C   . TYR A 1 103 ? -0.975  8.401   1.420   1.00 9.54  ? 103 TYR A C   1 
ATOM   817  O O   . TYR A 1 103 ? -1.746  7.442   1.305   1.00 9.40  ? 103 TYR A O   1 
ATOM   818  C CB  . TYR A 1 103 ? -1.072  10.170  -0.324  1.00 9.62  ? 103 TYR A CB  1 
ATOM   819  C CG  . TYR A 1 103 ? -1.952  11.281  -0.903  1.00 10.27 ? 103 TYR A CG  1 
ATOM   820  C CD1 . TYR A 1 103 ? -2.677  12.203  -0.132  1.00 9.97  ? 103 TYR A CD1 1 
ATOM   821  C CD2 . TYR A 1 103 ? -1.963  11.361  -2.305  1.00 10.38 ? 103 TYR A CD2 1 
ATOM   822  C CE1 . TYR A 1 103 ? -3.417  13.187  -0.748  1.00 10.41 ? 103 TYR A CE1 1 
ATOM   823  C CE2 . TYR A 1 103 ? -2.702  12.368  -2.929  1.00 11.46 ? 103 TYR A CE2 1 
ATOM   824  C CZ  . TYR A 1 103 ? -3.415  13.271  -2.126  1.00 10.52 ? 103 TYR A CZ  1 
ATOM   825  O OH  . TYR A 1 103 ? -4.019  14.352  -2.738  1.00 12.83 ? 103 TYR A OH  1 
ATOM   826  N N   . LEU A 1 104 ? 0.247   8.205   1.857   1.00 8.93  ? 104 LEU A N   1 
ATOM   827  C CA  . LEU A 1 104 ? 0.748   6.875   2.183   1.00 9.46  ? 104 LEU A CA  1 
ATOM   828  C C   . LEU A 1 104 ? -0.019  6.417   3.414   1.00 9.40  ? 104 LEU A C   1 
ATOM   829  O O   . LEU A 1 104 ? -0.273  5.240   3.556   1.00 8.46  ? 104 LEU A O   1 
ATOM   830  C CB  . LEU A 1 104 ? 2.292   6.922   2.456   1.00 11.24 ? 104 LEU A CB  1 
ATOM   831  C CG  . LEU A 1 104 ? 3.279   7.488   1.377   1.00 13.66 ? 104 LEU A CG  1 
ATOM   832  C CD1 . LEU A 1 104 ? 4.743   7.212   1.800   1.00 14.26 ? 104 LEU A CD1 1 
ATOM   833  C CD2 . LEU A 1 104 ? 3.169   6.768   0.079   1.00 14.14 ? 104 LEU A CD2 1 
ATOM   834  N N   . GLU A 1 105 ? -0.400  7.281   4.377   1.00 9.19  ? 105 GLU A N   1 
ATOM   835  C CA  . GLU A 1 105 ? -1.309  6.932   5.483   1.00 8.84  ? 105 GLU A CA  1 
ATOM   836  C C   . GLU A 1 105 ? -2.690  6.467   4.994   1.00 8.80  ? 105 GLU A C   1 
ATOM   837  O O   . GLU A 1 105 ? -3.229  5.444   5.432   1.00 8.25  ? 105 GLU A O   1 
ATOM   838  C CB  . GLU A 1 105 ? -1.483  8.148   6.386   1.00 9.41  ? 105 GLU A CB  1 
ATOM   839  C CG  . GLU A 1 105 ? -0.162  8.423   7.173   1.00 10.53 ? 105 GLU A CG  1 
ATOM   840  C CD  . GLU A 1 105 ? -0.138  9.716   8.023   1.00 12.19 ? 105 GLU A CD  1 
ATOM   841  O OE1 . GLU A 1 105 ? -1.082  10.491  7.909   1.00 12.62 ? 105 GLU A OE1 1 
ATOM   842  O OE2 . GLU A 1 105 ? 0.802   9.943   8.768   1.00 12.20 ? 105 GLU A OE2 1 
ATOM   843  N N   . PHE A 1 106 ? -3.287  7.214   4.090   1.00 8.35  ? 106 PHE A N   1 
ATOM   844  C CA  . PHE A 1 106 ? -4.577  6.825   3.513   1.00 8.67  ? 106 PHE A CA  1 
ATOM   845  C C   . PHE A 1 106 ? -4.555  5.423   2.879   1.00 8.35  ? 106 PHE A C   1 
ATOM   846  O O   . PHE A 1 106 ? -5.436  4.603   3.109   1.00 8.69  ? 106 PHE A O   1 
ATOM   847  C CB  . PHE A 1 106 ? -4.982  7.844   2.440   1.00 9.62  ? 106 PHE A CB  1 
ATOM   848  C CG  . PHE A 1 106 ? -5.292  9.263   2.947   1.00 11.12 ? 106 PHE A CG  1 
ATOM   849  C CD1 . PHE A 1 106 ? -5.664  9.458   4.261   1.00 11.12 ? 106 PHE A CD1 1 
ATOM   850  C CD2 . PHE A 1 106 ? -5.240  10.319  2.041   1.00 11.54 ? 106 PHE A CD2 1 
ATOM   851  C CE1 . PHE A 1 106 ? -5.980  10.743  4.652   1.00 12.57 ? 106 PHE A CE1 1 
ATOM   852  C CE2 . PHE A 1 106 ? -5.561  11.592  2.444   1.00 12.36 ? 106 PHE A CE2 1 
ATOM   853  C CZ  . PHE A 1 106 ? -5.933  11.787  3.764   1.00 12.60 ? 106 PHE A CZ  1 
ATOM   854  N N   . ILE A 1 107 ? -3.512  5.084   2.073   1.00 8.34  ? 107 ILE A N   1 
ATOM   855  C CA  . ILE A 1 107 ? -3.559  3.772   1.444   1.00 7.33  ? 107 ILE A CA  1 
ATOM   856  C C   . ILE A 1 107 ? -3.233  2.776   2.476   1.00 7.57  ? 107 ILE A C   1 
ATOM   857  O O   . ILE A 1 107 ? -3.742  1.680   2.319   1.00 7.70  ? 107 ILE A O   1 
ATOM   858  C CB  . ILE A 1 107 ? -2.584  3.667   0.187   1.00 7.50  ? 107 ILE A CB  1 
ATOM   859  C CG1 . ILE A 1 107 ? -3.100  2.519   -0.744  1.00 7.31  ? 107 ILE A CG1 1 
ATOM   860  C CG2 . ILE A 1 107 ? -1.121  3.411   0.584   1.00 7.70  ? 107 ILE A CG2 1 
ATOM   861  C CD1 . ILE A 1 107 ? -2.417  2.488   -2.174  1.00 6.43  ? 107 ILE A CD1 1 
ATOM   862  N N   . SER A 1 108 ? -2.484  3.058   3.546   1.00 7.60  ? 108 SER A N   1 
ATOM   863  C CA  . SER A 1 108 ? -2.195  2.058   4.585   1.00 8.48  ? 108 SER A CA  1 
ATOM   864  C C   . SER A 1 108 ? -3.496  1.637   5.243   1.00 8.22  ? 108 SER A C   1 
ATOM   865  O O   . SER A 1 108 ? -3.735  0.469   5.523   1.00 8.75  ? 108 SER A O   1 
ATOM   866  C CB  . SER A 1 108 ? -1.247  2.667   5.673   1.00 7.95  ? 108 SER A CB  1 
ATOM   867  O OG  . SER A 1 108 ? 0.020   2.773   5.065   1.00 9.54  ? 108 SER A OG  1 
ATOM   868  N N   . GLU A 1 109 ? -4.310  2.663   5.481   1.00 8.36  ? 109 GLU A N   1 
ATOM   869  C CA  . GLU A 1 109 ? -5.609  2.495   6.097   1.00 9.14  ? 109 GLU A CA  1 
ATOM   870  C C   . GLU A 1 109 ? -6.482  1.688   5.141   1.00 7.89  ? 109 GLU A C   1 
ATOM   871  O O   . GLU A 1 109 ? -7.048  0.725   5.647   1.00 8.48  ? 109 GLU A O   1 
ATOM   872  C CB  . GLU A 1 109 ? -6.243  3.870   6.405   1.00 10.25 ? 109 GLU A CB  1 
ATOM   873  C CG  . GLU A 1 109 ? -5.498  4.626   7.522   1.00 12.50 ? 109 GLU A CG  1 
ATOM   874  C CD  . GLU A 1 109 ? -5.555  6.157   7.298   1.00 14.67 ? 109 GLU A CD  1 
ATOM   875  O OE1 . GLU A 1 109 ? -6.299  6.636   6.421   1.00 16.05 ? 109 GLU A OE1 1 
ATOM   876  O OE2 . GLU A 1 109 ? -4.832  6.878   7.979   1.00 15.49 ? 109 GLU A OE2 1 
ATOM   877  N N   . ALA A 1 110 ? -6.404  1.913   3.812   1.00 7.62  ? 110 ALA A N   1 
ATOM   878  C CA  . ALA A 1 110 ? -7.195  1.098   2.877   1.00 6.84  ? 110 ALA A CA  1 
ATOM   879  C C   . ALA A 1 110 ? -6.767  -0.386  2.872   1.00 7.36  ? 110 ALA A C   1 
ATOM   880  O O   . ALA A 1 110 ? -7.614  -1.314  2.937   1.00 7.77  ? 110 ALA A O   1 
ATOM   881  C CB  . ALA A 1 110 ? -7.065  1.661   1.494   1.00 6.95  ? 110 ALA A CB  1 
ATOM   882  N N   . ILE A 1 111 ? -5.434  -0.620  2.915   1.00 7.02  ? 111 ILE A N   1 
ATOM   883  C CA  . ILE A 1 111 ? -4.816  -1.951  3.017   1.00 7.21  ? 111 ILE A CA  1 
ATOM   884  C C   . ILE A 1 111 ? -5.308  -2.716  4.217   1.00 8.47  ? 111 ILE A C   1 
ATOM   885  O O   . ILE A 1 111 ? -5.831  -3.830  4.076   1.00 7.69  ? 111 ILE A O   1 
ATOM   886  C CB  . ILE A 1 111 ? -3.300  -1.820  3.131   1.00 8.36  ? 111 ILE A CB  1 
ATOM   887  C CG1 . ILE A 1 111 ? -2.836  -1.285  1.770   1.00 8.21  ? 111 ILE A CG1 1 
ATOM   888  C CG2 . ILE A 1 111 ? -2.623  -3.177  3.498   1.00 8.31  ? 111 ILE A CG2 1 
ATOM   889  C CD1 . ILE A 1 111 ? -1.330  -0.958  1.737   1.00 8.22  ? 111 ILE A CD1 1 
ATOM   890  N N   . ILE A 1 112 ? -5.256  -2.116  5.414   1.00 8.84  ? 112 ILE A N   1 
ATOM   891  C CA  . ILE A 1 112 ? -5.706  -2.784  6.667   1.00 8.33  ? 112 ILE A CA  1 
ATOM   892  C C   . ILE A 1 112 ? -7.215  -3.054  6.538   1.00 9.07  ? 112 ILE A C   1 
ATOM   893  O O   . ILE A 1 112 ? -7.693  -4.108  6.959   1.00 9.53  ? 112 ILE A O   1 
ATOM   894  C CB  A ILE A 1 112 ? -5.444  -1.842  7.904   0.28 9.41  ? 112 ILE A CB  1 
ATOM   895  C CB  B ILE A 1 112 ? -5.372  -1.899  7.933   0.74 10.49 ? 112 ILE A CB  1 
ATOM   896  C CG1 A ILE A 1 112 ? -3.938  -1.606  8.112   0.28 9.68  ? 112 ILE A CG1 1 
ATOM   897  C CG1 B ILE A 1 112 ? -3.813  -1.929  8.197   0.74 10.77 ? 112 ILE A CG1 1 
ATOM   898  C CG2 A ILE A 1 112 ? -6.105  -2.459  9.157   0.28 9.06  ? 112 ILE A CG2 1 
ATOM   899  C CG2 B ILE A 1 112 ? -6.101  -2.472  9.191   0.74 9.72  ? 112 ILE A CG2 1 
ATOM   900  C CD1 A ILE A 1 112 ? -3.146  -2.753  8.756   0.28 9.37  ? 112 ILE A CD1 1 
ATOM   901  C CD1 B ILE A 1 112 ? -3.301  -0.873  9.238   0.74 11.25 ? 112 ILE A CD1 1 
ATOM   902  N N   . HIS A 1 113 ? -7.988  -2.106  6.004   1.00 8.83  ? 113 HIS A N   1 
ATOM   903  C CA  . HIS A 1 113 ? -9.393  -2.327  5.871   1.00 9.68  ? 113 HIS A CA  1 
ATOM   904  C C   . HIS A 1 113 ? -9.665  -3.584  5.014   1.00 10.03 ? 113 HIS A C   1 
ATOM   905  O O   . HIS A 1 113 ? -10.404 -4.509  5.432   1.00 10.79 ? 113 HIS A O   1 
ATOM   906  C CB  . HIS A 1 113 ? -10.016 -1.082  5.221   1.00 11.88 ? 113 HIS A CB  1 
ATOM   907  C CG  . HIS A 1 113 ? -11.467 -1.349  5.098   1.00 14.84 ? 113 HIS A CG  1 
ATOM   908  N ND1 . HIS A 1 113 ? -12.098 -1.857  4.016   1.00 16.44 ? 113 HIS A ND1 1 
ATOM   909  C CD2 . HIS A 1 113 ? -12.369 -1.118  6.119   1.00 15.71 ? 113 HIS A CD2 1 
ATOM   910  C CE1 . HIS A 1 113 ? -13.381 -1.949  4.327   1.00 16.39 ? 113 HIS A CE1 1 
ATOM   911  N NE2 . HIS A 1 113 ? -13.505 -1.510  5.561   1.00 17.16 ? 113 HIS A NE2 1 
ATOM   912  N N   . VAL A 1 114 ? -9.135  -3.621  3.777   1.00 9.05  ? 114 VAL A N   1 
ATOM   913  C CA  . VAL A 1 114 ? -9.386  -4.757  2.889   1.00 8.93  ? 114 VAL A CA  1 
ATOM   914  C C   . VAL A 1 114 ? -8.877  -6.068  3.474   1.00 9.14  ? 114 VAL A C   1 
ATOM   915  O O   . VAL A 1 114 ? -9.556  -7.109  3.312   1.00 9.37  ? 114 VAL A O   1 
ATOM   916  C CB  . VAL A 1 114 ? -8.727  -4.482  1.542   1.00 7.50  ? 114 VAL A CB  1 
ATOM   917  C CG1 . VAL A 1 114 ? -8.753  -5.687  0.627   1.00 6.87  ? 114 VAL A CG1 1 
ATOM   918  C CG2 . VAL A 1 114 ? -9.493  -3.294  0.934   1.00 7.76  ? 114 VAL A CG2 1 
ATOM   919  N N   . LEU A 1 115 ? -7.724  -6.081  4.179   1.00 8.98  ? 115 LEU A N   1 
ATOM   920  C CA  . LEU A 1 115 ? -7.284  -7.297  4.821   1.00 9.29  ? 115 LEU A CA  1 
ATOM   921  C C   . LEU A 1 115 ? -8.246  -7.784  5.910   1.00 10.12 ? 115 LEU A C   1 
ATOM   922  O O   . LEU A 1 115 ? -8.523  -9.010  5.998   1.00 9.30  ? 115 LEU A O   1 
ATOM   923  C CB  . LEU A 1 115 ? -5.886  -7.071  5.382   1.00 9.20  ? 115 LEU A CB  1 
ATOM   924  C CG  . LEU A 1 115 ? -4.797  -6.873  4.299   1.00 9.36  ? 115 LEU A CG  1 
ATOM   925  C CD1 . LEU A 1 115 ? -3.479  -6.906  5.063   1.00 9.71  ? 115 LEU A CD1 1 
ATOM   926  C CD2 . LEU A 1 115 ? -4.746  -7.917  3.250   1.00 8.82  ? 115 LEU A CD2 1 
ATOM   927  N N   . HIS A 1 116 ? -8.822  -6.823  6.696   1.00 10.78 ? 116 HIS A N   1 
ATOM   928  C CA  . HIS A 1 116 ? -9.763  -7.237  7.740   1.00 11.30 ? 116 HIS A CA  1 
ATOM   929  C C   . HIS A 1 116 ? -11.024 -7.821  7.071   1.00 11.59 ? 116 HIS A C   1 
ATOM   930  O O   . HIS A 1 116 ? -11.637 -8.791  7.533   1.00 12.15 ? 116 HIS A O   1 
ATOM   931  C CB  . HIS A 1 116 ? -10.115 -6.027  8.584   1.00 12.70 ? 116 HIS A CB  1 
ATOM   932  C CG  . HIS A 1 116 ? -11.192 -6.338  9.653   1.00 13.53 ? 116 HIS A CG  1 
ATOM   933  N ND1 . HIS A 1 116 ? -11.004 -6.953  10.815  1.00 15.36 ? 116 HIS A ND1 1 
ATOM   934  C CD2 . HIS A 1 116 ? -12.542 -6.050  9.506   1.00 14.86 ? 116 HIS A CD2 1 
ATOM   935  C CE1 . HIS A 1 116 ? -12.207 -7.027  11.445  1.00 15.90 ? 116 HIS A CE1 1 
ATOM   936  N NE2 . HIS A 1 116 ? -13.079 -6.488  10.610  1.00 15.69 ? 116 HIS A NE2 1 
ATOM   937  N N   . SER A 1 117 ? -11.454 -7.170  6.023   1.00 11.71 ? 117 SER A N   1 
ATOM   938  C CA  . SER A 1 117 ? -12.724 -7.466  5.358   1.00 12.89 ? 117 SER A CA  1 
ATOM   939  C C   . SER A 1 117 ? -12.600 -8.833  4.676   1.00 12.93 ? 117 SER A C   1 
ATOM   940  O O   . SER A 1 117 ? -13.476 -9.687  4.869   1.00 13.67 ? 117 SER A O   1 
ATOM   941  C CB  . SER A 1 117 ? -12.979 -6.274  4.397   1.00 13.46 ? 117 SER A CB  1 
ATOM   942  O OG  . SER A 1 117 ? -14.125 -6.329  3.518   1.00 17.62 ? 117 SER A OG  1 
ATOM   943  N N   . ARG A 1 118 ? -11.480 -9.116  3.958   1.00 11.82 ? 118 ARG A N   1 
ATOM   944  C CA  . ARG A 1 118 ? -11.346 -10.370 3.205   1.00 10.29 ? 118 ARG A CA  1 
ATOM   945  C C   . ARG A 1 118 ? -10.752 -11.469 4.033   1.00 9.54  ? 118 ARG A C   1 
ATOM   946  O O   . ARG A 1 118 ? -10.979 -12.631 3.706   1.00 10.33 ? 118 ARG A O   1 
ATOM   947  C CB  . ARG A 1 118 ? -10.451 -10.186 1.972   1.00 8.86  ? 118 ARG A CB  1 
ATOM   948  C CG  . ARG A 1 118 ? -11.071 -9.299  0.917   1.00 9.55  ? 118 ARG A CG  1 
ATOM   949  C CD  . ARG A 1 118 ? -10.195 -9.682  -0.261  1.00 11.72 ? 118 ARG A CD  1 
ATOM   950  N NE  . ARG A 1 118 ? -10.581 -9.061  -1.489  1.00 13.14 ? 118 ARG A NE  1 
ATOM   951  C CZ  . ARG A 1 118 ? -10.481 -9.638  -2.728  1.00 10.81 ? 118 ARG A CZ  1 
ATOM   952  N NH1 . ARG A 1 118 ? -10.081 -10.902 -2.936  1.00 10.14 ? 118 ARG A NH1 1 
ATOM   953  N NH2 . ARG A 1 118 ? -10.893 -8.923  -3.774  1.00 13.14 ? 118 ARG A NH2 1 
ATOM   954  N N   . HIS A 1 119 ? -9.932  -11.146 5.042   1.00 8.82  ? 119 HIS A N   1 
ATOM   955  C CA  . HIS A 1 119 ? -9.231  -12.214 5.755   1.00 8.41  ? 119 HIS A CA  1 
ATOM   956  C C   . HIS A 1 119 ? -9.321  -12.148 7.264   1.00 9.06  ? 119 HIS A C   1 
ATOM   957  O O   . HIS A 1 119 ? -8.291  -12.348 7.947   1.00 9.36  ? 119 HIS A O   1 
ATOM   958  C CB  . HIS A 1 119 ? -7.733  -12.226 5.378   1.00 7.88  ? 119 HIS A CB  1 
ATOM   959  C CG  . HIS A 1 119 ? -7.541  -12.333 3.889   1.00 7.59  ? 119 HIS A CG  1 
ATOM   960  N ND1 . HIS A 1 119 ? -7.234  -11.388 2.996   1.00 8.67  ? 119 HIS A ND1 1 
ATOM   961  C CD2 . HIS A 1 119 ? -7.760  -13.475 3.161   1.00 6.30  ? 119 HIS A CD2 1 
ATOM   962  C CE1 . HIS A 1 119 ? -7.280  -11.905 1.786   1.00 5.99  ? 119 HIS A CE1 1 
ATOM   963  N NE2 . HIS A 1 119 ? -7.599  -13.178 1.877   1.00 8.93  ? 119 HIS A NE2 1 
ATOM   964  N N   . PRO A 1 120 ? -10.513 -11.955 7.871   1.00 9.73  ? 120 PRO A N   1 
ATOM   965  C CA  . PRO A 1 120 ? -10.594 -11.654 9.331   1.00 10.35 ? 120 PRO A CA  1 
ATOM   966  C C   . PRO A 1 120 ? -10.049 -12.775 10.202  1.00 10.80 ? 120 PRO A C   1 
ATOM   967  O O   . PRO A 1 120 ? -9.488  -12.574 11.276  1.00 11.46 ? 120 PRO A O   1 
ATOM   968  C CB  . PRO A 1 120 ? -12.078 -11.348 9.532   1.00 10.60 ? 120 PRO A CB  1 
ATOM   969  C CG  . PRO A 1 120 ? -12.817 -12.016 8.351   1.00 10.04 ? 120 PRO A CG  1 
ATOM   970  C CD  . PRO A 1 120 ? -11.844 -11.912 7.191   1.00 9.93  ? 120 PRO A CD  1 
ATOM   971  N N   . GLY A 1 121 ? -10.124 -14.014 9.705   1.00 11.23 ? 121 GLY A N   1 
ATOM   972  C CA  . GLY A 1 121 ? -9.581  -15.192 10.385  1.00 11.28 ? 121 GLY A CA  1 
ATOM   973  C C   . GLY A 1 121 ? -8.068  -15.248 10.475  1.00 11.93 ? 121 GLY A C   1 
ATOM   974  O O   . GLY A 1 121 ? -7.484  -16.008 11.252  1.00 12.93 ? 121 GLY A O   1 
ATOM   975  N N   . ASP A 1 122 ? -7.409  -14.545 9.544   1.00 11.88 ? 122 ASP A N   1 
ATOM   976  C CA  . ASP A 1 122 ? -5.944  -14.504 9.497   1.00 12.57 ? 122 ASP A CA  1 
ATOM   977  C C   . ASP A 1 122 ? -5.483  -13.057 9.753   1.00 11.95 ? 122 ASP A C   1 
ATOM   978  O O   . ASP A 1 122 ? -4.338  -12.769 9.426   1.00 11.51 ? 122 ASP A O   1 
ATOM   979  C CB  . ASP A 1 122 ? -5.415  -14.956 8.083   1.00 13.66 ? 122 ASP A CB  1 
ATOM   980  C CG  . ASP A 1 122 ? -5.895  -16.378 7.791   1.00 14.53 ? 122 ASP A CG  1 
ATOM   981  O OD1 . ASP A 1 122 ? -5.298  -17.330 8.348   1.00 14.54 ? 122 ASP A OD1 1 
ATOM   982  O OD2 . ASP A 1 122 ? -6.890  -16.488 7.031   1.00 16.00 ? 122 ASP A OD2 1 
ATOM   983  N N   . PHE A 1 123 ? -6.376  -12.225 10.284  1.00 11.20 ? 123 PHE A N   1 
ATOM   984  C CA  . PHE A 1 123 ? -6.074  -10.818 10.513  1.00 10.52 ? 123 PHE A CA  1 
ATOM   985  C C   . PHE A 1 123 ? -6.821  -10.329 11.747  1.00 9.94  ? 123 PHE A C   1 
ATOM   986  O O   . PHE A 1 123 ? -7.650  -9.429  11.747  1.00 10.53 ? 123 PHE A O   1 
ATOM   987  C CB  . PHE A 1 123 ? -6.469  -10.021 9.243   1.00 10.72 ? 123 PHE A CB  1 
ATOM   988  C CG  . PHE A 1 123 ? -5.717  -8.667  9.156   1.00 9.72  ? 123 PHE A CG  1 
ATOM   989  C CD1 . PHE A 1 123 ? -4.310  -8.631  9.047   1.00 10.20 ? 123 PHE A CD1 1 
ATOM   990  C CD2 . PHE A 1 123 ? -6.422  -7.471  9.122   1.00 10.65 ? 123 PHE A CD2 1 
ATOM   991  C CE1 . PHE A 1 123 ? -3.643  -7.431  8.889   1.00 9.34  ? 123 PHE A CE1 1 
ATOM   992  C CE2 . PHE A 1 123 ? -5.737  -6.246  8.969   1.00 10.37 ? 123 PHE A CE2 1 
ATOM   993  C CZ  . PHE A 1 123 ? -4.354  -6.254  8.872   1.00 8.71  ? 123 PHE A CZ  1 
ATOM   994  N N   . GLY A 1 124 ? -6.546  -11.073 12.812  1.00 10.71 ? 124 GLY A N   1 
ATOM   995  C CA  . GLY A 1 124 ? -7.040  -10.726 14.140  1.00 11.05 ? 124 GLY A CA  1 
ATOM   996  C C   . GLY A 1 124 ? -6.235  -9.515  14.678  1.00 11.55 ? 124 GLY A C   1 
ATOM   997  O O   . GLY A 1 124 ? -5.330  -9.019  14.006  1.00 10.31 ? 124 GLY A O   1 
ATOM   998  N N   . ALA A 1 125 ? -6.547  -9.059  15.891  1.00 11.08 ? 125 ALA A N   1 
ATOM   999  C CA  . ALA A 1 125 ? -5.899  -7.944  16.543  1.00 10.60 ? 125 ALA A CA  1 
ATOM   1000 C C   . ALA A 1 125 ? -4.398  -7.973  16.470  1.00 10.23 ? 125 ALA A C   1 
ATOM   1001 O O   . ALA A 1 125 ? -3.756  -6.978  16.132  1.00 9.12  ? 125 ALA A O   1 
ATOM   1002 C CB  . ALA A 1 125 ? -6.293  -7.922  18.026  1.00 11.38 ? 125 ALA A CB  1 
ATOM   1003 N N   . ASP A 1 126 ? -3.822  -9.104  16.823  1.00 10.34 ? 126 ASP A N   1 
ATOM   1004 C CA  . ASP A 1 126 ? -2.376  -9.159  16.817  1.00 11.70 ? 126 ASP A CA  1 
ATOM   1005 C C   . ASP A 1 126 ? -1.803  -9.006  15.400  1.00 11.45 ? 126 ASP A C   1 
ATOM   1006 O O   . ASP A 1 126 ? -0.828  -8.287  15.202  1.00 10.04 ? 126 ASP A O   1 
ATOM   1007 C CB  . ASP A 1 126 ? -1.891  -10.484 17.418  1.00 15.19 ? 126 ASP A CB  1 
ATOM   1008 C CG  . ASP A 1 126 ? -1.872  -10.537 18.947  1.00 18.81 ? 126 ASP A CG  1 
ATOM   1009 O OD1 . ASP A 1 126 ? -2.222  -9.553  19.668  1.00 21.08 ? 126 ASP A OD1 1 
ATOM   1010 O OD2 . ASP A 1 126 ? -1.506  -11.629 19.401  1.00 20.86 ? 126 ASP A OD2 1 
ATOM   1011 N N   . ALA A 1 127 ? -2.452  -9.588  14.382  1.00 10.24 ? 127 ALA A N   1 
ATOM   1012 C CA  . ALA A 1 127 ? -1.961  -9.525  13.007  1.00 9.93  ? 127 ALA A CA  1 
ATOM   1013 C C   . ALA A 1 127 ? -2.143  -8.109  12.480  1.00 9.85  ? 127 ALA A C   1 
ATOM   1014 O O   . ALA A 1 127 ? -1.313  -7.605  11.704  1.00 9.09  ? 127 ALA A O   1 
ATOM   1015 C CB  . ALA A 1 127 ? -2.765  -10.516 12.060  1.00 9.09  ? 127 ALA A CB  1 
ATOM   1016 N N   . GLN A 1 128 ? -3.236  -7.490  12.943  1.00 10.59 ? 128 GLN A N   1 
ATOM   1017 C CA  . GLN A 1 128 ? -3.546  -6.149  12.504  1.00 10.89 ? 128 GLN A CA  1 
ATOM   1018 C C   . GLN A 1 128 ? -2.528  -5.176  13.082  1.00 10.97 ? 128 GLN A C   1 
ATOM   1019 O O   . GLN A 1 128 ? -2.076  -4.231  12.382  1.00 10.96 ? 128 GLN A O   1 
ATOM   1020 C CB  . GLN A 1 128 ? -4.859  -5.708  12.952  1.00 11.77 ? 128 GLN A CB  1 
ATOM   1021 C CG  . GLN A 1 128 ? -5.093  -4.474  12.119  1.00 14.89 ? 128 GLN A CG  1 
ATOM   1022 C CD  . GLN A 1 128 ? -6.423  -3.803  12.420  1.00 17.57 ? 128 GLN A CD  1 
ATOM   1023 O OE1 . GLN A 1 128 ? -6.711  -2.600  12.677  1.00 17.12 ? 128 GLN A OE1 1 
ATOM   1024 N NE2 . GLN A 1 128 ? -7.349  -4.757  12.291  1.00 19.05 ? 128 GLN A NE2 1 
ATOM   1025 N N   . GLY A 1 129 ? -2.126  -5.451  14.327  1.00 10.66 ? 129 GLY A N   1 
ATOM   1026 C CA  . GLY A 1 129 ? -1.117  -4.637  15.021  1.00 9.57  ? 129 GLY A CA  1 
ATOM   1027 C C   . GLY A 1 129 ? 0.211   -4.797  14.290  1.00 9.68  ? 129 GLY A C   1 
ATOM   1028 O O   . GLY A 1 129 ? 0.920   -3.785  14.028  1.00 9.74  ? 129 GLY A O   1 
ATOM   1029 N N   . ALA A 1 130 ? 0.563   -6.028  13.909  1.00 8.53  ? 130 ALA A N   1 
ATOM   1030 C CA  . ALA A 1 130 ? 1.827   -6.355  13.220  1.00 8.57  ? 130 ALA A CA  1 
ATOM   1031 C C   . ALA A 1 130 ? 1.861   -5.686  11.832  1.00 8.40  ? 130 ALA A C   1 
ATOM   1032 O O   . ALA A 1 130 ? 2.825   -4.951  11.544  1.00 7.74  ? 130 ALA A O   1 
ATOM   1033 C CB  . ALA A 1 130 ? 1.995   -7.897  13.045  1.00 8.81  ? 130 ALA A CB  1 
ATOM   1034 N N   . MET A 1 131 ? 0.776   -5.786  11.067  1.00 7.76  ? 131 MET A N   1 
ATOM   1035 C CA  . MET A 1 131 ? 0.724   -5.108  9.805   1.00 7.92  ? 131 MET A CA  1 
ATOM   1036 C C   . MET A 1 131 ? 0.775   -3.557  10.015  1.00 8.84  ? 131 MET A C   1 
ATOM   1037 O O   . MET A 1 131 ? 1.466   -2.850  9.265   1.00 8.50  ? 131 MET A O   1 
ATOM   1038 C CB  . MET A 1 131 ? -0.548  -5.465  9.090   1.00 8.24  ? 131 MET A CB  1 
ATOM   1039 C CG  . MET A 1 131 ? -0.643  -4.879  7.687   1.00 8.22  ? 131 MET A CG  1 
ATOM   1040 S SD  . MET A 1 131 ? 0.667   -5.381  6.514   1.00 7.66  ? 131 MET A SD  1 
ATOM   1041 C CE  . MET A 1 131 ? 0.313   -7.160  6.325   1.00 7.51  ? 131 MET A CE  1 
ATOM   1042 N N   . ASN A 1 132 ? 0.034   -2.979  10.964  1.00 8.51  ? 132 ASN A N   1 
ATOM   1043 C CA  . ASN A 1 132 ? 0.081   -1.552  11.224  1.00 9.71  ? 132 ASN A CA  1 
ATOM   1044 C C   . ASN A 1 132 ? 1.490   -1.113  11.553  1.00 9.86  ? 132 ASN A C   1 
ATOM   1045 O O   . ASN A 1 132 ? 1.926   -0.102  10.954  1.00 9.39  ? 132 ASN A O   1 
ATOM   1046 C CB  A ASN A 1 132 ? -0.886  -1.140  12.343  0.57 10.55 ? 132 ASN A CB  1 
ATOM   1047 C CB  B ASN A 1 132 ? -0.809  -1.187  12.431  0.49 10.29 ? 132 ASN A CB  1 
ATOM   1048 C CG  A ASN A 1 132 ? -2.172  -0.733  11.614  0.57 10.94 ? 132 ASN A CG  1 
ATOM   1049 C CG  B ASN A 1 132 ? -0.616  0.222   12.833  0.49 10.46 ? 132 ASN A CG  1 
ATOM   1050 O OD1 A ASN A 1 132 ? -3.270  -1.126  11.962  0.57 13.10 ? 132 ASN A OD1 1 
ATOM   1051 O OD1 B ASN A 1 132 ? -0.801  1.140   12.051  0.49 11.56 ? 132 ASN A OD1 1 
ATOM   1052 N ND2 A ASN A 1 132 ? -2.258  0.025   10.531  0.57 11.94 ? 132 ASN A ND2 1 
ATOM   1053 N ND2 B ASN A 1 132 ? -0.039  0.524   13.965  0.49 11.60 ? 132 ASN A ND2 1 
ATOM   1054 N N   . LYS A 1 133 ? 2.230   -1.907  12.331  1.00 9.32  ? 133 LYS A N   1 
ATOM   1055 C CA  . LYS A 1 133 ? 3.623   -1.589  12.585  1.00 9.29  ? 133 LYS A CA  1 
ATOM   1056 C C   . LYS A 1 133 ? 4.506   -1.620  11.315  1.00 9.04  ? 133 LYS A C   1 
ATOM   1057 O O   . LYS A 1 133 ? 5.334   -0.686  11.120  1.00 8.45  ? 133 LYS A O   1 
ATOM   1058 C CB  . LYS A 1 133 ? 4.237   -2.541  13.655  1.00 10.54 ? 133 LYS A CB  1 
ATOM   1059 C CG  . LYS A 1 133 ? 3.834   -2.120  15.066  1.00 13.58 ? 133 LYS A CG  1 
ATOM   1060 C CD  . LYS A 1 133 ? 4.386   -3.183  16.055  1.00 15.70 ? 133 LYS A CD  1 
ATOM   1061 C CE  . LYS A 1 133 ? 5.931   -3.288  16.184  1.00 16.44 ? 133 LYS A CE  1 
ATOM   1062 N NZ  . LYS A 1 133 ? 6.442   -3.829  17.476  1.00 17.67 ? 133 LYS A NZ  1 
ATOM   1063 N N   . ALA A 1 134 ? 4.365   -2.655  10.467  1.00 8.22  ? 134 ALA A N   1 
ATOM   1064 C CA  . ALA A 1 134 ? 5.156   -2.759  9.221   1.00 8.05  ? 134 ALA A CA  1 
ATOM   1065 C C   . ALA A 1 134 ? 4.883   -1.637  8.262   1.00 8.32  ? 134 ALA A C   1 
ATOM   1066 O O   . ALA A 1 134 ? 5.843   -1.098  7.705   1.00 8.33  ? 134 ALA A O   1 
ATOM   1067 C CB  . ALA A 1 134 ? 4.896   -4.038  8.423   1.00 8.06  ? 134 ALA A CB  1 
ATOM   1068 N N   . LEU A 1 135 ? 3.627   -1.199  8.143   1.00 7.68  ? 135 LEU A N   1 
ATOM   1069 C CA  . LEU A 1 135 ? 3.335   -0.075  7.277   1.00 7.40  ? 135 LEU A CA  1 
ATOM   1070 C C   . LEU A 1 135 ? 3.773   1.273   7.871   1.00 8.14  ? 135 LEU A C   1 
ATOM   1071 O O   . LEU A 1 135 ? 4.180   2.202   7.171   1.00 7.69  ? 135 LEU A O   1 
ATOM   1072 C CB  . LEU A 1 135 ? 1.859   -0.025  6.966   1.00 6.34  ? 135 LEU A CB  1 
ATOM   1073 C CG  . LEU A 1 135 ? 1.331   -1.293  6.199   1.00 6.45  ? 135 LEU A CG  1 
ATOM   1074 C CD1 . LEU A 1 135 ? -0.181  -1.082  6.033   1.00 7.00  ? 135 LEU A CD1 1 
ATOM   1075 C CD2 . LEU A 1 135 ? 2.028   -1.514  4.837   1.00 6.69  ? 135 LEU A CD2 1 
ATOM   1076 N N   . GLU A 1 136 ? 3.704   1.401   9.191   1.00 8.39  ? 136 GLU A N   1 
ATOM   1077 C CA  . GLU A 1 136 ? 4.221   2.567   9.888   1.00 9.46  ? 136 GLU A CA  1 
ATOM   1078 C C   . GLU A 1 136 ? 5.731   2.645   9.673   1.00 9.13  ? 136 GLU A C   1 
ATOM   1079 O O   . GLU A 1 136 ? 6.248   3.765   9.457   1.00 9.02  ? 136 GLU A O   1 
ATOM   1080 C CB  . GLU A 1 136 ? 3.861   2.374   11.292  1.00 11.09 ? 136 GLU A CB  1 
ATOM   1081 C CG  . GLU A 1 136 ? 4.585   3.256   12.193  1.00 14.81 ? 136 GLU A CG  1 
ATOM   1082 C CD  . GLU A 1 136 ? 4.034   3.003   13.597  1.00 16.94 ? 136 GLU A CD  1 
ATOM   1083 O OE1 . GLU A 1 136 ? 4.290   1.982   14.300  1.00 18.06 ? 136 GLU A OE1 1 
ATOM   1084 O OE2 . GLU A 1 136 ? 3.292   3.890   13.981  1.00 19.09 ? 136 GLU A OE2 1 
ATOM   1085 N N   . LEU A 1 137 ? 6.479   1.526   9.684   1.00 8.97  ? 137 LEU A N   1 
ATOM   1086 C CA  . LEU A 1 137 ? 7.930   1.520   9.423   1.00 8.68  ? 137 LEU A CA  1 
ATOM   1087 C C   . LEU A 1 137 ? 8.254   1.899   7.974   1.00 9.02  ? 137 LEU A C   1 
ATOM   1088 O O   . LEU A 1 137 ? 9.209   2.639   7.641   1.00 9.62  ? 137 LEU A O   1 
ATOM   1089 C CB  . LEU A 1 137 ? 8.537   0.160   9.681   1.00 8.96  ? 137 LEU A CB  1 
ATOM   1090 C CG  . LEU A 1 137 ? 10.061  0.008   9.357   1.00 10.00 ? 137 LEU A CG  1 
ATOM   1091 C CD1 . LEU A 1 137 ? 10.891  0.990   10.282  1.00 10.23 ? 137 LEU A CD1 1 
ATOM   1092 C CD2 . LEU A 1 137 ? 10.480  -1.479  9.514   1.00 10.35 ? 137 LEU A CD2 1 
ATOM   1093 N N   . PHE A 1 138 ? 7.475   1.370   7.065   1.00 8.05  ? 138 PHE A N   1 
ATOM   1094 C CA  . PHE A 1 138 ? 7.598   1.768   5.680   1.00 7.63  ? 138 PHE A CA  1 
ATOM   1095 C C   . PHE A 1 138 ? 7.338   3.267   5.560   1.00 7.02  ? 138 PHE A C   1 
ATOM   1096 O O   . PHE A 1 138 ? 8.138   3.968   4.906   1.00 7.28  ? 138 PHE A O   1 
ATOM   1097 C CB  . PHE A 1 138 ? 6.585   0.926   4.851   1.00 7.95  ? 138 PHE A CB  1 
ATOM   1098 C CG  . PHE A 1 138 ? 6.261   1.541   3.486   1.00 6.77  ? 138 PHE A CG  1 
ATOM   1099 C CD1 . PHE A 1 138 ? 7.191   1.529   2.462   1.00 6.82  ? 138 PHE A CD1 1 
ATOM   1100 C CD2 . PHE A 1 138 ? 5.008   2.116   3.282   1.00 7.53  ? 138 PHE A CD2 1 
ATOM   1101 C CE1 . PHE A 1 138 ? 6.879   2.085   1.224   1.00 7.41  ? 138 PHE A CE1 1 
ATOM   1102 C CE2 . PHE A 1 138 ? 4.693   2.667   2.055   1.00 8.47  ? 138 PHE A CE2 1 
ATOM   1103 C CZ  . PHE A 1 138 ? 5.647   2.654   1.040   1.00 8.33  ? 138 PHE A CZ  1 
ATOM   1104 N N   . ARG A 1 139 ? 6.274   3.825   6.145   1.00 6.95  ? 139 ARG A N   1 
ATOM   1105 C CA  . ARG A 1 139 ? 6.053   5.252   5.990   1.00 7.81  ? 139 ARG A CA  1 
ATOM   1106 C C   . ARG A 1 139 ? 7.154   6.147   6.610   1.00 8.80  ? 139 ARG A C   1 
ATOM   1107 O O   . ARG A 1 139 ? 7.494   7.187   6.049   1.00 9.61  ? 139 ARG A O   1 
ATOM   1108 C CB  . ARG A 1 139 ? 4.770   5.682   6.605   1.00 6.46  ? 139 ARG A CB  1 
ATOM   1109 C CG  . ARG A 1 139 ? 3.613   5.023   5.865   1.00 6.95  ? 139 ARG A CG  1 
ATOM   1110 C CD  . ARG A 1 139 ? 2.232   5.620   6.244   1.00 8.60  ? 139 ARG A CD  1 
ATOM   1111 N NE  . ARG A 1 139 ? 1.991   5.687   7.676   1.00 8.17  ? 139 ARG A NE  1 
ATOM   1112 C CZ  . ARG A 1 139 ? 1.464   4.702   8.356   1.00 8.23  ? 139 ARG A CZ  1 
ATOM   1113 N NH1 . ARG A 1 139 ? 1.096   3.593   7.757   1.00 7.30  ? 139 ARG A NH1 1 
ATOM   1114 N NH2 . ARG A 1 139 ? 1.421   4.788   9.664   1.00 9.01  ? 139 ARG A NH2 1 
ATOM   1115 N N   . LYS A 1 140 ? 7.684   5.805   7.782   1.00 9.52  ? 140 LYS A N   1 
ATOM   1116 C CA  . LYS A 1 140 ? 8.778   6.522   8.448   1.00 10.01 ? 140 LYS A CA  1 
ATOM   1117 C C   . LYS A 1 140 ? 10.006  6.578   7.528   1.00 9.78  ? 140 LYS A C   1 
ATOM   1118 O O   . LYS A 1 140 ? 10.662  7.610   7.289   1.00 10.31 ? 140 LYS A O   1 
ATOM   1119 C CB  . LYS A 1 140 ? 9.084   5.768   9.719   1.00 11.31 ? 140 LYS A CB  1 
ATOM   1120 C CG  . LYS A 1 140 ? 10.376  6.108   10.449  1.00 15.16 ? 140 LYS A CG  1 
ATOM   1121 C CD  . LYS A 1 140 ? 10.635  4.964   11.453  1.00 17.36 ? 140 LYS A CD  1 
ATOM   1122 C CE  . LYS A 1 140 ? 11.850  5.116   12.368  1.00 20.08 ? 140 LYS A CE  1 
ATOM   1123 N NZ  . LYS A 1 140 ? 12.148  3.812   13.008  1.00 22.86 ? 140 LYS A NZ  1 
ATOM   1124 N N   . ASP A 1 141 ? 10.346  5.406   6.987   1.00 9.30  ? 141 ASP A N   1 
ATOM   1125 C CA  . ASP A 1 141 ? 11.547  5.343   6.189   1.00 9.01  ? 141 ASP A CA  1 
ATOM   1126 C C   . ASP A 1 141 ? 11.378  6.091   4.863   1.00 9.81  ? 141 ASP A C   1 
ATOM   1127 O O   . ASP A 1 141 ? 12.209  6.886   4.425   1.00 10.52 ? 141 ASP A O   1 
ATOM   1128 C CB  . ASP A 1 141 ? 11.899  3.906   6.015   1.00 9.10  ? 141 ASP A CB  1 
ATOM   1129 C CG  . ASP A 1 141 ? 12.435  3.289   7.274   1.00 9.72  ? 141 ASP A CG  1 
ATOM   1130 O OD1 . ASP A 1 141 ? 12.680  3.934   8.288   1.00 10.79 ? 141 ASP A OD1 1 
ATOM   1131 O OD2 . ASP A 1 141 ? 12.611  2.093   7.275   1.00 11.81 ? 141 ASP A OD2 1 
ATOM   1132 N N   . ILE A 1 142 ? 10.262  5.987   4.181   1.00 8.67  ? 142 ILE A N   1 
ATOM   1133 C CA  . ILE A 1 142 ? 10.003  6.808   3.030   1.00 8.92  ? 142 ILE A CA  1 
ATOM   1134 C C   . ILE A 1 142 ? 10.084  8.290   3.377   1.00 8.91  ? 142 ILE A C   1 
ATOM   1135 O O   . ILE A 1 142 ? 10.645  9.018   2.564   1.00 8.17  ? 142 ILE A O   1 
ATOM   1136 C CB  . ILE A 1 142 ? 8.542   6.498   2.472   1.00 10.18 ? 142 ILE A CB  1 
ATOM   1137 C CG1 . ILE A 1 142 ? 8.615   5.198   1.640   1.00 11.62 ? 142 ILE A CG1 1 
ATOM   1138 C CG2 . ILE A 1 142 ? 8.002   7.646   1.538   1.00 12.33 ? 142 ILE A CG2 1 
ATOM   1139 C CD1 . ILE A 1 142 ? 9.323   5.374   0.263   1.00 11.61 ? 142 ILE A CD1 1 
ATOM   1140 N N   . ALA A 1 143 ? 9.482   8.699   4.502   1.00 9.25  ? 143 ALA A N   1 
ATOM   1141 C CA  . ALA A 1 143 ? 9.386   10.095  4.827   1.00 9.35  ? 143 ALA A CA  1 
ATOM   1142 C C   . ALA A 1 143 ? 10.818  10.651  4.961   1.00 10.40 ? 143 ALA A C   1 
ATOM   1143 O O   . ALA A 1 143 ? 11.142  11.734  4.436   1.00 11.12 ? 143 ALA A O   1 
ATOM   1144 C CB  . ALA A 1 143 ? 8.618   10.198  6.118   1.00 9.40  ? 143 ALA A CB  1 
ATOM   1145 N N   . ALA A 1 144 ? 11.692  9.923   5.631   1.00 10.44 ? 144 ALA A N   1 
ATOM   1146 C CA  . ALA A 1 144 ? 13.054  10.369  5.776   1.00 10.31 ? 144 ALA A CA  1 
ATOM   1147 C C   . ALA A 1 144 ? 13.756  10.387  4.436   1.00 11.11 ? 144 ALA A C   1 
ATOM   1148 O O   . ALA A 1 144 ? 14.495  11.335  4.092   1.00 10.46 ? 144 ALA A O   1 
ATOM   1149 C CB  . ALA A 1 144 ? 13.729  9.433   6.743   1.00 11.70 ? 144 ALA A CB  1 
ATOM   1150 N N   . LYS A 1 145 ? 13.524  9.447   3.516   1.00 9.94  ? 145 LYS A N   1 
ATOM   1151 C CA  . LYS A 1 145 ? 14.175  9.552   2.192   1.00 10.72 ? 145 LYS A CA  1 
ATOM   1152 C C   . LYS A 1 145 ? 13.607  10.712  1.372   1.00 10.65 ? 145 LYS A C   1 
ATOM   1153 O O   . LYS A 1 145 ? 14.362  11.329  0.612   1.00 11.75 ? 145 LYS A O   1 
ATOM   1154 C CB  . LYS A 1 145 ? 14.016  8.315   1.292   1.00 10.53 ? 145 LYS A CB  1 
ATOM   1155 C CG  . LYS A 1 145 ? 14.629  7.071   1.830   1.00 13.83 ? 145 LYS A CG  1 
ATOM   1156 C CD  . LYS A 1 145 ? 14.797  6.017   0.718   1.00 16.86 ? 145 LYS A CD  1 
ATOM   1157 C CE  . LYS A 1 145 ? 15.952  4.933   0.869   1.00 18.34 ? 145 LYS A CE  1 
ATOM   1158 N NZ  . LYS A 1 145 ? 15.443  3.628   1.279   1.00 19.92 ? 145 LYS A NZ  1 
ATOM   1159 N N   . TYR A 1 146 ? 12.314  11.027  1.464   1.00 9.57  ? 146 TYR A N   1 
ATOM   1160 C CA  . TYR A 1 146 ? 11.729  12.142  0.774   1.00 9.44  ? 146 TYR A CA  1 
ATOM   1161 C C   . TYR A 1 146 ? 12.543  13.364  1.233   1.00 10.53 ? 146 TYR A C   1 
ATOM   1162 O O   . TYR A 1 146 ? 12.966  14.101  0.380   1.00 10.23 ? 146 TYR A O   1 
ATOM   1163 C CB  . TYR A 1 146 ? 10.344  12.351  1.214   1.00 9.36  ? 146 TYR A CB  1 
ATOM   1164 C CG  . TYR A 1 146 ? 9.285   11.522  0.485   1.00 8.88  ? 146 TYR A CG  1 
ATOM   1165 C CD1 . TYR A 1 146 ? 9.535   10.672  -0.598  1.00 9.03  ? 146 TYR A CD1 1 
ATOM   1166 C CD2 . TYR A 1 146 ? 7.990   11.747  0.906   1.00 9.46  ? 146 TYR A CD2 1 
ATOM   1167 C CE1 . TYR A 1 146 ? 8.426   10.081  -1.249  1.00 8.68  ? 146 TYR A CE1 1 
ATOM   1168 C CE2 . TYR A 1 146 ? 6.901   11.166  0.266   1.00 8.96  ? 146 TYR A CE2 1 
ATOM   1169 C CZ  . TYR A 1 146 ? 7.108   10.344  -0.823  1.00 9.94  ? 146 TYR A CZ  1 
ATOM   1170 O OH  . TYR A 1 146 ? 5.977   9.807   -1.455  1.00 9.02  ? 146 TYR A OH  1 
ATOM   1171 N N   . LYS A 1 147 ? 12.779  13.593  2.521   1.00 10.76 ? 147 LYS A N   1 
ATOM   1172 C CA  . LYS A 1 147 ? 13.537  14.777  2.997   1.00 12.11 ? 147 LYS A CA  1 
ATOM   1173 C C   . LYS A 1 147 ? 14.923  14.859  2.398   1.00 12.67 ? 147 LYS A C   1 
ATOM   1174 O O   . LYS A 1 147 ? 15.348  15.942  1.932   1.00 12.25 ? 147 LYS A O   1 
ATOM   1175 C CB  . LYS A 1 147 ? 13.726  14.719  4.453   1.00 13.17 ? 147 LYS A CB  1 
ATOM   1176 C CG  . LYS A 1 147 ? 12.457  15.166  5.117   1.00 16.06 ? 147 LYS A CG  1 
ATOM   1177 C CD  . LYS A 1 147 ? 12.713  14.921  6.537   1.00 19.29 ? 147 LYS A CD  1 
ATOM   1178 C CE  . LYS A 1 147 ? 11.825  15.808  7.444   1.00 21.70 ? 147 LYS A CE  1 
ATOM   1179 N NZ  . LYS A 1 147 ? 12.233  17.251  7.519   1.00 22.58 ? 147 LYS A NZ  1 
ATOM   1180 N N   . GLU A 1 148 ? 15.646  13.723  2.381   1.00 12.27 ? 148 GLU A N   1 
ATOM   1181 C CA  . GLU A 1 148 ? 16.965  13.705  1.721   1.00 12.04 ? 148 GLU A CA  1 
ATOM   1182 C C   . GLU A 1 148 ? 16.975  14.181  0.343   1.00 11.57 ? 148 GLU A C   1 
ATOM   1183 O O   . GLU A 1 148 ? 17.999  14.724  -0.067  1.00 11.31 ? 148 GLU A O   1 
ATOM   1184 C CB  . GLU A 1 148 ? 17.679  12.373  1.498   1.00 12.98 ? 148 GLU A CB  1 
ATOM   1185 C CG  . GLU A 1 148 ? 17.927  11.773  2.839   1.00 16.91 ? 148 GLU A CG  1 
ATOM   1186 C CD  . GLU A 1 148 ? 18.724  10.470  2.681   1.00 18.86 ? 148 GLU A CD  1 
ATOM   1187 O OE1 . GLU A 1 148 ? 18.737  9.868   1.579   1.00 20.93 ? 148 GLU A OE1 1 
ATOM   1188 O OE2 . GLU A 1 148 ? 19.351  10.085  3.710   1.00 21.30 ? 148 GLU A OE2 1 
ATOM   1189 N N   . LEU A 1 149 ? 15.842  14.002  -0.366  1.00 10.14 ? 149 LEU A N   1 
ATOM   1190 C CA  . LEU A 1 149 ? 15.653  14.332  -1.766  1.00 10.91 ? 149 LEU A CA  1 
ATOM   1191 C C   . LEU A 1 149 ? 15.101  15.699  -1.926  1.00 10.30 ? 149 LEU A C   1 
ATOM   1192 O O   . LEU A 1 149 ? 14.846  16.097  -3.049  1.00 10.71 ? 149 LEU A O   1 
ATOM   1193 C CB  . LEU A 1 149 ? 14.689  13.307  -2.474  1.00 11.65 ? 149 LEU A CB  1 
ATOM   1194 C CG  . LEU A 1 149 ? 15.135  11.824  -2.395  1.00 13.39 ? 149 LEU A CG  1 
ATOM   1195 C CD1 . LEU A 1 149 ? 14.034  10.873  -2.923  1.00 14.14 ? 149 LEU A CD1 1 
ATOM   1196 C CD2 . LEU A 1 149 ? 16.426  11.672  -3.181  1.00 13.85 ? 149 LEU A CD2 1 
ATOM   1197 N N   . GLY A 1 150 ? 14.918  16.396  -0.803  1.00 11.12 ? 150 GLY A N   1 
ATOM   1198 C CA  . GLY A 1 150 ? 14.391  17.737  -0.766  1.00 11.15 ? 150 GLY A CA  1 
ATOM   1199 C C   . GLY A 1 150 ? 12.892  17.809  -0.954  1.00 12.49 ? 150 GLY A C   1 
ATOM   1200 O O   . GLY A 1 150 ? 12.435  18.861  -1.377  1.00 13.44 ? 150 GLY A O   1 
ATOM   1201 N N   . TYR A 1 151 ? 12.097  16.765  -0.691  1.00 12.57 ? 151 TYR A N   1 
ATOM   1202 C CA  . TYR A 1 151 ? 10.629  16.807  -0.806  1.00 13.01 ? 151 TYR A CA  1 
ATOM   1203 C C   . TYR A 1 151 ? 10.067  16.738  0.619   1.00 12.76 ? 151 TYR A C   1 
ATOM   1204 O O   . TYR A 1 151 ? 10.482  15.826  1.354   1.00 13.41 ? 151 TYR A O   1 
ATOM   1205 C CB  . TYR A 1 151 ? 10.257  15.593  -1.693  1.00 12.50 ? 151 TYR A CB  1 
ATOM   1206 C CG  . TYR A 1 151 ? 8.738   15.515  -1.887  1.00 13.78 ? 151 TYR A CG  1 
ATOM   1207 C CD1 . TYR A 1 151 ? 8.043   16.546  -2.538  1.00 14.15 ? 151 TYR A CD1 1 
ATOM   1208 C CD2 . TYR A 1 151 ? 8.046   14.430  -1.326  1.00 14.18 ? 151 TYR A CD2 1 
ATOM   1209 C CE1 . TYR A 1 151 ? 6.653   16.423  -2.722  1.00 14.89 ? 151 TYR A CE1 1 
ATOM   1210 C CE2 . TYR A 1 151 ? 6.653   14.298  -1.497  1.00 13.86 ? 151 TYR A CE2 1 
ATOM   1211 C CZ  . TYR A 1 151 ? 5.974   15.323  -2.155  1.00 14.01 ? 151 TYR A CZ  1 
ATOM   1212 O OH  . TYR A 1 151 ? 4.597   15.191  -2.353  1.00 13.87 ? 151 TYR A OH  1 
ATOM   1213 N N   . GLN A 1 152 ? 9.324   17.519  0.884   1.00 16.65 ? 152 GLN A N   1 
ATOM   1214 C CA  . GLN A 1 152 ? 8.940   17.374  2.261   1.00 19.33 ? 152 GLN A CA  1 
ATOM   1215 C C   . GLN A 1 152 ? 7.884   16.233  2.297   1.00 20.38 ? 152 GLN A C   1 
ATOM   1216 O O   . GLN A 1 152 ? 8.211   15.200  2.890   1.00 21.13 ? 152 GLN A O   1 
ATOM   1217 C CB  . GLN A 1 152 ? 8.644   18.839  2.653   1.00 20.23 ? 152 GLN A CB  1 
ATOM   1218 C CG  . GLN A 1 152 ? 10.158  19.564  2.705   1.00 20.36 ? 152 GLN A CG  1 
ATOM   1219 C CD  . GLN A 1 152 ? 11.128  19.041  3.781   1.00 20.53 ? 152 GLN A CD  1 
ATOM   1220 O OE1 . GLN A 1 152 ? 10.654  18.713  4.900   1.00 22.12 ? 152 GLN A OE1 1 
ATOM   1221 N NE2 . GLN A 1 152 ? 12.468  18.859  3.577   1.00 20.71 ? 152 GLN A NE2 1 
ATOM   1222 N N   . GLY A 1 153 ? 6.796   16.134  1.534   1.00 21.51 ? 153 GLY A N   1 
ATOM   1223 C CA  . GLY A 1 153 ? 6.060   14.861  1.724   1.00 22.19 ? 153 GLY A CA  1 
ATOM   1224 C C   . GLY A 1 153 ? 4.912   15.133  2.626   1.00 23.25 ? 153 GLY A C   1 
ATOM   1225 O O   . GLY A 1 153 ? 4.658   16.364  2.779   1.00 24.88 ? 153 GLY A O   1 
ATOM   1226 O OXT . GLY A 1 153 ? 4.258   14.144  3.077   1.00 22.69 ? 153 GLY A OXT 1 
HETATM 1227 C CHA . BLA B 2 .   ? 3.709   4.172   -9.455  1.00 6.79  ? 154 BLA A CHA 1 
HETATM 1228 N NA  . BLA B 2 .   ? 3.937   2.965   -7.349  1.00 5.64  ? 154 BLA A NA  1 
HETATM 1229 C C1A . BLA B 2 .   ? 4.255   3.138   -8.679  1.00 5.30  ? 154 BLA A C1A 1 
HETATM 1230 C C2A . BLA B 2 .   ? 5.300   2.181   -9.092  1.00 5.91  ? 154 BLA A C2A 1 
HETATM 1231 C C3A . BLA B 2 .   ? 5.568   1.459   -7.975  1.00 5.36  ? 154 BLA A C3A 1 
HETATM 1232 C C4A . BLA B 2 .   ? 4.706   1.936   -6.900  1.00 5.68  ? 154 BLA A C4A 1 
HETATM 1233 C CMA . BLA B 2 .   ? 6.519   0.288   -7.844  1.00 6.93  ? 154 BLA A CMA 1 
HETATM 1234 C CAA . BLA B 2 .   ? 5.888   1.983   -10.490 1.00 5.37  ? 154 BLA A CAA 1 
HETATM 1235 C CBA . BLA B 2 .   ? 7.316   2.608   -10.651 1.00 6.96  ? 154 BLA A CBA 1 
HETATM 1236 C CGA . BLA B 2 .   ? 7.468   4.057   -10.176 1.00 7.72  ? 154 BLA A CGA 1 
HETATM 1237 O O1A . BLA B 2 .   ? 6.954   5.057   -10.730 1.00 9.45  ? 154 BLA A O1A 1 
HETATM 1238 O O2A . BLA B 2 .   ? 7.996   4.211   -8.907  1.00 8.33  ? 154 BLA A O2A 1 
HETATM 1239 C CHB . BLA B 2 .   ? 4.631   1.421   -5.595  1.00 5.64  ? 154 BLA A CHB 1 
HETATM 1240 N NB  . BLA B 2 .   ? 2.623   2.531   -4.859  1.00 6.31  ? 154 BLA A NB  1 
HETATM 1241 C C1B . BLA B 2 .   ? 3.703   1.732   -4.595  1.00 5.50  ? 154 BLA A C1B 1 
HETATM 1242 C C2B . BLA B 2 .   ? 3.680   1.236   -3.183  1.00 6.54  ? 154 BLA A C2B 1 
HETATM 1243 C C3B . BLA B 2 .   ? 2.509   1.749   -2.627  1.00 7.09  ? 154 BLA A C3B 1 
HETATM 1244 C C4B . BLA B 2 .   ? 1.893   2.514   -3.697  1.00 7.68  ? 154 BLA A C4B 1 
HETATM 1245 C CMB . BLA B 2 .   ? 4.732   0.358   -2.509  1.00 6.88  ? 154 BLA A CMB 1 
HETATM 1246 O OB  . BLA B 2 .   ? 0.812   3.089   -3.608  1.00 9.18  ? 154 BLA A OB  1 
HETATM 1247 C CAB . BLA B 2 .   ? 1.900   1.648   -1.378  1.00 7.53  ? 154 BLA A CAB 1 
HETATM 1248 C CBB . BLA B 2 .   ? 2.474   1.135   -0.218  1.00 11.10 ? 154 BLA A CBB 1 
HETATM 1249 N NC  . BLA B 2 .   ? 1.833   5.868   -4.791  1.00 7.74  ? 154 BLA A NC  1 
HETATM 1250 C C1C . BLA B 2 .   ? 1.597   5.848   -3.421  1.00 8.83  ? 154 BLA A C1C 1 
HETATM 1251 C C2C . BLA B 2 .   ? 0.361   6.485   -3.071  1.00 9.05  ? 154 BLA A C2C 1 
HETATM 1252 C C3C . BLA B 2 .   ? -0.133  7.021   -4.208  1.00 8.32  ? 154 BLA A C3C 1 
HETATM 1253 C C4C . BLA B 2 .   ? 0.843   6.648   -5.320  1.00 8.23  ? 154 BLA A C4C 1 
HETATM 1254 C CMC . BLA B 2 .   ? -0.293  6.330   -1.687  1.00 8.78  ? 154 BLA A CMC 1 
HETATM 1255 O OC  . BLA B 2 .   ? 2.370   5.386   -2.575  1.00 9.52  ? 154 BLA A OC  1 
HETATM 1256 C CAC . BLA B 2 .   ? -1.411  7.605   -4.212  1.00 11.16 ? 154 BLA A CAC 1 
HETATM 1257 C CBC . BLA B 2 .   ? -1.968  8.596   -5.099  1.00 13.35 ? 154 BLA A CBC 1 
HETATM 1258 C CHD . BLA B 2 .   ? 0.817   6.975   -6.681  1.00 7.43  ? 154 BLA A CHD 1 
HETATM 1259 N ND  . BLA B 2 .   ? 2.465   5.453   -7.713  1.00 7.31  ? 154 BLA A ND  1 
HETATM 1260 C C1D . BLA B 2 .   ? 1.581   6.511   -7.750  1.00 6.85  ? 154 BLA A C1D 1 
HETATM 1261 C C2D . BLA B 2 .   ? 1.493   7.027   -9.106  1.00 6.71  ? 154 BLA A C2D 1 
HETATM 1262 C C3D . BLA B 2 .   ? 2.289   6.246   -9.878  1.00 7.74  ? 154 BLA A C3D 1 
HETATM 1263 C C4D . BLA B 2 .   ? 2.888   5.255   -9.015  1.00 6.72  ? 154 BLA A C4D 1 
HETATM 1264 C CMD . BLA B 2 .   ? 0.702   8.251   -9.582  1.00 7.77  ? 154 BLA A CMD 1 
HETATM 1265 C CAD . BLA B 2 .   ? 2.407   6.298   -11.380 1.00 9.76  ? 154 BLA A CAD 1 
HETATM 1266 C CBD . BLA B 2 .   ? 1.149   5.612   -11.976 1.00 12.46 ? 154 BLA A CBD 1 
HETATM 1267 C CGD . BLA B 2 .   ? 1.247   5.583   -13.491 1.00 14.33 ? 154 BLA A CGD 1 
HETATM 1268 O O1D . BLA B 2 .   ? 1.803   6.492   -14.119 1.00 15.48 ? 154 BLA A O1D 1 
HETATM 1269 O O2D . BLA B 2 .   ? 0.807   4.524   -14.240 1.00 15.94 ? 154 BLA A O2D 1 
HETATM 1270 O O   . HOH C 3 .   ? -0.903  3.952   -5.456  1.00 9.65  ? 155 HOH A O   1 
HETATM 1271 O O   . HOH C 3 .   ? 4.936   4.291   -2.439  1.00 21.47 ? 156 HOH A O   1 
HETATM 1272 O O   . HOH C 3 .   ? 3.688   -14.888 14.994  1.00 11.48 ? 157 HOH A O   1 
HETATM 1273 O O   . HOH C 3 .   ? 4.469   -16.392 8.216   1.00 18.75 ? 158 HOH A O   1 
HETATM 1274 O O   . HOH C 3 .   ? -1.645  -13.314 10.085  1.00 8.56  ? 159 HOH A O   1 
HETATM 1275 O O   . HOH C 3 .   ? 4.246   -13.737 2.316   1.00 11.89 ? 160 HOH A O   1 
HETATM 1276 O O   . HOH C 3 .   ? -8.378  -15.704 4.686   1.00 18.62 ? 161 HOH A O   1 
HETATM 1277 O O   . HOH C 3 .   ? 1.147   -13.806 -6.325  1.00 10.19 ? 162 HOH A O   1 
HETATM 1278 O O   . HOH C 3 .   ? -2.281  -13.575 -7.575  1.00 9.09  ? 163 HOH A O   1 
HETATM 1279 O O   . HOH C 3 .   ? 2.629   -16.061 -5.621  1.00 19.86 ? 164 HOH A O   1 
HETATM 1280 O O   . HOH C 3 .   ? -5.265  -15.092 -9.027  1.00 9.39  ? 165 HOH A O   1 
HETATM 1281 O O   . HOH C 3 .   ? -5.722  -18.019 -6.661  1.00 17.22 ? 166 HOH A O   1 
HETATM 1282 O O   . HOH C 3 .   ? -4.406  -11.632 -9.590  1.00 7.63  ? 167 HOH A O   1 
HETATM 1283 O O   . HOH C 3 .   ? -0.636  -14.227 -9.828  1.00 9.80  ? 168 HOH A O   1 
HETATM 1284 O O   . HOH C 3 .   ? 1.872   -12.109 -8.457  1.00 9.63  ? 169 HOH A O   1 
HETATM 1285 O O   . HOH C 3 .   ? -10.234 12.618  -9.953  1.00 16.82 ? 170 HOH A O   1 
HETATM 1286 O O   . HOH C 3 .   ? -2.902  6.721   -14.387 1.00 21.28 ? 171 HOH A O   1 
HETATM 1287 O O   . HOH C 3 .   ? -10.030 -0.603  -19.138 1.00 22.74 ? 172 HOH A O   1 
HETATM 1288 O O   . HOH C 3 .   ? -9.124  3.256   -16.975 1.00 15.36 ? 173 HOH A O   1 
HETATM 1289 O O   . HOH C 3 .   ? -13.784 10.618  -10.826 1.00 15.71 ? 174 HOH A O   1 
HETATM 1290 O O   . HOH C 3 .   ? 5.592   -3.289  -9.030  1.00 9.49  ? 175 HOH A O   1 
HETATM 1291 O O   . HOH C 3 .   ? 8.156   -3.847  -8.420  1.00 11.06 ? 176 HOH A O   1 
HETATM 1292 O O   . HOH C 3 .   ? 10.308  0.238   -7.305  1.00 7.68  ? 177 HOH A O   1 
HETATM 1293 O O   . HOH C 3 .   ? 13.926  -0.178  8.573   1.00 15.79 ? 178 HOH A O   1 
HETATM 1294 O O   . HOH C 3 .   ? 8.361   -2.223  6.652   1.00 13.21 ? 179 HOH A O   1 
HETATM 1295 O O   . HOH C 3 .   ? -5.140  -4.492  -8.868  1.00 5.29  ? 180 HOH A O   1 
HETATM 1296 O O   . HOH C 3 .   ? -9.755  -2.593  -12.109 1.00 8.42  ? 181 HOH A O   1 
HETATM 1297 O O   . HOH C 3 .   ? -17.255 -3.862  -13.202 1.00 16.64 ? 182 HOH A O   1 
HETATM 1298 O O   . HOH C 3 .   ? 1.142   1.508   -12.340 1.00 20.01 ? 183 HOH A O   1 
HETATM 1299 O O   . HOH C 3 .   ? 3.425   2.511   -13.116 1.00 20.33 ? 184 HOH A O   1 
HETATM 1300 O O   . HOH C 3 .   ? 5.382   4.675   -12.820 1.00 12.83 ? 185 HOH A O   1 
HETATM 1301 O O   . HOH C 3 .   ? 15.167  6.222   -10.411 1.00 18.53 ? 186 HOH A O   1 
HETATM 1302 O O   . HOH C 3 .   ? 12.717  -2.111  -6.026  1.00 16.80 ? 187 HOH A O   1 
HETATM 1303 O O   . HOH C 3 .   ? 10.490  -0.774  -4.820  1.00 9.85  ? 188 HOH A O   1 
HETATM 1304 O O   . HOH C 3 .   ? 9.655   -3.100  -3.836  1.00 8.23  ? 189 HOH A O   1 
HETATM 1305 O O   . HOH C 3 .   ? 17.219  -3.497  0.881   1.00 19.77 ? 190 HOH A O   1 
HETATM 1306 O O   . HOH C 3 .   ? 17.767  -2.123  4.429   1.00 10.10 ? 191 HOH A O   1 
HETATM 1307 O O   . HOH C 3 .   ? 18.299  8.074   -3.303  1.00 20.78 ? 192 HOH A O   1 
HETATM 1308 O O   . HOH C 3 .   ? 21.328  8.701   -1.667  1.00 30.95 ? 193 HOH A O   1 
HETATM 1309 O O   . HOH C 3 .   ? 22.689  9.891   0.856   1.00 15.99 ? 194 HOH A O   1 
HETATM 1310 O O   . HOH C 3 .   ? 8.644   -0.855  14.606  1.00 28.33 ? 195 HOH A O   1 
HETATM 1311 O O   . HOH C 3 .   ? 6.670   0.494   13.180  1.00 13.52 ? 196 HOH A O   1 
HETATM 1312 O O   . HOH C 3 .   ? 15.331  0.612   14.605  1.00 41.46 ? 197 HOH A O   1 
HETATM 1313 O O   . HOH C 3 .   ? 21.632  -0.045  9.218   1.00 24.75 ? 198 HOH A O   1 
HETATM 1314 O O   . HOH C 3 .   ? 23.474  0.298   10.926  1.00 14.13 ? 199 HOH A O   1 
HETATM 1315 O O   . HOH C 3 .   ? 12.629  -6.279  12.405  1.00 23.47 ? 200 HOH A O   1 
HETATM 1316 O O   . HOH C 3 .   ? 14.199  -8.683  10.121  1.00 14.57 ? 201 HOH A O   1 
HETATM 1317 O O   . HOH C 3 .   ? 11.413  -3.839  12.043  1.00 13.20 ? 202 HOH A O   1 
HETATM 1318 O O   . HOH C 3 .   ? 8.495   2.781   12.620  1.00 15.46 ? 203 HOH A O   1 
HETATM 1319 O O   . HOH C 3 .   ? 5.613   6.236   10.301  1.00 13.74 ? 204 HOH A O   1 
HETATM 1320 O O   . HOH C 3 .   ? 5.664   8.665   8.361   1.00 13.41 ? 205 HOH A O   1 
HETATM 1321 O O   . HOH C 3 .   ? 2.832   6.768   11.153  1.00 16.72 ? 206 HOH A O   1 
HETATM 1322 O O   . HOH C 3 .   ? 2.901   8.202   8.584   1.00 8.77  ? 207 HOH A O   1 
HETATM 1323 O O   . HOH C 3 .   ? -1.181  6.517   12.981  0.50 32.29 ? 208 HOH A O   1 
HETATM 1324 O O   . HOH C 3 .   ? -3.195  2.375   8.904   1.00 24.86 ? 209 HOH A O   1 
HETATM 1325 O O   . HOH C 3 .   ? -0.035  1.566   9.569   1.00 12.39 ? 210 HOH A O   1 
HETATM 1326 O O   . HOH C 3 .   ? 10.674  9.640   9.202   1.00 21.17 ? 211 HOH A O   1 
HETATM 1327 O O   . HOH C 3 .   ? 14.324  18.807  9.124   1.00 16.39 ? 212 HOH A O   1 
HETATM 1328 O O   . HOH C 3 .   ? -4.938  -13.367 13.150  1.00 10.04 ? 213 HOH A O   1 
HETATM 1329 O O   . HOH C 3 .   ? -3.013  -14.835 11.953  1.00 10.70 ? 214 HOH A O   1 
HETATM 1330 O O   . HOH C 3 .   ? -2.469  -16.257 14.221  1.00 12.91 ? 215 HOH A O   1 
HETATM 1331 O O   . HOH C 3 .   ? -12.894 -1.733  -1.784  1.00 9.52  ? 216 HOH A O   1 
HETATM 1332 O O   . HOH C 3 .   ? -14.620 0.210   -1.202  1.00 22.53 ? 217 HOH A O   1 
HETATM 1333 O O   . HOH C 3 .   ? -9.678  2.999   4.492   1.00 21.75 ? 218 HOH A O   1 
HETATM 1334 O O   . HOH C 3 .   ? -8.761  6.109   5.391   1.00 18.66 ? 219 HOH A O   1 
HETATM 1335 O O   . HOH C 3 .   ? -8.189  4.997   2.908   1.00 11.33 ? 220 HOH A O   1 
HETATM 1336 O O   . HOH C 3 .   ? -5.739  2.061   9.823   1.00 26.95 ? 221 HOH A O   1 
HETATM 1337 O O   . HOH C 3 .   ? -2.112  1.472   -14.814 1.00 14.70 ? 222 HOH A O   1 
HETATM 1338 O O   . HOH C 3 .   ? 8.948   13.450  4.381   1.00 19.55 ? 223 HOH A O   1 
HETATM 1339 O O   . HOH C 3 .   ? 2.595   14.893  6.400   1.00 29.80 ? 224 HOH A O   1 
HETATM 1340 O O   . HOH C 3 .   ? 2.014   12.324  8.109   1.00 20.48 ? 225 HOH A O   1 
HETATM 1341 O O   . HOH C 3 .   ? 21.668  12.737  0.290   1.00 14.03 ? 226 HOH A O   1 
HETATM 1342 O O   . HOH C 3 .   ? 12.441  -10.876 17.407  1.00 21.25 ? 227 HOH A O   1 
HETATM 1343 O O   . HOH C 3 .   ? 8.824   -13.244 18.061  1.00 16.48 ? 228 HOH A O   1 
HETATM 1344 O O   . HOH C 3 .   ? 11.069  -14.499 6.608   1.00 22.92 ? 229 HOH A O   1 
HETATM 1345 O O   . HOH C 3 .   ? 15.318  -9.416  5.445   1.00 24.68 ? 230 HOH A O   1 
HETATM 1346 O O   . HOH C 3 .   ? 9.042   -14.326 8.673   1.00 27.01 ? 231 HOH A O   1 
HETATM 1347 O O   . HOH C 3 .   ? 7.273   -16.027 7.616   1.00 18.23 ? 232 HOH A O   1 
HETATM 1348 O O   . HOH C 3 .   ? 0.927   -7.898  17.329  1.00 18.70 ? 233 HOH A O   1 
HETATM 1349 O O   . HOH C 3 .   ? 5.313   -19.066 10.323  1.00 17.59 ? 234 HOH A O   1 
HETATM 1350 O O   . HOH C 3 .   ? 2.488   -13.982 17.144  1.00 26.04 ? 235 HOH A O   1 
HETATM 1351 O O   . HOH C 3 .   ? -0.385  -13.782 17.888  1.00 13.33 ? 236 HOH A O   1 
HETATM 1352 O O   . HOH C 3 .   ? 10.706  -12.851 4.126   1.00 17.65 ? 237 HOH A O   1 
HETATM 1353 O O   . HOH C 3 .   ? 11.728  -13.289 0.545   1.00 26.31 ? 238 HOH A O   1 
HETATM 1354 O O   . HOH C 3 .   ? -1.135  -17.699 4.751   1.00 16.91 ? 239 HOH A O   1 
HETATM 1355 O O   . HOH C 3 .   ? -0.113  -17.341 -1.701  1.00 18.75 ? 240 HOH A O   1 
HETATM 1356 O O   . HOH C 3 .   ? -1.589  -18.523 -3.751  1.00 20.60 ? 241 HOH A O   1 
HETATM 1357 O O   . HOH C 3 .   ? 6.115   -9.031  -4.753  1.00 13.75 ? 242 HOH A O   1 
HETATM 1358 O O   . HOH C 3 .   ? 7.718   -10.936 -3.379  1.00 13.92 ? 243 HOH A O   1 
HETATM 1359 O O   . HOH C 3 .   ? 3.736   -10.347 -4.938  1.00 23.72 ? 244 HOH A O   1 
HETATM 1360 O O   . HOH C 3 .   ? -9.046  -11.288 -9.811  1.00 18.53 ? 245 HOH A O   1 
HETATM 1361 O O   . HOH C 3 .   ? -8.518  -14.497 -12.221 1.00 24.37 ? 246 HOH A O   1 
HETATM 1362 O O   . HOH C 3 .   ? -8.095  -11.561 -12.173 1.00 21.99 ? 247 HOH A O   1 
HETATM 1363 O O   . HOH C 3 .   ? -12.099 -6.718  -7.013  1.00 22.64 ? 248 HOH A O   1 
HETATM 1364 O O   . HOH C 3 .   ? -11.777 -7.767  -12.808 1.00 25.44 ? 249 HOH A O   1 
HETATM 1365 O O   . HOH C 3 .   ? 2.930   10.440  -11.969 1.00 11.90 ? 250 HOH A O   1 
HETATM 1366 O O   . HOH C 3 .   ? 0.675   11.607  -10.718 1.00 22.16 ? 251 HOH A O   1 
HETATM 1367 O O   . HOH C 3 .   ? -19.692 11.081  -17.735 1.00 17.99 ? 252 HOH A O   1 
HETATM 1368 O O   . HOH C 3 .   ? -22.366 7.659   -18.200 1.00 11.32 ? 253 HOH A O   1 
HETATM 1369 O O   . HOH C 3 .   ? -13.852 1.283   -16.802 1.00 16.89 ? 254 HOH A O   1 
HETATM 1370 O O   . HOH C 3 .   ? -14.183 -3.034  -4.125  1.00 19.56 ? 255 HOH A O   1 
HETATM 1371 O O   . HOH C 3 .   ? 4.148   -5.326  -10.940 1.00 21.51 ? 256 HOH A O   1 
HETATM 1372 O O   . HOH C 3 .   ? 10.310  -10.543 -2.921  1.00 13.69 ? 257 HOH A O   1 
HETATM 1373 O O   . HOH C 3 .   ? 11.749  -9.132  -1.053  1.00 9.14  ? 258 HOH A O   1 
HETATM 1374 O O   . HOH C 3 .   ? 13.526  -7.850  -2.668  1.00 25.59 ? 259 HOH A O   1 
HETATM 1375 O O   . HOH C 3 .   ? 13.060  -11.070 0.022   1.00 17.47 ? 260 HOH A O   1 
HETATM 1376 O O   . HOH C 3 .   ? 15.131  1.936   5.374   1.00 23.50 ? 261 HOH A O   1 
HETATM 1377 O O   . HOH C 3 .   ? -7.894  1.009   8.271   1.00 21.48 ? 262 HOH A O   1 
HETATM 1378 O O   . HOH C 3 .   ? -2.156  5.468   8.702   1.00 24.17 ? 263 HOH A O   1 
HETATM 1379 O O   . HOH C 3 .   ? -11.341 -15.315 7.315   1.00 16.14 ? 264 HOH A O   1 
HETATM 1380 O O   . HOH C 3 .   ? -4.521  -4.362  16.316  1.00 31.75 ? 265 HOH A O   1 
HETATM 1381 O O   . HOH C 3 .   ? 0.487   -1.498  15.877  1.00 15.88 ? 266 HOH A O   1 
HETATM 1382 O O   . HOH C 3 .   ? -0.079  16.718  3.058   1.00 22.02 ? 267 HOH A O   1 
HETATM 1383 O O   . HOH C 3 .   ? 1.794   14.646  3.884   1.00 17.14 ? 268 HOH A O   1 
HETATM 1384 O O   . HOH C 3 .   ? 0.278   11.926  11.163  1.00 13.68 ? 269 HOH A O   1 
HETATM 1385 O O   . HOH C 3 .   ? -4.049  14.291  -5.580  1.00 24.10 ? 270 HOH A O   1 
HETATM 1386 O O   . HOH C 3 .   ? -4.803  9.513   8.129   1.00 24.25 ? 271 HOH A O   1 
HETATM 1387 O O   . HOH C 3 .   ? -0.435  3.717   12.073  1.00 22.62 ? 272 HOH A O   1 
HETATM 1388 O O   . HOH C 3 .   ? -13.242 -3.414  0.820   1.00 26.95 ? 273 HOH A O   1 
HETATM 1389 O O   . HOH C 3 .   ? -12.236 -14.811 4.946   1.00 14.66 ? 274 HOH A O   1 
HETATM 1390 O O   . HOH C 3 .   ? -14.938 -9.879  10.542  1.00 29.29 ? 275 HOH A O   1 
HETATM 1391 O O   . HOH C 3 .   ? -8.462  -14.913 -2.690  1.00 21.22 ? 276 HOH A O   1 
HETATM 1392 O O   . HOH C 3 .   ? 2.346   -5.732  16.951  1.00 25.04 ? 277 HOH A O   1 
HETATM 1393 O O   . HOH C 3 .   ? -9.529  -3.767  11.153  1.00 25.70 ? 278 HOH A O   1 
HETATM 1394 O O   . HOH C 3 .   ? 3.121   6.377   14.082  1.00 28.61 ? 279 HOH A O   1 
HETATM 1395 O O   . HOH C 3 .   ? 13.174  -1.698  11.301  1.00 26.45 ? 280 HOH A O   1 
HETATM 1396 O O   . HOH C 3 .   ? 14.730  6.148   5.291   1.00 15.91 ? 281 HOH A O   1 
HETATM 1397 O O   . HOH C 3 .   ? 13.863  3.114   10.562  1.00 24.27 ? 282 HOH A O   1 
HETATM 1398 O O   . HOH C 3 .   ? 10.424  19.104  -3.793  1.00 24.92 ? 283 HOH A O   1 
HETATM 1399 O O   . HOH C 3 .   ? 16.996  18.040  -5.313  1.00 25.78 ? 284 HOH A O   1 
HETATM 1400 O O   . HOH C 3 .   ? 1.965   -19.143 7.413   1.00 30.19 ? 285 HOH A O   1 
HETATM 1401 O O   . HOH C 3 .   ? -14.074 14.428  -14.473 1.00 37.24 ? 286 HOH A O   1 
HETATM 1402 O O   . HOH C 3 .   ? -17.658 2.386   -18.197 1.00 26.00 ? 287 HOH A O   1 
HETATM 1403 O O   . HOH C 3 .   ? -2.774  -6.322  -13.375 1.00 18.02 ? 288 HOH A O   1 
HETATM 1404 O O   . HOH C 3 .   ? 2.179   -8.891  -3.347  1.00 29.00 ? 289 HOH A O   1 
HETATM 1405 O O   . HOH C 3 .   ? 9.437   -5.500  -10.352 1.00 20.57 ? 290 HOH A O   1 
HETATM 1406 O O   . HOH C 3 .   ? 18.964  4.428   -0.048  1.00 26.66 ? 291 HOH A O   1 
HETATM 1407 O O   . HOH C 3 .   ? 19.436  11.110  -5.282  1.00 28.72 ? 292 HOH A O   1 
HETATM 1408 O O   . HOH C 3 .   ? 11.128  9.302   -11.167 1.00 23.65 ? 293 HOH A O   1 
HETATM 1409 O O   . HOH C 3 .   ? -8.841  8.474   -18.147 1.00 25.20 ? 294 HOH A O   1 
HETATM 1410 O O   . HOH C 3 .   ? -10.900 8.089   -16.207 1.00 28.60 ? 295 HOH A O   1 
HETATM 1411 O O   . HOH C 3 .   ? 5.181   14.864  5.885   0.50 30.57 ? 296 HOH A O   1 
HETATM 1412 O O   . HOH C 3 .   ? -3.526  10.820  6.239   1.00 19.81 ? 297 HOH A O   1 
HETATM 1413 O O   . HOH C 3 .   ? -5.510  13.345  6.803   1.00 25.97 ? 298 HOH A O   1 
HETATM 1414 O O   . HOH C 3 .   ? -3.809  12.788  10.919  1.00 27.73 ? 299 HOH A O   1 
HETATM 1415 O O   . HOH C 3 .   ? -2.297  10.902  11.889  1.00 30.11 ? 300 HOH A O   1 
HETATM 1416 O O   . HOH C 3 .   ? -12.679 -6.233  -0.256  0.50 37.58 ? 301 HOH A O   1 
HETATM 1417 O O   . HOH C 3 .   ? -2.482  -14.157 15.933  1.00 27.20 ? 302 HOH A O   1 
HETATM 1418 O O   . HOH C 3 .   ? 14.750  5.674   8.107   1.00 21.85 ? 303 HOH A O   1 
HETATM 1419 O O   . HOH C 3 .   ? 2.569   -16.820 -3.137  1.00 23.01 ? 304 HOH A O   1 
HETATM 1420 O O   . HOH C 3 .   ? 2.773   -19.840 -3.704  1.00 20.82 ? 305 HOH A O   1 
HETATM 1421 O O   . HOH C 3 .   ? 7.337   -13.641 -4.483  1.00 22.34 ? 306 HOH A O   1 
HETATM 1422 O O   . HOH C 3 .   ? -5.889  -20.121 -5.142  1.00 21.02 ? 307 HOH A O   1 
HETATM 1423 O O   . HOH C 3 .   ? -3.657  -19.995 -3.855  1.00 26.91 ? 308 HOH A O   1 
HETATM 1424 O O   . HOH C 3 .   ? -8.818  3.747   -22.048 1.00 25.30 ? 309 HOH A O   1 
HETATM 1425 O O   . HOH C 3 .   ? 9.757   -4.145  5.493   1.00 9.59  ? 310 HOH A O   1 
HETATM 1426 O O   . HOH C 3 .   ? 3.430   12.667  -13.422 1.00 27.60 ? 311 HOH A O   1 
HETATM 1427 O O   . HOH C 3 .   ? 11.765  12.096  8.444   1.00 20.42 ? 312 HOH A O   1 
HETATM 1428 O O   . HOH C 3 .   ? 12.750  14.897  11.016  1.00 26.69 ? 313 HOH A O   1 
HETATM 1429 O O   . HOH C 3 .   ? -17.088 0.622   -2.972  1.00 31.93 ? 314 HOH A O   1 
HETATM 1430 O O   . HOH C 3 .   ? 7.890   -18.847 9.220   1.00 32.21 ? 315 HOH A O   1 
HETATM 1431 O O   . HOH C 3 .   ? 2.338   -9.887  18.574  1.00 28.94 ? 316 HOH A O   1 
HETATM 1432 O O   . HOH C 3 .   ? 14.714  -11.772 -1.996  1.00 29.82 ? 317 HOH A O   1 
HETATM 1433 O O   . HOH C 3 .   ? -10.776 -9.163  -10.050 1.00 22.59 ? 318 HOH A O   1 
HETATM 1434 O O   . HOH C 3 .   ? -14.669 -6.745  -3.972  1.00 24.67 ? 319 HOH A O   1 
HETATM 1435 O O   . HOH C 3 .   ? -1.851  15.962  1.348   1.00 31.74 ? 320 HOH A O   1 
HETATM 1436 O O   . HOH C 3 .   ? 18.648  14.399  -4.063  0.50 32.19 ? 321 HOH A O   1 
HETATM 1437 O O   . HOH C 3 .   ? -18.497 -0.399  -15.766 1.00 30.49 ? 322 HOH A O   1 
HETATM 1438 O O   . HOH C 3 .   ? -17.406 1.551   -20.975 1.00 29.50 ? 323 HOH A O   1 
HETATM 1439 O O   . HOH C 3 .   ? -14.666 2.554   -21.471 1.00 31.56 ? 324 HOH A O   1 
HETATM 1440 O O   . HOH C 3 .   ? -2.097  7.447   15.104  1.00 20.32 ? 325 HOH A O   1 
HETATM 1441 O O   . HOH C 3 .   ? -13.242 -12.163 -6.547  1.00 31.49 ? 326 HOH A O   1 
HETATM 1442 O O   . HOH C 3 .   ? -15.135 -7.057  0.661   1.00 27.34 ? 327 HOH A O   1 
HETATM 1443 O O   . HOH C 3 .   ? -9.781  -5.035  16.481  1.00 31.05 ? 328 HOH A O   1 
HETATM 1444 O O   . HOH C 3 .   ? -3.829  -2.327  14.601  1.00 28.88 ? 329 HOH A O   1 
HETATM 1445 O O   . HOH C 3 .   ? 15.667  4.074   20.845  1.00 41.01 ? 330 HOH A O   1 
HETATM 1446 O O   . HOH C 3 .   ? 15.522  -6.731  12.601  1.00 30.35 ? 331 HOH A O   1 
HETATM 1447 O O   . HOH C 3 .   ? -3.008  -18.269 -0.286  1.00 26.09 ? 332 HOH A O   1 
HETATM 1448 O O   . HOH C 3 .   ? -15.642 -0.238  1.356   1.00 34.22 ? 333 HOH A O   1 
HETATM 1449 O O   . HOH C 3 .   ? -18.991 -3.145  -8.341  1.00 21.60 ? 334 HOH A O   1 
HETATM 1450 O O   . HOH C 3 .   ? -9.076  -5.593  -16.865 1.00 21.63 ? 335 HOH A O   1 
HETATM 1451 O O   . HOH C 3 .   ? 11.530  13.233  -11.892 1.00 26.81 ? 336 HOH A O   1 
HETATM 1452 O O   . HOH C 3 .   ? 9.205   11.621  -16.849 1.00 23.97 ? 337 HOH A O   1 
HETATM 1453 O O   . HOH C 3 .   ? 4.059   -15.623 0.049   1.00 26.26 ? 338 HOH A O   1 
HETATM 1454 O O   . HOH C 3 .   ? -3.424  -25.111 9.424   0.50 33.05 ? 339 HOH A O   1 
HETATM 1455 O O   . HOH C 3 .   ? -11.743 -15.096 -8.966  1.00 31.16 ? 340 HOH A O   1 
HETATM 1456 O O   . HOH C 3 .   ? -15.857 9.654   1.578   1.00 32.54 ? 341 HOH A O   1 
HETATM 1457 O O   . HOH C 3 .   ? -12.186 12.334  2.365   0.50 35.22 ? 342 HOH A O   1 
HETATM 1458 O O   . HOH C 3 .   ? 2.087   8.996   -14.300 1.00 28.48 ? 343 HOH A O   1 
HETATM 1459 O O   . HOH C 3 .   ? -13.406 7.656   -17.925 1.00 34.58 ? 344 HOH A O   1 
HETATM 1460 O O   . HOH C 3 .   ? -20.511 -5.713  -11.921 1.00 28.44 ? 345 HOH A O   1 
HETATM 1461 O O   . HOH C 3 .   ? -11.883 2.952   -18.168 1.00 34.41 ? 346 HOH A O   1 
HETATM 1462 O O   . HOH C 3 .   ? 11.296  -13.089 -2.477  1.00 25.60 ? 347 HOH A O   1 
HETATM 1463 O O   . HOH C 3 .   ? 3.202   17.263  -3.492  1.00 20.63 ? 348 HOH A O   1 
HETATM 1464 O O   . HOH C 3 .   ? -12.665 -4.024  7.398   1.00 30.02 ? 349 HOH A O   1 
HETATM 1465 O O   . HOH C 3 .   ? -13.256 -10.045 12.547  1.00 22.86 ? 350 HOH A O   1 
HETATM 1466 O O   . HOH C 3 .   ? -7.918  1.303   -18.219 1.00 31.25 ? 351 HOH A O   1 
HETATM 1467 O O   . HOH C 3 .   ? -11.481 0.444   -23.656 1.00 26.00 ? 352 HOH A O   1 
HETATM 1468 O O   . HOH C 3 .   ? 0.253   -0.127  -14.221 1.00 21.42 ? 353 HOH A O   1 
HETATM 1469 O O   . HOH C 3 .   ? 8.833   5.523   19.843  1.00 31.60 ? 354 HOH A O   1 
HETATM 1470 O O   . HOH C 3 .   ? 23.085  -0.952  6.496   0.50 37.91 ? 355 HOH A O   1 
HETATM 1471 O O   . HOH C 3 .   ? 6.691   11.621  8.980   1.00 23.91 ? 356 HOH A O   1 
HETATM 1472 O O   . HOH C 3 .   ? -1.538  7.754   10.615  0.50 26.89 ? 357 HOH A O   1 
HETATM 1473 O O   . HOH C 3 .   ? 14.247  -11.311 4.349   0.50 33.04 ? 358 HOH A O   1 
HETATM 1474 O O   . HOH C 3 .   ? 13.444  -13.911 3.770   0.50 33.71 ? 359 HOH A O   1 
HETATM 1475 O O   . HOH C 3 .   ? 6.799   -14.845 2.437   1.00 31.80 ? 360 HOH A O   1 
HETATM 1476 O O   . HOH C 3 .   ? -17.285 -2.604  -2.447  0.50 34.65 ? 361 HOH A O   1 
HETATM 1477 O O   . HOH C 3 .   ? 15.996  15.125  -7.905  0.50 33.46 ? 362 HOH A O   1 
HETATM 1478 O O   . HOH C 3 .   ? -5.566  1.155   -22.211 0.50 35.65 ? 363 HOH A O   1 
HETATM 1479 O O   . HOH C 3 .   ? -11.450 -6.130  -14.738 1.00 25.00 ? 364 HOH A O   1 
HETATM 1480 O O   . HOH C 3 .   ? 12.865  -10.474 12.227  1.00 25.82 ? 365 HOH A O   1 
HETATM 1481 O O   . HOH C 3 .   ? 13.245  -8.845  14.569  1.00 23.16 ? 366 HOH A O   1 
HETATM 1482 O O   . HOH C 3 .   ? 17.046  -9.078  12.381  1.00 32.49 ? 367 HOH A O   1 
HETATM 1483 O O   . HOH C 3 .   ? 6.418   -10.773 19.152  1.00 34.69 ? 368 HOH A O   1 
HETATM 1484 O O   . HOH C 3 .   ? -0.707  -9.010  9.447   1.00 25.63 ? 369 HOH A O   1 
HETATM 1485 O O   . HOH C 3 .   ? 6.283   -13.460 18.919  1.00 34.00 ? 370 HOH A O   1 
HETATM 1486 O O   . HOH C 3 .   ? 3.835   -17.081 5.530   1.00 28.43 ? 371 HOH A O   1 
HETATM 1487 O O   . HOH C 3 .   ? 4.990   -11.959 2.507   1.00 25.96 ? 372 HOH A O   1 
HETATM 1488 O O   . HOH C 3 .   ? -10.451 -11.084 -5.801  1.00 24.73 ? 373 HOH A O   1 
HETATM 1489 O O   . HOH C 3 .   ? -16.058 -3.529  2.358   1.00 27.04 ? 374 HOH A O   1 
HETATM 1490 O O   . HOH C 3 .   ? -16.264 8.770   -2.307  0.50 30.10 ? 375 HOH A O   1 
HETATM 1491 O O   . HOH C 3 .   ? -7.698  9.469   7.584   1.00 31.95 ? 376 HOH A O   1 
HETATM 1492 O O   . HOH C 3 .   ? -9.159  18.382  -5.277  1.00 26.23 ? 377 HOH A O   1 
HETATM 1493 O O   . HOH C 3 .   ? -17.703 9.183   -7.450  1.00 37.32 ? 378 HOH A O   1 
HETATM 1494 O O   . HOH C 3 .   ? -15.376 -6.063  -13.964 0.50 25.65 ? 379 HOH A O   1 
HETATM 1495 O O   . HOH C 3 .   ? 2.315   -2.594  -16.572 1.00 36.14 ? 380 HOH A O   1 
HETATM 1496 O O   . HOH C 3 .   ? 4.559   -8.899  -14.403 1.00 25.43 ? 381 HOH A O   1 
HETATM 1497 O O   . HOH C 3 .   ? 13.583  18.104  -4.344  1.00 28.09 ? 382 HOH A O   1 
HETATM 1498 O O   . HOH C 3 .   ? 12.765  17.602  -7.111  0.50 41.50 ? 383 HOH A O   1 
HETATM 1499 O O   . HOH C 3 .   ? 11.281  20.624  -9.280  1.00 32.96 ? 384 HOH A O   1 
HETATM 1500 O O   . HOH C 3 .   ? 0.753   9.028   11.477  1.00 25.82 ? 385 HOH A O   1 
HETATM 1501 O O   . HOH C 3 .   ? -3.641  14.890  2.992   1.00 32.68 ? 386 HOH A O   1 
HETATM 1502 O O   . HOH C 3 .   ? -5.722  0.194   11.927  1.00 28.89 ? 387 HOH A O   1 
HETATM 1503 O O   . HOH C 3 .   ? -10.456 -10.665 12.822  0.50 29.30 ? 388 HOH A O   1 
HETATM 1504 O O   . HOH C 3 .   ? -8.567  -6.895  11.829  1.00 29.50 ? 389 HOH A O   1 
HETATM 1505 O O   . HOH C 3 .   ? -12.104 -3.868  12.174  1.00 29.15 ? 390 HOH A O   1 
HETATM 1506 O O   . HOH C 3 .   ? -1.229  -5.252  18.488  1.00 37.53 ? 391 HOH A O   1 
HETATM 1507 O O   . HOH C 3 .   ? 13.564  8.022   9.910   1.00 28.18 ? 392 HOH A O   1 
HETATM 1508 O O   . HOH C 3 .   ? 7.388   13.603  6.600   1.00 27.13 ? 393 HOH A O   1 
HETATM 1509 O O   . HOH C 3 .   ? 6.352   17.702  6.091   0.50 33.62 ? 394 HOH A O   1 
HETATM 1510 O O   . HOH C 3 .   ? 17.800  -2.887  15.722  0.50 33.11 ? 395 HOH A O   1 
HETATM 1511 O O   . HOH C 3 .   ? 19.320  0.965   13.737  1.00 29.04 ? 396 HOH A O   1 
HETATM 1512 O O   . HOH C 3 .   ? 16.279  -4.879  17.506  0.50 34.22 ? 397 HOH A O   1 
HETATM 1513 O O   . HOH C 3 .   ? 15.583  -10.074 8.361   0.50 27.90 ? 398 HOH A O   1 
HETATM 1514 O O   . HOH C 3 .   ? 3.693   -11.811 17.514  1.00 27.78 ? 399 HOH A O   1 
HETATM 1515 O O   . HOH C 3 .   ? 1.699   -11.594 20.874  1.00 34.14 ? 400 HOH A O   1 
HETATM 1516 O O   . HOH C 3 .   ? -5.381  -19.912 7.051   1.00 29.38 ? 401 HOH A O   1 
HETATM 1517 O O   . HOH C 3 .   ? -1.189  -20.473 5.365   1.00 26.09 ? 402 HOH A O   1 
HETATM 1518 O O   . HOH C 3 .   ? -9.386  17.994  -2.809  1.00 28.79 ? 403 HOH A O   1 
HETATM 1519 O O   . HOH C 3 .   ? -2.176  4.286   -14.362 1.00 26.37 ? 404 HOH A O   1 
HETATM 1520 O O   . HOH C 3 .   ? 8.141   -9.513  -6.521  0.50 34.13 ? 405 HOH A O   1 
HETATM 1521 O O   . HOH C 3 .   ? 3.895   -10.476 -3.079  1.00 33.66 ? 406 HOH A O   1 
HETATM 1522 O O   . HOH C 3 .   ? 16.775  -0.908  7.530   0.50 29.80 ? 407 HOH A O   1 
HETATM 1523 O O   . HOH C 3 .   ? 15.217  3.818   3.834   1.00 26.31 ? 408 HOH A O   1 
HETATM 1524 O O   . HOH C 3 .   ? 4.115   8.940   -16.954 1.00 27.09 ? 409 HOH A O   1 
HETATM 1525 O O   . HOH C 3 .   ? 4.463   19.000  -4.836  1.00 26.11 ? 410 HOH A O   1 
HETATM 1526 O O   . HOH C 3 .   ? 0.596   16.638  -4.681  1.00 26.88 ? 411 HOH A O   1 
HETATM 1527 O O   . HOH C 3 .   ? -7.173  -5.609  15.020  0.50 34.95 ? 412 HOH A O   1 
HETATM 1528 O O   . HOH C 3 .   ? -3.551  -7.263  19.516  1.00 26.85 ? 413 HOH A O   1 
# 
